data_4BSO
# 
_entry.id   4BSO 
# 
_audit_conform.dict_name       mmcif_pdbx.dic 
_audit_conform.dict_version    5.398 
_audit_conform.dict_location   http://mmcif.pdb.org/dictionaries/ascii/mmcif_pdbx.dic 
# 
loop_
_database_2.database_id 
_database_2.database_code 
_database_2.pdbx_database_accession 
_database_2.pdbx_DOI 
PDB   4BSO         pdb_00004bso 10.2210/pdb4bso/pdb 
PDBE  EBI-57252    ?            ?                   
WWPDB D_1290057252 ?            ?                   
# 
loop_
_pdbx_audit_revision_history.ordinal 
_pdbx_audit_revision_history.data_content_type 
_pdbx_audit_revision_history.major_revision 
_pdbx_audit_revision_history.minor_revision 
_pdbx_audit_revision_history.revision_date 
1 'Structure model' 1 0 2013-06-19 
2 'Structure model' 1 1 2013-07-24 
3 'Structure model' 1 2 2024-11-13 
# 
_pdbx_audit_revision_details.ordinal             1 
_pdbx_audit_revision_details.revision_ordinal    1 
_pdbx_audit_revision_details.data_content_type   'Structure model' 
_pdbx_audit_revision_details.provider            repository 
_pdbx_audit_revision_details.type                'Initial release' 
_pdbx_audit_revision_details.description         ? 
_pdbx_audit_revision_details.details             ? 
# 
loop_
_pdbx_audit_revision_group.ordinal 
_pdbx_audit_revision_group.revision_ordinal 
_pdbx_audit_revision_group.data_content_type 
_pdbx_audit_revision_group.group 
1 2 'Structure model' 'Database references'  
2 3 'Structure model' 'Data collection'      
3 3 'Structure model' 'Database references'  
4 3 'Structure model' 'Derived calculations' 
5 3 'Structure model' Other                  
6 3 'Structure model' 'Structure summary'    
# 
loop_
_pdbx_audit_revision_category.ordinal 
_pdbx_audit_revision_category.revision_ordinal 
_pdbx_audit_revision_category.data_content_type 
_pdbx_audit_revision_category.category 
1 3 'Structure model' chem_comp_atom            
2 3 'Structure model' chem_comp_bond            
3 3 'Structure model' database_2                
4 3 'Structure model' pdbx_database_status      
5 3 'Structure model' pdbx_entry_details        
6 3 'Structure model' pdbx_modification_feature 
7 3 'Structure model' struct_site               
# 
loop_
_pdbx_audit_revision_item.ordinal 
_pdbx_audit_revision_item.revision_ordinal 
_pdbx_audit_revision_item.data_content_type 
_pdbx_audit_revision_item.item 
1 3 'Structure model' '_database_2.pdbx_DOI'                         
2 3 'Structure model' '_database_2.pdbx_database_accession'          
3 3 'Structure model' '_pdbx_database_status.status_code_sf'         
4 3 'Structure model' '_pdbx_entry_details.has_protein_modification' 
5 3 'Structure model' '_struct_site.pdbx_auth_asym_id'               
6 3 'Structure model' '_struct_site.pdbx_auth_comp_id'               
7 3 'Structure model' '_struct_site.pdbx_auth_seq_id'                
# 
_pdbx_database_status.status_code                     REL 
_pdbx_database_status.entry_id                        4BSO 
_pdbx_database_status.deposit_site                    PDBE 
_pdbx_database_status.process_site                    PDBE 
_pdbx_database_status.SG_entry                        . 
_pdbx_database_status.recvd_initial_deposition_date   2013-06-11 
_pdbx_database_status.pdb_format_compatible           Y 
_pdbx_database_status.status_code_sf                  REL 
_pdbx_database_status.status_code_mr                  ? 
_pdbx_database_status.status_code_cs                  ? 
_pdbx_database_status.methods_development_category    ? 
_pdbx_database_status.status_code_nmr_data            ? 
# 
loop_
_pdbx_database_related.db_name 
_pdbx_database_related.db_id 
_pdbx_database_related.content_type 
_pdbx_database_related.details 
PDB 4BSP unspecified 'CRYSTAL STRUCTURE OF R-SPONDIN 1 (FU1FU2) - HOLMIUM SOAK'                                        
PDB 4BSR unspecified 'STRUCTURE OF THE ECTODOMAIN OF LGR5 IN COMPLEX WITH R-SPONDIN-1 (FU1FU2) IN P22121 CRYSTAL FORM' 
PDB 4BSS unspecified 'STRUCTURE OF THE ECTODOMAIN OF LGR5 IN COMPLEX WITH R-SPONDIN-1 (FU1FU2) IN P21 CRYSTAL FORM'    
PDB 4BST unspecified 'STRUCTURE OF THE ECTODOMAIN OF LGR5 IN COMPLEX WITH R-SPONDIN-1 (FU1FU2) IN P6122 CRYSTAL FORM'  
PDB 4BSU unspecified 'STRUCTURE OF THE ECTODOMAIN OF LGR5 IN COMPLEX WITH R-SPONDIN-1 (FU1FU2) IN C2 CRYSTAL FORM'     
# 
loop_
_audit_author.name 
_audit_author.pdbx_ordinal 
'Peng, W.C.'        1 
'de Lau, W.'        2 
'Forneris, F.'      3 
'Granneman, J.C.M.' 4 
'Huch, M.'          5 
'Clevers, H.'       6 
'Gros, P.'          7 
# 
_citation.id                        primary 
_citation.title                     
'Structure of Stem Cell Growth Factor R-Spondin 1 in Complex with the Ectodomain of its Receptor Lgr5.' 
_citation.journal_abbrev            'Cell Rep.' 
_citation.journal_volume            3 
_citation.page_first                1885 
_citation.page_last                 ? 
_citation.year                      2013 
_citation.journal_id_ASTM           ? 
_citation.country                   US 
_citation.journal_id_ISSN           2211-1247 
_citation.journal_id_CSD            ? 
_citation.book_publisher            ? 
_citation.pdbx_database_id_PubMed   23809763 
_citation.pdbx_database_id_DOI      10.1016/J.CELREP.2013.06.009 
# 
loop_
_citation_author.citation_id 
_citation_author.name 
_citation_author.ordinal 
_citation_author.identifier_ORCID 
primary 'Peng, W.C.'        1 ? 
primary 'De Lau, W.'        2 ? 
primary 'Forneris, F.'      3 ? 
primary 'Granneman, J.C.M.' 4 ? 
primary 'Huch, M.'          5 ? 
primary 'Clevers, H.'       6 ? 
primary 'Gros, P.'          7 ? 
# 
loop_
_entity.id 
_entity.type 
_entity.src_method 
_entity.pdbx_description 
_entity.formula_weight 
_entity.pdbx_number_of_molecules 
_entity.pdbx_ec 
_entity.pdbx_mutation 
_entity.pdbx_fragment 
_entity.details 
1 polymer     man R-SPONDIN-1    13706.780 1  ? ? 'FU1FU2, RESIDUES 31-146' ? 
2 non-polymer syn 1,2-ETHANEDIOL 62.068    5  ? ? ?                         ? 
3 non-polymer syn 'CHLORIDE ION' 35.453    2  ? ? ?                         ? 
4 water       nat water          18.015    20 ? ? ?                         ? 
# 
_entity_poly.entity_id                      1 
_entity_poly.type                           'polypeptide(L)' 
_entity_poly.nstd_linkage                   no 
_entity_poly.nstd_monomer                   no 
_entity_poly.pdbx_seq_one_letter_code       
;GSRISAEGSQACAKGCELCSEVNGCLKCSPKLFILLERNDIRQVGVCLPSCPPGYFDARNPDMNKCIKCKIEHCEACFSH
NFCTKCKEGLYLHKGRCYPACPEGSSAANGTMECSSPAAAHHHHHH
;
_entity_poly.pdbx_seq_one_letter_code_can   
;GSRISAEGSQACAKGCELCSEVNGCLKCSPKLFILLERNDIRQVGVCLPSCPPGYFDARNPDMNKCIKCKIEHCEACFSH
NFCTKCKEGLYLHKGRCYPACPEGSSAANGTMECSSPAAAHHHHHH
;
_entity_poly.pdbx_strand_id                 A 
_entity_poly.pdbx_target_identifier         ? 
# 
loop_
_pdbx_entity_nonpoly.entity_id 
_pdbx_entity_nonpoly.name 
_pdbx_entity_nonpoly.comp_id 
2 1,2-ETHANEDIOL EDO 
3 'CHLORIDE ION' CL  
4 water          HOH 
# 
loop_
_entity_poly_seq.entity_id 
_entity_poly_seq.num 
_entity_poly_seq.mon_id 
_entity_poly_seq.hetero 
1 1   GLY n 
1 2   SER n 
1 3   ARG n 
1 4   ILE n 
1 5   SER n 
1 6   ALA n 
1 7   GLU n 
1 8   GLY n 
1 9   SER n 
1 10  GLN n 
1 11  ALA n 
1 12  CYS n 
1 13  ALA n 
1 14  LYS n 
1 15  GLY n 
1 16  CYS n 
1 17  GLU n 
1 18  LEU n 
1 19  CYS n 
1 20  SER n 
1 21  GLU n 
1 22  VAL n 
1 23  ASN n 
1 24  GLY n 
1 25  CYS n 
1 26  LEU n 
1 27  LYS n 
1 28  CYS n 
1 29  SER n 
1 30  PRO n 
1 31  LYS n 
1 32  LEU n 
1 33  PHE n 
1 34  ILE n 
1 35  LEU n 
1 36  LEU n 
1 37  GLU n 
1 38  ARG n 
1 39  ASN n 
1 40  ASP n 
1 41  ILE n 
1 42  ARG n 
1 43  GLN n 
1 44  VAL n 
1 45  GLY n 
1 46  VAL n 
1 47  CYS n 
1 48  LEU n 
1 49  PRO n 
1 50  SER n 
1 51  CYS n 
1 52  PRO n 
1 53  PRO n 
1 54  GLY n 
1 55  TYR n 
1 56  PHE n 
1 57  ASP n 
1 58  ALA n 
1 59  ARG n 
1 60  ASN n 
1 61  PRO n 
1 62  ASP n 
1 63  MET n 
1 64  ASN n 
1 65  LYS n 
1 66  CYS n 
1 67  ILE n 
1 68  LYS n 
1 69  CYS n 
1 70  LYS n 
1 71  ILE n 
1 72  GLU n 
1 73  HIS n 
1 74  CYS n 
1 75  GLU n 
1 76  ALA n 
1 77  CYS n 
1 78  PHE n 
1 79  SER n 
1 80  HIS n 
1 81  ASN n 
1 82  PHE n 
1 83  CYS n 
1 84  THR n 
1 85  LYS n 
1 86  CYS n 
1 87  LYS n 
1 88  GLU n 
1 89  GLY n 
1 90  LEU n 
1 91  TYR n 
1 92  LEU n 
1 93  HIS n 
1 94  LYS n 
1 95  GLY n 
1 96  ARG n 
1 97  CYS n 
1 98  TYR n 
1 99  PRO n 
1 100 ALA n 
1 101 CYS n 
1 102 PRO n 
1 103 GLU n 
1 104 GLY n 
1 105 SER n 
1 106 SER n 
1 107 ALA n 
1 108 ALA n 
1 109 ASN n 
1 110 GLY n 
1 111 THR n 
1 112 MET n 
1 113 GLU n 
1 114 CYS n 
1 115 SER n 
1 116 SER n 
1 117 PRO n 
1 118 ALA n 
1 119 ALA n 
1 120 ALA n 
1 121 HIS n 
1 122 HIS n 
1 123 HIS n 
1 124 HIS n 
1 125 HIS n 
1 126 HIS n 
# 
_entity_src_gen.entity_id                          1 
_entity_src_gen.pdbx_src_id                        1 
_entity_src_gen.pdbx_alt_source_flag               sample 
_entity_src_gen.pdbx_seq_type                      ? 
_entity_src_gen.pdbx_beg_seq_num                   ? 
_entity_src_gen.pdbx_end_seq_num                   ? 
_entity_src_gen.gene_src_common_name               HUMAN 
_entity_src_gen.gene_src_genus                     ? 
_entity_src_gen.pdbx_gene_src_gene                 ? 
_entity_src_gen.gene_src_species                   ? 
_entity_src_gen.gene_src_strain                    ? 
_entity_src_gen.gene_src_tissue                    ? 
_entity_src_gen.gene_src_tissue_fraction           ? 
_entity_src_gen.gene_src_details                   ? 
_entity_src_gen.pdbx_gene_src_fragment             ? 
_entity_src_gen.pdbx_gene_src_scientific_name      'HOMO SAPIENS' 
_entity_src_gen.pdbx_gene_src_ncbi_taxonomy_id     9606 
_entity_src_gen.pdbx_gene_src_variant              ? 
_entity_src_gen.pdbx_gene_src_cell_line            ? 
_entity_src_gen.pdbx_gene_src_atcc                 ? 
_entity_src_gen.pdbx_gene_src_organ                ? 
_entity_src_gen.pdbx_gene_src_organelle            ? 
_entity_src_gen.pdbx_gene_src_cell                 ? 
_entity_src_gen.pdbx_gene_src_cellular_location    ? 
_entity_src_gen.host_org_common_name               HUMAN 
_entity_src_gen.pdbx_host_org_scientific_name      'HOMO SAPIENS' 
_entity_src_gen.pdbx_host_org_ncbi_taxonomy_id     9606 
_entity_src_gen.host_org_genus                     ? 
_entity_src_gen.pdbx_host_org_gene                 ? 
_entity_src_gen.pdbx_host_org_organ                ? 
_entity_src_gen.host_org_species                   ? 
_entity_src_gen.pdbx_host_org_tissue               ? 
_entity_src_gen.pdbx_host_org_tissue_fraction      ? 
_entity_src_gen.pdbx_host_org_strain               ? 
_entity_src_gen.pdbx_host_org_variant              ? 
_entity_src_gen.pdbx_host_org_cell_line            HEK293 
_entity_src_gen.pdbx_host_org_atcc                 ? 
_entity_src_gen.pdbx_host_org_culture_collection   ? 
_entity_src_gen.pdbx_host_org_cell                 ? 
_entity_src_gen.pdbx_host_org_organelle            ? 
_entity_src_gen.pdbx_host_org_cellular_location    ? 
_entity_src_gen.pdbx_host_org_vector_type          ? 
_entity_src_gen.pdbx_host_org_vector               ? 
_entity_src_gen.host_org_details                   ? 
_entity_src_gen.expression_system_id               ? 
_entity_src_gen.plasmid_name                       ? 
_entity_src_gen.plasmid_details                    ? 
_entity_src_gen.pdbx_description                   ? 
# 
loop_
_chem_comp.id 
_chem_comp.type 
_chem_comp.mon_nstd_flag 
_chem_comp.name 
_chem_comp.pdbx_synonyms 
_chem_comp.formula 
_chem_comp.formula_weight 
ALA 'L-peptide linking' y ALANINE         ?                 'C3 H7 N O2'     89.093  
ARG 'L-peptide linking' y ARGININE        ?                 'C6 H15 N4 O2 1' 175.209 
ASN 'L-peptide linking' y ASPARAGINE      ?                 'C4 H8 N2 O3'    132.118 
ASP 'L-peptide linking' y 'ASPARTIC ACID' ?                 'C4 H7 N O4'     133.103 
CL  non-polymer         . 'CHLORIDE ION'  ?                 'Cl -1'          35.453  
CYS 'L-peptide linking' y CYSTEINE        ?                 'C3 H7 N O2 S'   121.158 
EDO non-polymer         . 1,2-ETHANEDIOL  'ETHYLENE GLYCOL' 'C2 H6 O2'       62.068  
GLN 'L-peptide linking' y GLUTAMINE       ?                 'C5 H10 N2 O3'   146.144 
GLU 'L-peptide linking' y 'GLUTAMIC ACID' ?                 'C5 H9 N O4'     147.129 
GLY 'peptide linking'   y GLYCINE         ?                 'C2 H5 N O2'     75.067  
HIS 'L-peptide linking' y HISTIDINE       ?                 'C6 H10 N3 O2 1' 156.162 
HOH non-polymer         . WATER           ?                 'H2 O'           18.015  
ILE 'L-peptide linking' y ISOLEUCINE      ?                 'C6 H13 N O2'    131.173 
LEU 'L-peptide linking' y LEUCINE         ?                 'C6 H13 N O2'    131.173 
LYS 'L-peptide linking' y LYSINE          ?                 'C6 H15 N2 O2 1' 147.195 
MET 'L-peptide linking' y METHIONINE      ?                 'C5 H11 N O2 S'  149.211 
PHE 'L-peptide linking' y PHENYLALANINE   ?                 'C9 H11 N O2'    165.189 
PRO 'L-peptide linking' y PROLINE         ?                 'C5 H9 N O2'     115.130 
SER 'L-peptide linking' y SERINE          ?                 'C3 H7 N O3'     105.093 
THR 'L-peptide linking' y THREONINE       ?                 'C4 H9 N O3'     119.119 
TYR 'L-peptide linking' y TYROSINE        ?                 'C9 H11 N O3'    181.189 
VAL 'L-peptide linking' y VALINE          ?                 'C5 H11 N O2'    117.146 
# 
loop_
_pdbx_poly_seq_scheme.asym_id 
_pdbx_poly_seq_scheme.entity_id 
_pdbx_poly_seq_scheme.seq_id 
_pdbx_poly_seq_scheme.mon_id 
_pdbx_poly_seq_scheme.ndb_seq_num 
_pdbx_poly_seq_scheme.pdb_seq_num 
_pdbx_poly_seq_scheme.auth_seq_num 
_pdbx_poly_seq_scheme.pdb_mon_id 
_pdbx_poly_seq_scheme.auth_mon_id 
_pdbx_poly_seq_scheme.pdb_strand_id 
_pdbx_poly_seq_scheme.pdb_ins_code 
_pdbx_poly_seq_scheme.hetero 
A 1 1   GLY 1   -1  ?   ?   ?   A . n 
A 1 2   SER 2   0   ?   ?   ?   A . n 
A 1 3   ARG 3   1   ?   ?   ?   A . n 
A 1 4   ILE 4   2   ?   ?   ?   A . n 
A 1 5   SER 5   3   ?   ?   ?   A . n 
A 1 6   ALA 6   4   ?   ?   ?   A . n 
A 1 7   GLU 7   5   ?   ?   ?   A . n 
A 1 8   GLY 8   6   ?   ?   ?   A . n 
A 1 9   SER 9   7   ?   ?   ?   A . n 
A 1 10  GLN 10  8   8   GLN GLN A . n 
A 1 11  ALA 11  9   9   ALA ALA A . n 
A 1 12  CYS 12  10  10  CYS CYS A . n 
A 1 13  ALA 13  11  11  ALA ALA A . n 
A 1 14  LYS 14  12  12  LYS LYS A . n 
A 1 15  GLY 15  13  13  GLY GLY A . n 
A 1 16  CYS 16  14  14  CYS CYS A . n 
A 1 17  GLU 17  15  15  GLU GLU A . n 
A 1 18  LEU 18  16  16  LEU LEU A . n 
A 1 19  CYS 19  17  17  CYS CYS A . n 
A 1 20  SER 20  18  18  SER SER A . n 
A 1 21  GLU 21  19  19  GLU GLU A . n 
A 1 22  VAL 22  20  20  VAL VAL A . n 
A 1 23  ASN 23  21  21  ASN ASN A . n 
A 1 24  GLY 24  22  22  GLY GLY A . n 
A 1 25  CYS 25  23  23  CYS CYS A . n 
A 1 26  LEU 26  24  24  LEU LEU A . n 
A 1 27  LYS 27  25  25  LYS LYS A . n 
A 1 28  CYS 28  26  26  CYS CYS A . n 
A 1 29  SER 29  27  27  SER SER A . n 
A 1 30  PRO 30  28  28  PRO PRO A . n 
A 1 31  LYS 31  29  29  LYS LYS A . n 
A 1 32  LEU 32  30  30  LEU LEU A . n 
A 1 33  PHE 33  31  31  PHE PHE A . n 
A 1 34  ILE 34  32  32  ILE ILE A . n 
A 1 35  LEU 35  33  33  LEU LEU A . n 
A 1 36  LEU 36  34  34  LEU LEU A . n 
A 1 37  GLU 37  35  35  GLU GLU A . n 
A 1 38  ARG 38  36  36  ARG ARG A . n 
A 1 39  ASN 39  37  37  ASN ASN A . n 
A 1 40  ASP 40  38  38  ASP ASP A . n 
A 1 41  ILE 41  39  39  ILE ILE A . n 
A 1 42  ARG 42  40  40  ARG ARG A . n 
A 1 43  GLN 43  41  41  GLN GLN A . n 
A 1 44  VAL 44  42  42  VAL VAL A . n 
A 1 45  GLY 45  43  43  GLY GLY A . n 
A 1 46  VAL 46  44  44  VAL VAL A . n 
A 1 47  CYS 47  45  45  CYS CYS A . n 
A 1 48  LEU 48  46  46  LEU LEU A . n 
A 1 49  PRO 49  47  47  PRO PRO A . n 
A 1 50  SER 50  48  48  SER SER A . n 
A 1 51  CYS 51  49  49  CYS CYS A . n 
A 1 52  PRO 52  50  50  PRO PRO A . n 
A 1 53  PRO 53  51  51  PRO PRO A . n 
A 1 54  GLY 54  52  52  GLY GLY A . n 
A 1 55  TYR 55  53  53  TYR TYR A . n 
A 1 56  PHE 56  54  54  PHE PHE A . n 
A 1 57  ASP 57  55  55  ASP ASP A . n 
A 1 58  ALA 58  56  56  ALA ALA A . n 
A 1 59  ARG 59  57  57  ARG ARG A . n 
A 1 60  ASN 60  58  58  ASN ASN A . n 
A 1 61  PRO 61  59  59  PRO PRO A . n 
A 1 62  ASP 62  60  60  ASP ASP A . n 
A 1 63  MET 63  61  61  MET MET A . n 
A 1 64  ASN 64  62  62  ASN ASN A . n 
A 1 65  LYS 65  63  63  LYS LYS A . n 
A 1 66  CYS 66  64  64  CYS CYS A . n 
A 1 67  ILE 67  65  65  ILE ILE A . n 
A 1 68  LYS 68  66  66  LYS LYS A . n 
A 1 69  CYS 69  67  67  CYS CYS A . n 
A 1 70  LYS 70  68  68  LYS LYS A . n 
A 1 71  ILE 71  69  69  ILE ILE A . n 
A 1 72  GLU 72  70  70  GLU GLU A . n 
A 1 73  HIS 73  71  71  HIS HIS A . n 
A 1 74  CYS 74  72  72  CYS CYS A . n 
A 1 75  GLU 75  73  73  GLU GLU A . n 
A 1 76  ALA 76  74  74  ALA ALA A . n 
A 1 77  CYS 77  75  75  CYS CYS A . n 
A 1 78  PHE 78  76  76  PHE PHE A . n 
A 1 79  SER 79  77  77  SER SER A . n 
A 1 80  HIS 80  78  78  HIS HIS A . n 
A 1 81  ASN 81  79  79  ASN ASN A . n 
A 1 82  PHE 82  80  80  PHE PHE A . n 
A 1 83  CYS 83  81  81  CYS CYS A . n 
A 1 84  THR 84  82  82  THR THR A . n 
A 1 85  LYS 85  83  83  LYS LYS A . n 
A 1 86  CYS 86  84  84  CYS CYS A . n 
A 1 87  LYS 87  85  85  LYS LYS A . n 
A 1 88  GLU 88  86  86  GLU GLU A . n 
A 1 89  GLY 89  87  87  GLY GLY A . n 
A 1 90  LEU 90  88  88  LEU LEU A . n 
A 1 91  TYR 91  89  89  TYR TYR A . n 
A 1 92  LEU 92  90  90  LEU LEU A . n 
A 1 93  HIS 93  91  91  HIS HIS A . n 
A 1 94  LYS 94  92  92  LYS LYS A . n 
A 1 95  GLY 95  93  93  GLY GLY A . n 
A 1 96  ARG 96  94  94  ARG ARG A . n 
A 1 97  CYS 97  95  95  CYS CYS A . n 
A 1 98  TYR 98  96  96  TYR TYR A . n 
A 1 99  PRO 99  97  97  PRO PRO A . n 
A 1 100 ALA 100 98  98  ALA ALA A . n 
A 1 101 CYS 101 99  99  CYS CYS A . n 
A 1 102 PRO 102 100 100 PRO PRO A . n 
A 1 103 GLU 103 101 ?   ?   ?   A . n 
A 1 104 GLY 104 102 ?   ?   ?   A . n 
A 1 105 SER 105 103 ?   ?   ?   A . n 
A 1 106 SER 106 104 ?   ?   ?   A . n 
A 1 107 ALA 107 105 ?   ?   ?   A . n 
A 1 108 ALA 108 106 ?   ?   ?   A . n 
A 1 109 ASN 109 107 ?   ?   ?   A . n 
A 1 110 GLY 110 108 ?   ?   ?   A . n 
A 1 111 THR 111 109 ?   ?   ?   A . n 
A 1 112 MET 112 110 110 MET MET A . n 
A 1 113 GLU 113 111 111 GLU GLU A . n 
A 1 114 CYS 114 112 112 CYS CYS A . n 
A 1 115 SER 115 113 113 SER SER A . n 
A 1 116 SER 116 114 ?   ?   ?   A . n 
A 1 117 PRO 117 115 ?   ?   ?   A . n 
A 1 118 ALA 118 116 ?   ?   ?   A . n 
A 1 119 ALA 119 117 ?   ?   ?   A . n 
A 1 120 ALA 120 118 ?   ?   ?   A . n 
A 1 121 HIS 121 119 ?   ?   ?   A . n 
A 1 122 HIS 122 120 ?   ?   ?   A . n 
A 1 123 HIS 123 121 ?   ?   ?   A . n 
A 1 124 HIS 124 122 ?   ?   ?   A . n 
A 1 125 HIS 125 123 ?   ?   ?   A . n 
A 1 126 HIS 126 124 ?   ?   ?   A . n 
# 
loop_
_pdbx_nonpoly_scheme.asym_id 
_pdbx_nonpoly_scheme.entity_id 
_pdbx_nonpoly_scheme.mon_id 
_pdbx_nonpoly_scheme.ndb_seq_num 
_pdbx_nonpoly_scheme.pdb_seq_num 
_pdbx_nonpoly_scheme.auth_seq_num 
_pdbx_nonpoly_scheme.pdb_mon_id 
_pdbx_nonpoly_scheme.auth_mon_id 
_pdbx_nonpoly_scheme.pdb_strand_id 
_pdbx_nonpoly_scheme.pdb_ins_code 
B 2 EDO 1  1114 1114 EDO EDO A . 
C 2 EDO 1  1115 1115 EDO EDO A . 
D 2 EDO 1  1116 1116 EDO EDO A . 
E 2 EDO 1  1117 1117 EDO EDO A . 
F 2 EDO 1  1118 1118 EDO EDO A . 
G 3 CL  1  1119 1119 CL  CL  A . 
H 3 CL  1  1120 1120 CL  CL  A . 
I 4 HOH 1  2001 2001 HOH HOH A . 
I 4 HOH 2  2002 2002 HOH HOH A . 
I 4 HOH 3  2003 2003 HOH HOH A . 
I 4 HOH 4  2004 2004 HOH HOH A . 
I 4 HOH 5  2005 2005 HOH HOH A . 
I 4 HOH 6  2006 2006 HOH HOH A . 
I 4 HOH 7  2007 2007 HOH HOH A . 
I 4 HOH 8  2008 2008 HOH HOH A . 
I 4 HOH 9  2009 2009 HOH HOH A . 
I 4 HOH 10 2010 2010 HOH HOH A . 
I 4 HOH 11 2011 2011 HOH HOH A . 
I 4 HOH 12 2012 2012 HOH HOH A . 
I 4 HOH 13 2013 2013 HOH HOH A . 
I 4 HOH 14 2014 2014 HOH HOH A . 
I 4 HOH 15 2015 2015 HOH HOH A . 
I 4 HOH 16 2016 2016 HOH HOH A . 
I 4 HOH 17 2017 2017 HOH HOH A . 
I 4 HOH 18 2018 2018 HOH HOH A . 
I 4 HOH 19 2019 2019 HOH HOH A . 
I 4 HOH 20 2020 2020 HOH HOH A . 
# 
loop_
_pdbx_unobs_or_zero_occ_atoms.id 
_pdbx_unobs_or_zero_occ_atoms.PDB_model_num 
_pdbx_unobs_or_zero_occ_atoms.polymer_flag 
_pdbx_unobs_or_zero_occ_atoms.occupancy_flag 
_pdbx_unobs_or_zero_occ_atoms.auth_asym_id 
_pdbx_unobs_or_zero_occ_atoms.auth_comp_id 
_pdbx_unobs_or_zero_occ_atoms.auth_seq_id 
_pdbx_unobs_or_zero_occ_atoms.PDB_ins_code 
_pdbx_unobs_or_zero_occ_atoms.auth_atom_id 
_pdbx_unobs_or_zero_occ_atoms.label_alt_id 
_pdbx_unobs_or_zero_occ_atoms.label_asym_id 
_pdbx_unobs_or_zero_occ_atoms.label_comp_id 
_pdbx_unobs_or_zero_occ_atoms.label_seq_id 
_pdbx_unobs_or_zero_occ_atoms.label_atom_id 
1  1 Y 1 A GLN 8   ? CG  ? A GLN 10  CG  
2  1 Y 1 A GLN 8   ? CD  ? A GLN 10  CD  
3  1 Y 1 A GLN 8   ? OE1 ? A GLN 10  OE1 
4  1 Y 1 A GLN 8   ? NE2 ? A GLN 10  NE2 
5  1 Y 1 A GLU 19  ? CG  ? A GLU 21  CG  
6  1 Y 1 A GLU 19  ? CD  ? A GLU 21  CD  
7  1 Y 1 A GLU 19  ? OE1 ? A GLU 21  OE1 
8  1 Y 1 A GLU 19  ? OE2 ? A GLU 21  OE2 
9  1 Y 1 A MET 110 ? CG  ? A MET 112 CG  
10 1 Y 1 A MET 110 ? SD  ? A MET 112 SD  
11 1 Y 1 A MET 110 ? CE  ? A MET 112 CE  
12 1 Y 1 A GLU 111 ? CG  ? A GLU 113 CG  
13 1 Y 1 A GLU 111 ? CD  ? A GLU 113 CD  
14 1 Y 1 A GLU 111 ? OE1 ? A GLU 113 OE1 
15 1 Y 1 A GLU 111 ? OE2 ? A GLU 113 OE2 
# 
_software.name             PHENIX 
_software.classification   refinement 
_software.version          '(PHENIX.REFINE)' 
_software.citation_id      ? 
_software.pdbx_ordinal     1 
# 
_cell.entry_id           4BSO 
_cell.length_a           37.160 
_cell.length_b           63.900 
_cell.length_c           92.460 
_cell.angle_alpha        90.00 
_cell.angle_beta         90.00 
_cell.angle_gamma        90.00 
_cell.Z_PDB              8 
_cell.pdbx_unique_axis   ? 
# 
_symmetry.entry_id                         4BSO 
_symmetry.space_group_name_H-M             'I 2 2 2' 
_symmetry.pdbx_full_space_group_name_H-M   ? 
_symmetry.cell_setting                     ? 
_symmetry.Int_Tables_number                23 
# 
_exptl.entry_id          4BSO 
_exptl.method            'X-RAY DIFFRACTION' 
_exptl.crystals_number   ? 
# 
_exptl_crystal.id                    1 
_exptl_crystal.density_meas          ? 
_exptl_crystal.density_Matthews      2.00 
_exptl_crystal.density_percent_sol   38.57 
_exptl_crystal.description           NONE 
# 
_diffrn.id                     1 
_diffrn.ambient_temp           100 
_diffrn.ambient_temp_details   ? 
_diffrn.crystal_id             1 
# 
_diffrn_detector.diffrn_id              1 
_diffrn_detector.detector               PIXEL 
_diffrn_detector.type                   'DECTRIS PILATUS 6M' 
_diffrn_detector.pdbx_collection_date   ? 
_diffrn_detector.details                ? 
# 
_diffrn_radiation.diffrn_id                        1 
_diffrn_radiation.wavelength_id                    1 
_diffrn_radiation.pdbx_monochromatic_or_laue_m_l   M 
_diffrn_radiation.monochromator                    ? 
_diffrn_radiation.pdbx_diffrn_protocol             'SINGLE WAVELENGTH' 
_diffrn_radiation.pdbx_scattering_type             x-ray 
# 
_diffrn_radiation_wavelength.id           1 
_diffrn_radiation_wavelength.wavelength   0.88 
_diffrn_radiation_wavelength.wt           1.0 
# 
_diffrn_source.diffrn_id                   1 
_diffrn_source.source                      SYNCHROTRON 
_diffrn_source.type                        'SLS BEAMLINE X06SA' 
_diffrn_source.pdbx_synchrotron_site       SLS 
_diffrn_source.pdbx_synchrotron_beamline   X06SA 
_diffrn_source.pdbx_wavelength             0.88 
_diffrn_source.pdbx_wavelength_list        ? 
# 
_reflns.pdbx_diffrn_id               1 
_reflns.pdbx_ordinal                 1 
_reflns.entry_id                     4BSO 
_reflns.observed_criterion_sigma_I   2.4 
_reflns.observed_criterion_sigma_F   ? 
_reflns.d_resolution_low             34.40 
_reflns.d_resolution_high            2.20 
_reflns.number_obs                   5873 
_reflns.number_all                   ? 
_reflns.percent_possible_obs         100.0 
_reflns.pdbx_Rmerge_I_obs            0.10 
_reflns.pdbx_Rsym_value              ? 
_reflns.pdbx_netI_over_sigmaI        11.10 
_reflns.B_iso_Wilson_estimate        37.94 
_reflns.pdbx_redundancy              7.3 
# 
_refine.pdbx_refine_id                           'X-RAY DIFFRACTION' 
_refine.entry_id                                 4BSO 
_refine.pdbx_diffrn_id                           1 
_refine.pdbx_TLS_residual_ADP_flag               ? 
_refine.ls_number_reflns_obs                     5872 
_refine.ls_number_reflns_all                     ? 
_refine.pdbx_ls_sigma_I                          ? 
_refine.pdbx_ls_sigma_F                          1.36 
_refine.pdbx_data_cutoff_high_absF               ? 
_refine.pdbx_data_cutoff_low_absF                ? 
_refine.pdbx_data_cutoff_high_rms_absF           ? 
_refine.ls_d_res_low                             34.480 
_refine.ls_d_res_high                            2.200 
_refine.ls_percent_reflns_obs                    99.98 
_refine.ls_R_factor_obs                          0.2139 
_refine.ls_R_factor_all                          ? 
_refine.ls_R_factor_R_work                       0.2121 
_refine.ls_R_factor_R_free                       0.2499 
_refine.ls_R_factor_R_free_error                 ? 
_refine.ls_R_factor_R_free_error_details         ? 
_refine.ls_percent_reflns_R_free                 4.5 
_refine.ls_number_reflns_R_free                  266 
_refine.ls_number_parameters                     ? 
_refine.ls_number_restraints                     ? 
_refine.occupancy_min                            ? 
_refine.occupancy_max                            ? 
_refine.correlation_coeff_Fo_to_Fc               ? 
_refine.correlation_coeff_Fo_to_Fc_free          ? 
_refine.B_iso_mean                               56.4 
_refine.aniso_B[1][1]                            ? 
_refine.aniso_B[2][2]                            ? 
_refine.aniso_B[3][3]                            ? 
_refine.aniso_B[1][2]                            ? 
_refine.aniso_B[1][3]                            ? 
_refine.aniso_B[2][3]                            ? 
_refine.solvent_model_details                    'FLAT BULK SOLVENT MODEL' 
_refine.solvent_model_param_ksol                 ? 
_refine.solvent_model_param_bsol                 ? 
_refine.pdbx_solvent_vdw_probe_radii             1.11 
_refine.pdbx_solvent_ion_probe_radii             ? 
_refine.pdbx_solvent_shrinkage_radii             0.90 
_refine.pdbx_ls_cross_valid_method               ? 
_refine.details                                  ? 
_refine.pdbx_starting_model                      NONE 
_refine.pdbx_method_to_determine_struct          OTHER 
_refine.pdbx_isotropic_thermal_model             ? 
_refine.pdbx_stereochemistry_target_values       ML 
_refine.pdbx_stereochem_target_val_spec_case     ? 
_refine.pdbx_R_Free_selection_details            ? 
_refine.pdbx_overall_ESU_R                       ? 
_refine.pdbx_overall_ESU_R_Free                  ? 
_refine.overall_SU_ML                            0.24 
_refine.pdbx_overall_phase_error                 31.76 
_refine.overall_SU_B                             ? 
_refine.overall_SU_R_Cruickshank_DPI             ? 
_refine.pdbx_overall_SU_R_free_Cruickshank_DPI   ? 
_refine.pdbx_overall_SU_R_Blow_DPI               ? 
_refine.pdbx_overall_SU_R_free_Blow_DPI          ? 
# 
_refine_hist.pdbx_refine_id                   'X-RAY DIFFRACTION' 
_refine_hist.cycle_id                         LAST 
_refine_hist.pdbx_number_atoms_protein        729 
_refine_hist.pdbx_number_atoms_nucleic_acid   0 
_refine_hist.pdbx_number_atoms_ligand         22 
_refine_hist.number_atoms_solvent             20 
_refine_hist.number_atoms_total               771 
_refine_hist.d_res_high                       2.200 
_refine_hist.d_res_low                        34.480 
# 
loop_
_refine_ls_restr.type 
_refine_ls_restr.dev_ideal 
_refine_ls_restr.dev_ideal_target 
_refine_ls_restr.weight 
_refine_ls_restr.number 
_refine_ls_restr.pdbx_refine_id 
_refine_ls_restr.pdbx_restraint_function 
f_bond_d           0.021  ? ? 817  'X-RAY DIFFRACTION' ? 
f_angle_d          2.124  ? ? 1080 'X-RAY DIFFRACTION' ? 
f_dihedral_angle_d 18.333 ? ? 310  'X-RAY DIFFRACTION' ? 
f_chiral_restr     0.133  ? ? 112  'X-RAY DIFFRACTION' ? 
f_plane_restr      0.009  ? ? 143  'X-RAY DIFFRACTION' ? 
# 
loop_
_refine_ls_shell.pdbx_refine_id 
_refine_ls_shell.pdbx_total_number_of_bins_used 
_refine_ls_shell.d_res_high 
_refine_ls_shell.d_res_low 
_refine_ls_shell.number_reflns_R_work 
_refine_ls_shell.R_factor_R_work 
_refine_ls_shell.percent_reflns_obs 
_refine_ls_shell.R_factor_R_free 
_refine_ls_shell.R_factor_R_free_error 
_refine_ls_shell.percent_reflns_R_free 
_refine_ls_shell.number_reflns_R_free 
_refine_ls_shell.number_reflns_all 
_refine_ls_shell.R_factor_all 
'X-RAY DIFFRACTION' . 2.2001 2.7717  2734 0.2254 100.00 0.2929 . . 126 . . 
'X-RAY DIFFRACTION' . 2.7717 34.4837 2872 0.2082 100.00 0.2391 . . 140 . . 
# 
_struct.entry_id                  4BSO 
_struct.title                     'Crystal structure of R-spondin 1 (Fu1Fu2) - Native' 
_struct.pdbx_model_details        ? 
_struct.pdbx_CASP_flag            ? 
_struct.pdbx_model_type_details   ? 
# 
_struct_keywords.entry_id        4BSO 
_struct_keywords.pdbx_keywords   'SIGNALING PROTEIN' 
_struct_keywords.text            
;SIGNALING PROTEIN, ADULT STEM CELL, LEUCINE-RICH REPEAT G-PROTEIN COUPLED RECEPTOR, FURIN DOMAIN, WNT SIGNALING, CONGENITAL ANONYCHIA
;
# 
loop_
_struct_asym.id 
_struct_asym.pdbx_blank_PDB_chainid_flag 
_struct_asym.pdbx_modified 
_struct_asym.entity_id 
_struct_asym.details 
A N N 1 ? 
B N N 2 ? 
C N N 2 ? 
D N N 2 ? 
E N N 2 ? 
F N N 2 ? 
G N N 3 ? 
H N N 3 ? 
I N N 4 ? 
# 
_struct_ref.id                         1 
_struct_ref.db_name                    UNP 
_struct_ref.db_code                    RSPO1_HUMAN 
_struct_ref.entity_id                  1 
_struct_ref.pdbx_seq_one_letter_code   ? 
_struct_ref.pdbx_align_begin           ? 
_struct_ref.pdbx_db_accession          Q2MKA7 
_struct_ref.pdbx_db_isoform            ? 
# 
_struct_ref_seq.align_id                      1 
_struct_ref_seq.ref_id                        1 
_struct_ref_seq.pdbx_PDB_id_code              4BSO 
_struct_ref_seq.pdbx_strand_id                A 
_struct_ref_seq.seq_align_beg                 3 
_struct_ref_seq.pdbx_seq_align_beg_ins_code   ? 
_struct_ref_seq.seq_align_end                 118 
_struct_ref_seq.pdbx_seq_align_end_ins_code   ? 
_struct_ref_seq.pdbx_db_accession             Q2MKA7 
_struct_ref_seq.db_align_beg                  31 
_struct_ref_seq.pdbx_db_align_beg_ins_code    ? 
_struct_ref_seq.db_align_end                  146 
_struct_ref_seq.pdbx_db_align_end_ins_code    ? 
_struct_ref_seq.pdbx_auth_seq_align_beg       1 
_struct_ref_seq.pdbx_auth_seq_align_end       116 
# 
loop_
_struct_ref_seq_dif.align_id 
_struct_ref_seq_dif.pdbx_pdb_id_code 
_struct_ref_seq_dif.mon_id 
_struct_ref_seq_dif.pdbx_pdb_strand_id 
_struct_ref_seq_dif.seq_num 
_struct_ref_seq_dif.pdbx_pdb_ins_code 
_struct_ref_seq_dif.pdbx_seq_db_name 
_struct_ref_seq_dif.pdbx_seq_db_accession_code 
_struct_ref_seq_dif.db_mon_id 
_struct_ref_seq_dif.pdbx_seq_db_seq_num 
_struct_ref_seq_dif.details 
_struct_ref_seq_dif.pdbx_auth_seq_num 
_struct_ref_seq_dif.pdbx_ordinal 
1 4BSO GLY A 1   ? UNP Q2MKA7 ? ? 'expression tag' -1  1  
1 4BSO SER A 2   ? UNP Q2MKA7 ? ? 'expression tag' 0   2  
1 4BSO ALA A 119 ? UNP Q2MKA7 ? ? 'expression tag' 117 3  
1 4BSO ALA A 120 ? UNP Q2MKA7 ? ? 'expression tag' 118 4  
1 4BSO HIS A 121 ? UNP Q2MKA7 ? ? 'expression tag' 119 5  
1 4BSO HIS A 122 ? UNP Q2MKA7 ? ? 'expression tag' 120 6  
1 4BSO HIS A 123 ? UNP Q2MKA7 ? ? 'expression tag' 121 7  
1 4BSO HIS A 124 ? UNP Q2MKA7 ? ? 'expression tag' 122 8  
1 4BSO HIS A 125 ? UNP Q2MKA7 ? ? 'expression tag' 123 9  
1 4BSO HIS A 126 ? UNP Q2MKA7 ? ? 'expression tag' 124 10 
# 
_pdbx_struct_assembly.id                   1 
_pdbx_struct_assembly.details              software_defined_assembly 
_pdbx_struct_assembly.method_details       PISA 
_pdbx_struct_assembly.oligomeric_details   monomeric 
_pdbx_struct_assembly.oligomeric_count     1 
# 
_pdbx_struct_assembly_gen.assembly_id       1 
_pdbx_struct_assembly_gen.oper_expression   1 
_pdbx_struct_assembly_gen.asym_id_list      A,B,C,D,E,F,G,H,I 
# 
_pdbx_struct_oper_list.id                   1 
_pdbx_struct_oper_list.type                 'identity operation' 
_pdbx_struct_oper_list.name                 1_555 
_pdbx_struct_oper_list.symmetry_operation   x,y,z 
_pdbx_struct_oper_list.matrix[1][1]         1.0000000000 
_pdbx_struct_oper_list.matrix[1][2]         0.0000000000 
_pdbx_struct_oper_list.matrix[1][3]         0.0000000000 
_pdbx_struct_oper_list.vector[1]            0.0000000000 
_pdbx_struct_oper_list.matrix[2][1]         0.0000000000 
_pdbx_struct_oper_list.matrix[2][2]         1.0000000000 
_pdbx_struct_oper_list.matrix[2][3]         0.0000000000 
_pdbx_struct_oper_list.vector[2]            0.0000000000 
_pdbx_struct_oper_list.matrix[3][1]         0.0000000000 
_pdbx_struct_oper_list.matrix[3][2]         0.0000000000 
_pdbx_struct_oper_list.matrix[3][3]         1.0000000000 
_pdbx_struct_oper_list.vector[3]            0.0000000000 
# 
_struct_biol.id   1 
# 
loop_
_struct_conn.id 
_struct_conn.conn_type_id 
_struct_conn.pdbx_leaving_atom_flag 
_struct_conn.pdbx_PDB_id 
_struct_conn.ptnr1_label_asym_id 
_struct_conn.ptnr1_label_comp_id 
_struct_conn.ptnr1_label_seq_id 
_struct_conn.ptnr1_label_atom_id 
_struct_conn.pdbx_ptnr1_label_alt_id 
_struct_conn.pdbx_ptnr1_PDB_ins_code 
_struct_conn.pdbx_ptnr1_standard_comp_id 
_struct_conn.ptnr1_symmetry 
_struct_conn.ptnr2_label_asym_id 
_struct_conn.ptnr2_label_comp_id 
_struct_conn.ptnr2_label_seq_id 
_struct_conn.ptnr2_label_atom_id 
_struct_conn.pdbx_ptnr2_label_alt_id 
_struct_conn.pdbx_ptnr2_PDB_ins_code 
_struct_conn.ptnr1_auth_asym_id 
_struct_conn.ptnr1_auth_comp_id 
_struct_conn.ptnr1_auth_seq_id 
_struct_conn.ptnr2_auth_asym_id 
_struct_conn.ptnr2_auth_comp_id 
_struct_conn.ptnr2_auth_seq_id 
_struct_conn.ptnr2_symmetry 
_struct_conn.pdbx_ptnr3_label_atom_id 
_struct_conn.pdbx_ptnr3_label_seq_id 
_struct_conn.pdbx_ptnr3_label_comp_id 
_struct_conn.pdbx_ptnr3_label_asym_id 
_struct_conn.pdbx_ptnr3_label_alt_id 
_struct_conn.pdbx_ptnr3_PDB_ins_code 
_struct_conn.details 
_struct_conn.pdbx_dist_value 
_struct_conn.pdbx_value_order 
_struct_conn.pdbx_role 
disulf1 disulf ? ? A CYS 12  SG ? ? ? 1_555 A CYS 19  SG ? ? A CYS 10 A CYS 17  1_555 ? ? ? ? ? ? ? 2.096 ? ? 
disulf2 disulf ? ? A CYS 16  SG ? ? ? 1_555 A CYS 25  SG ? ? A CYS 14 A CYS 23  1_555 ? ? ? ? ? ? ? 2.104 ? ? 
disulf3 disulf ? ? A CYS 28  SG ? ? ? 1_555 A CYS 47  SG ? ? A CYS 26 A CYS 45  1_555 ? ? ? ? ? ? ? 2.121 ? ? 
disulf4 disulf ? ? A CYS 51  SG ? ? ? 1_555 A CYS 66  SG ? ? A CYS 49 A CYS 64  1_555 ? ? ? ? ? ? ? 2.046 ? ? 
disulf5 disulf ? ? A CYS 69  SG ? ? ? 1_555 A CYS 77  SG ? ? A CYS 67 A CYS 75  1_555 ? ? ? ? ? ? ? 2.105 ? ? 
disulf6 disulf ? ? A CYS 74  SG ? ? ? 1_555 A CYS 83  SG ? ? A CYS 72 A CYS 81  1_555 ? ? ? ? ? ? ? 2.130 ? ? 
disulf7 disulf ? ? A CYS 86  SG ? ? ? 1_555 A CYS 97  SG ? ? A CYS 84 A CYS 95  1_555 ? ? ? ? ? ? ? 2.050 ? ? 
disulf8 disulf ? ? A CYS 101 SG ? ? ? 1_555 A CYS 114 SG ? ? A CYS 99 A CYS 112 1_555 ? ? ? ? ? ? ? 2.038 ? ? 
# 
_struct_conn_type.id          disulf 
_struct_conn_type.criteria    ? 
_struct_conn_type.reference   ? 
# 
loop_
_pdbx_modification_feature.ordinal 
_pdbx_modification_feature.label_comp_id 
_pdbx_modification_feature.label_asym_id 
_pdbx_modification_feature.label_seq_id 
_pdbx_modification_feature.label_alt_id 
_pdbx_modification_feature.modified_residue_label_comp_id 
_pdbx_modification_feature.modified_residue_label_asym_id 
_pdbx_modification_feature.modified_residue_label_seq_id 
_pdbx_modification_feature.modified_residue_label_alt_id 
_pdbx_modification_feature.auth_comp_id 
_pdbx_modification_feature.auth_asym_id 
_pdbx_modification_feature.auth_seq_id 
_pdbx_modification_feature.PDB_ins_code 
_pdbx_modification_feature.symmetry 
_pdbx_modification_feature.modified_residue_auth_comp_id 
_pdbx_modification_feature.modified_residue_auth_asym_id 
_pdbx_modification_feature.modified_residue_auth_seq_id 
_pdbx_modification_feature.modified_residue_PDB_ins_code 
_pdbx_modification_feature.modified_residue_symmetry 
_pdbx_modification_feature.comp_id_linking_atom 
_pdbx_modification_feature.modified_residue_id_linking_atom 
_pdbx_modification_feature.modified_residue_id 
_pdbx_modification_feature.ref_pcm_id 
_pdbx_modification_feature.ref_comp_id 
_pdbx_modification_feature.type 
_pdbx_modification_feature.category 
1 CYS A 12  ? CYS A 19  ? CYS A 10 ? 1_555 CYS A 17  ? 1_555 SG SG . . . None 'Disulfide bridge' 
2 CYS A 16  ? CYS A 25  ? CYS A 14 ? 1_555 CYS A 23  ? 1_555 SG SG . . . None 'Disulfide bridge' 
3 CYS A 28  ? CYS A 47  ? CYS A 26 ? 1_555 CYS A 45  ? 1_555 SG SG . . . None 'Disulfide bridge' 
4 CYS A 51  ? CYS A 66  ? CYS A 49 ? 1_555 CYS A 64  ? 1_555 SG SG . . . None 'Disulfide bridge' 
5 CYS A 69  ? CYS A 77  ? CYS A 67 ? 1_555 CYS A 75  ? 1_555 SG SG . . . None 'Disulfide bridge' 
6 CYS A 74  ? CYS A 83  ? CYS A 72 ? 1_555 CYS A 81  ? 1_555 SG SG . . . None 'Disulfide bridge' 
7 CYS A 86  ? CYS A 97  ? CYS A 84 ? 1_555 CYS A 95  ? 1_555 SG SG . . . None 'Disulfide bridge' 
8 CYS A 101 ? CYS A 114 ? CYS A 99 ? 1_555 CYS A 112 ? 1_555 SG SG . . . None 'Disulfide bridge' 
# 
loop_
_struct_mon_prot_cis.pdbx_id 
_struct_mon_prot_cis.label_comp_id 
_struct_mon_prot_cis.label_seq_id 
_struct_mon_prot_cis.label_asym_id 
_struct_mon_prot_cis.label_alt_id 
_struct_mon_prot_cis.pdbx_PDB_ins_code 
_struct_mon_prot_cis.auth_comp_id 
_struct_mon_prot_cis.auth_seq_id 
_struct_mon_prot_cis.auth_asym_id 
_struct_mon_prot_cis.pdbx_label_comp_id_2 
_struct_mon_prot_cis.pdbx_label_seq_id_2 
_struct_mon_prot_cis.pdbx_label_asym_id_2 
_struct_mon_prot_cis.pdbx_PDB_ins_code_2 
_struct_mon_prot_cis.pdbx_auth_comp_id_2 
_struct_mon_prot_cis.pdbx_auth_seq_id_2 
_struct_mon_prot_cis.pdbx_auth_asym_id_2 
_struct_mon_prot_cis.pdbx_PDB_model_num 
_struct_mon_prot_cis.pdbx_omega_angle 
1 GLN 10  A . ? GLN 8  A ALA 11  A ? ALA 9  A 1 7.71  
2 ASP 40  A . ? ASP 38 A ILE 41  A ? ILE 39 A 1 -2.33 
3 ALA 100 A . ? ALA 98 A CYS 101 A ? CYS 99 A 1 -2.46 
# 
loop_
_struct_sheet.id 
_struct_sheet.type 
_struct_sheet.number_strands 
_struct_sheet.details 
AA ? 2 ? 
AB ? 4 ? 
AC ? 2 ? 
AD ? 2 ? 
# 
loop_
_struct_sheet_order.sheet_id 
_struct_sheet_order.range_id_1 
_struct_sheet_order.range_id_2 
_struct_sheet_order.offset 
_struct_sheet_order.sense 
AA 1 2 ? anti-parallel 
AB 1 2 ? anti-parallel 
AB 2 3 ? parallel      
AB 3 4 ? anti-parallel 
AC 1 2 ? anti-parallel 
AD 1 2 ? anti-parallel 
# 
loop_
_struct_sheet_range.sheet_id 
_struct_sheet_range.id 
_struct_sheet_range.beg_label_comp_id 
_struct_sheet_range.beg_label_asym_id 
_struct_sheet_range.beg_label_seq_id 
_struct_sheet_range.pdbx_beg_PDB_ins_code 
_struct_sheet_range.end_label_comp_id 
_struct_sheet_range.end_label_asym_id 
_struct_sheet_range.end_label_seq_id 
_struct_sheet_range.pdbx_end_PDB_ins_code 
_struct_sheet_range.beg_auth_comp_id 
_struct_sheet_range.beg_auth_asym_id 
_struct_sheet_range.beg_auth_seq_id 
_struct_sheet_range.end_auth_comp_id 
_struct_sheet_range.end_auth_asym_id 
_struct_sheet_range.end_auth_seq_id 
AA 1 CYS A 16 ? SER A 20 ? CYS A 14 SER A 18 
AA 2 GLY A 24 ? CYS A 28 ? GLY A 22 CYS A 26 
AB 1 VAL A 44 ? LEU A 48 ? VAL A 42 LEU A 46 
AB 2 PHE A 33 ? GLU A 37 ? PHE A 31 GLU A 35 
AB 3 ASN A 64 ? LYS A 68 ? ASN A 62 LYS A 66 
AB 4 TYR A 55 ? ARG A 59 ? TYR A 53 ARG A 57 
AC 1 CYS A 74 ? SER A 79 ? CYS A 72 SER A 77 
AC 2 PHE A 82 ? CYS A 86 ? PHE A 80 CYS A 84 
AD 1 TYR A 91 ? HIS A 93 ? TYR A 89 HIS A 91 
AD 2 ARG A 96 ? TYR A 98 ? ARG A 94 TYR A 96 
# 
loop_
_pdbx_struct_sheet_hbond.sheet_id 
_pdbx_struct_sheet_hbond.range_id_1 
_pdbx_struct_sheet_hbond.range_id_2 
_pdbx_struct_sheet_hbond.range_1_label_atom_id 
_pdbx_struct_sheet_hbond.range_1_label_comp_id 
_pdbx_struct_sheet_hbond.range_1_label_asym_id 
_pdbx_struct_sheet_hbond.range_1_label_seq_id 
_pdbx_struct_sheet_hbond.range_1_PDB_ins_code 
_pdbx_struct_sheet_hbond.range_1_auth_atom_id 
_pdbx_struct_sheet_hbond.range_1_auth_comp_id 
_pdbx_struct_sheet_hbond.range_1_auth_asym_id 
_pdbx_struct_sheet_hbond.range_1_auth_seq_id 
_pdbx_struct_sheet_hbond.range_2_label_atom_id 
_pdbx_struct_sheet_hbond.range_2_label_comp_id 
_pdbx_struct_sheet_hbond.range_2_label_asym_id 
_pdbx_struct_sheet_hbond.range_2_label_seq_id 
_pdbx_struct_sheet_hbond.range_2_PDB_ins_code 
_pdbx_struct_sheet_hbond.range_2_auth_atom_id 
_pdbx_struct_sheet_hbond.range_2_auth_comp_id 
_pdbx_struct_sheet_hbond.range_2_auth_asym_id 
_pdbx_struct_sheet_hbond.range_2_auth_seq_id 
AA 1 2 N SER A 20 ? N SER A 18 O GLY A 24 ? O GLY A 22 
AB 1 2 N LEU A 48 ? N LEU A 46 O PHE A 33 ? O PHE A 31 
AB 2 3 N ILE A 34 ? N ILE A 32 O ASN A 64 ? O ASN A 62 
AB 3 4 N ILE A 67 ? N ILE A 65 O PHE A 56 ? O PHE A 54 
AC 1 2 N SER A 79 ? N SER A 77 O PHE A 82 ? O PHE A 80 
AD 1 2 N HIS A 93 ? N HIS A 91 O ARG A 96 ? O ARG A 94 
# 
loop_
_struct_site.id 
_struct_site.pdbx_evidence_code 
_struct_site.pdbx_auth_asym_id 
_struct_site.pdbx_auth_comp_id 
_struct_site.pdbx_auth_seq_id 
_struct_site.pdbx_auth_ins_code 
_struct_site.pdbx_num_residues 
_struct_site.details 
AC1 Software A EDO 1114 ? 5 'BINDING SITE FOR RESIDUE EDO A 1114' 
AC2 Software A EDO 1115 ? 8 'BINDING SITE FOR RESIDUE EDO A 1115' 
AC3 Software A EDO 1116 ? 3 'BINDING SITE FOR RESIDUE EDO A 1116' 
AC4 Software A EDO 1117 ? 1 'BINDING SITE FOR RESIDUE EDO A 1117' 
AC5 Software A EDO 1118 ? 2 'BINDING SITE FOR RESIDUE EDO A 1118' 
AC6 Software A CL  1119 ? 2 'BINDING SITE FOR RESIDUE CL A 1119'  
AC7 Software A CL  1120 ? 1 'BINDING SITE FOR RESIDUE CL A 1120'  
# 
loop_
_struct_site_gen.id 
_struct_site_gen.site_id 
_struct_site_gen.pdbx_num_res 
_struct_site_gen.label_comp_id 
_struct_site_gen.label_asym_id 
_struct_site_gen.label_seq_id 
_struct_site_gen.pdbx_auth_ins_code 
_struct_site_gen.auth_comp_id 
_struct_site_gen.auth_asym_id 
_struct_site_gen.auth_seq_id 
_struct_site_gen.label_atom_id 
_struct_site_gen.label_alt_id 
_struct_site_gen.symmetry 
_struct_site_gen.details 
1  AC1 5 ALA A 58 ? ALA A 56   . ? 1_555 ? 
2  AC1 5 CYS A 77 ? CYS A 75   . ? 1_555 ? 
3  AC1 5 PHE A 78 ? PHE A 76   . ? 2_555 ? 
4  AC1 5 PHE A 78 ? PHE A 76   . ? 1_555 ? 
5  AC1 5 THR A 84 ? THR A 82   . ? 2_555 ? 
6  AC2 8 LYS A 27 ? LYS A 25   . ? 1_555 ? 
7  AC2 8 CYS A 28 ? CYS A 26   . ? 1_555 ? 
8  AC2 8 SER A 29 ? SER A 27   . ? 1_555 ? 
9  AC2 8 PRO A 30 ? PRO A 28   . ? 1_555 ? 
10 AC2 8 LEU A 32 ? LEU A 30   . ? 1_555 ? 
11 AC2 8 ILE A 34 ? ILE A 32   . ? 1_555 ? 
12 AC2 8 MET A 63 ? MET A 61   . ? 1_555 ? 
13 AC2 8 ASN A 64 ? ASN A 62   . ? 1_555 ? 
14 AC3 3 CYS A 69 ? CYS A 67   . ? 1_555 ? 
15 AC3 3 CYS A 74 ? CYS A 72   . ? 1_555 ? 
16 AC3 3 EDO E .  ? EDO A 1117 . ? 1_555 ? 
17 AC4 1 EDO D .  ? EDO A 1116 . ? 1_555 ? 
18 AC5 2 SER A 79 ? SER A 77   . ? 1_555 ? 
19 AC5 2 HIS A 80 ? HIS A 78   . ? 1_555 ? 
20 AC6 2 LYS A 31 ? LYS A 29   . ? 8_444 ? 
21 AC6 2 GLY A 54 ? GLY A 52   . ? 1_555 ? 
22 AC7 1 CYS A 86 ? CYS A 84   . ? 1_555 ? 
# 
_pdbx_entry_details.entry_id                   4BSO 
_pdbx_entry_details.compound_details           ? 
_pdbx_entry_details.source_details             ? 
_pdbx_entry_details.nonpolymer_details         ? 
_pdbx_entry_details.sequence_details           
;N-TERMINAL GS AND C-TERMINAL AAA ADDED BY CLONING PLASMID,
PLUS C-TERMINAL 6XHIS TAG
;
_pdbx_entry_details.has_ligand_of_interest     ? 
_pdbx_entry_details.has_protein_modification   Y 
# 
loop_
_pdbx_validate_close_contact.id 
_pdbx_validate_close_contact.PDB_model_num 
_pdbx_validate_close_contact.auth_atom_id_1 
_pdbx_validate_close_contact.auth_asym_id_1 
_pdbx_validate_close_contact.auth_comp_id_1 
_pdbx_validate_close_contact.auth_seq_id_1 
_pdbx_validate_close_contact.PDB_ins_code_1 
_pdbx_validate_close_contact.label_alt_id_1 
_pdbx_validate_close_contact.auth_atom_id_2 
_pdbx_validate_close_contact.auth_asym_id_2 
_pdbx_validate_close_contact.auth_comp_id_2 
_pdbx_validate_close_contact.auth_seq_id_2 
_pdbx_validate_close_contact.PDB_ins_code_2 
_pdbx_validate_close_contact.label_alt_id_2 
_pdbx_validate_close_contact.dist 
1 1 SG A CYS 10   ? ? CB A CYS 17   ? ? 1.43 
2 1 O  A HOH 2003 ? ? O  A HOH 2004 ? ? 1.86 
3 1 O  A HOH 2006 ? ? O  A HOH 2007 ? ? 2.00 
4 1 O2 A EDO 1116 ? ? O1 A EDO 1117 ? ? 2.15 
5 1 N  A LEU 90   ? ? O  A HOH 2018 ? ? 2.15 
# 
loop_
_pdbx_validate_symm_contact.id 
_pdbx_validate_symm_contact.PDB_model_num 
_pdbx_validate_symm_contact.auth_atom_id_1 
_pdbx_validate_symm_contact.auth_asym_id_1 
_pdbx_validate_symm_contact.auth_comp_id_1 
_pdbx_validate_symm_contact.auth_seq_id_1 
_pdbx_validate_symm_contact.PDB_ins_code_1 
_pdbx_validate_symm_contact.label_alt_id_1 
_pdbx_validate_symm_contact.site_symmetry_1 
_pdbx_validate_symm_contact.auth_atom_id_2 
_pdbx_validate_symm_contact.auth_asym_id_2 
_pdbx_validate_symm_contact.auth_comp_id_2 
_pdbx_validate_symm_contact.auth_seq_id_2 
_pdbx_validate_symm_contact.PDB_ins_code_2 
_pdbx_validate_symm_contact.label_alt_id_2 
_pdbx_validate_symm_contact.site_symmetry_2 
_pdbx_validate_symm_contact.dist 
1 1 O  A HOH 2001 ? ? 1_555 O  A HOH 2001 ? ? 3_555 1.85 
2 1 O2 A EDO 1114 ? ? 1_555 O2 A EDO 1114 ? ? 2_555 1.90 
3 1 O1 A EDO 1114 ? ? 1_555 O2 A EDO 1114 ? ? 2_555 2.03 
# 
_pdbx_validate_rmsd_bond.id                        1 
_pdbx_validate_rmsd_bond.PDB_model_num             1 
_pdbx_validate_rmsd_bond.auth_atom_id_1            CB 
_pdbx_validate_rmsd_bond.auth_asym_id_1            A 
_pdbx_validate_rmsd_bond.auth_comp_id_1            CYS 
_pdbx_validate_rmsd_bond.auth_seq_id_1             17 
_pdbx_validate_rmsd_bond.PDB_ins_code_1            ? 
_pdbx_validate_rmsd_bond.label_alt_id_1            ? 
_pdbx_validate_rmsd_bond.auth_atom_id_2            SG 
_pdbx_validate_rmsd_bond.auth_asym_id_2            A 
_pdbx_validate_rmsd_bond.auth_comp_id_2            CYS 
_pdbx_validate_rmsd_bond.auth_seq_id_2             17 
_pdbx_validate_rmsd_bond.PDB_ins_code_2            ? 
_pdbx_validate_rmsd_bond.label_alt_id_2            ? 
_pdbx_validate_rmsd_bond.bond_value                1.684 
_pdbx_validate_rmsd_bond.bond_target_value         1.812 
_pdbx_validate_rmsd_bond.bond_deviation            -0.128 
_pdbx_validate_rmsd_bond.bond_standard_deviation   0.016 
_pdbx_validate_rmsd_bond.linker_flag               N 
# 
loop_
_pdbx_validate_torsion.id 
_pdbx_validate_torsion.PDB_model_num 
_pdbx_validate_torsion.auth_comp_id 
_pdbx_validate_torsion.auth_asym_id 
_pdbx_validate_torsion.auth_seq_id 
_pdbx_validate_torsion.PDB_ins_code 
_pdbx_validate_torsion.label_alt_id 
_pdbx_validate_torsion.phi 
_pdbx_validate_torsion.psi 
1  1 CYS A 10 ? ? 94.20   169.63 
2  1 GLU A 35 ? B -59.45  105.39 
3  1 ARG A 36 ? ? -57.79  33.74  
4  1 ARG A 36 ? ? -75.68  33.74  
5  1 MET A 61 ? B 166.59  123.39 
6  1 CYS A 67 ? ? -156.96 59.49  
7  1 GLU A 70 ? A -38.14  123.72 
8  1 HIS A 71 ? ? 58.75   17.50  
9  1 LYS A 83 ? ? -172.71 118.81 
10 1 CYS A 99 ? ? 123.31  60.49  
# 
_pdbx_validate_peptide_omega.id               1 
_pdbx_validate_peptide_omega.PDB_model_num    1 
_pdbx_validate_peptide_omega.auth_comp_id_1   PRO 
_pdbx_validate_peptide_omega.auth_asym_id_1   A 
_pdbx_validate_peptide_omega.auth_seq_id_1    97 
_pdbx_validate_peptide_omega.PDB_ins_code_1   ? 
_pdbx_validate_peptide_omega.label_alt_id_1   ? 
_pdbx_validate_peptide_omega.auth_comp_id_2   ALA 
_pdbx_validate_peptide_omega.auth_asym_id_2   A 
_pdbx_validate_peptide_omega.auth_seq_id_2    98 
_pdbx_validate_peptide_omega.PDB_ins_code_2   ? 
_pdbx_validate_peptide_omega.label_alt_id_2   ? 
_pdbx_validate_peptide_omega.omega            34.56 
# 
loop_
_pdbx_refine_tls.pdbx_refine_id 
_pdbx_refine_tls.id 
_pdbx_refine_tls.details 
_pdbx_refine_tls.method 
_pdbx_refine_tls.origin_x 
_pdbx_refine_tls.origin_y 
_pdbx_refine_tls.origin_z 
_pdbx_refine_tls.T[1][1] 
_pdbx_refine_tls.T[2][2] 
_pdbx_refine_tls.T[3][3] 
_pdbx_refine_tls.T[1][2] 
_pdbx_refine_tls.T[1][3] 
_pdbx_refine_tls.T[2][3] 
_pdbx_refine_tls.L[1][1] 
_pdbx_refine_tls.L[2][2] 
_pdbx_refine_tls.L[3][3] 
_pdbx_refine_tls.L[1][2] 
_pdbx_refine_tls.L[1][3] 
_pdbx_refine_tls.L[2][3] 
_pdbx_refine_tls.S[1][1] 
_pdbx_refine_tls.S[1][2] 
_pdbx_refine_tls.S[1][3] 
_pdbx_refine_tls.S[2][1] 
_pdbx_refine_tls.S[2][2] 
_pdbx_refine_tls.S[2][3] 
_pdbx_refine_tls.S[3][1] 
_pdbx_refine_tls.S[3][2] 
_pdbx_refine_tls.S[3][3] 
'X-RAY DIFFRACTION' 1 ? refined 3.3685  11.2137  13.9422  0.4548 0.3181 0.4476 -0.1836 0.1588  -0.1321 1.7500 2.6273 5.7812 -0.2905 -0.0077 2.3921  0.0540  -0.7700 0.5511  0.9910  -1.1104 0.3256  0.2653 0.2307  -0.4336 
'X-RAY DIFFRACTION' 2 ? refined 1.4888  2.0600   9.2292   0.2809 0.2890 0.3571 -0.0099 -0.0073 -0.0747 0.2641 0.0769 0.0451 0.0654  -0.1043 0.0001  -0.1138 -0.1578 -0.2294 -0.0785 0.2974  -0.3696 0.3599 -0.4142 -0.1665 
'X-RAY DIFFRACTION' 3 ? refined -5.8224 16.0797  0.3236   1.4072 1.1718 1.8740 0.1211  -0.6296 0.1013  0.0926 0.0561 0.0287 0.0507  -0.0439 -0.0408 -0.6919 0.2166  -0.2539 0.2590  -0.1669 0.0227  0.2832 0.3764  0.2191  
'X-RAY DIFFRACTION' 4 ? refined -4.4554 2.1823   7.8811   0.2743 0.3654 0.3554 -0.0710 -0.0669 -0.0367 0.5529 0.4981 2.9262 -0.5204 -1.2583 1.2262  -0.2995 0.7408  0.0132  0.0905  -0.5231 -0.0354 0.4476 -0.2853 0.3808  
'X-RAY DIFFRACTION' 5 ? refined 5.6836  -1.5054  4.7596   0.1930 0.2848 0.1427 0.0051  -0.0007 -0.0692 4.7596 2.5627 0.7615 2.7364  -0.0549 -0.8921 0.6858  0.0893  -0.5066 0.2865  0.5922  0.1593  0.3942 -0.4120 0.4518  
'X-RAY DIFFRACTION' 6 ? refined -2.0374 -2.1411  -6.8272  0.1927 0.5501 0.0908 -0.0302 -0.0406 -0.1433 0.6640 1.4382 1.2937 -0.0184 0.3475  0.0471  0.1524  0.3165  0.2330  0.4679  0.1802  0.3307  0.1400 -0.9841 0.5188  
'X-RAY DIFFRACTION' 7 ? refined 0.8689  -8.3137  -14.5612 0.3170 0.4099 0.3105 -0.1188 0.0460  -0.1198 0.3103 0.1857 0.3500 -0.0459 0.0068  0.1928  -0.0367 -0.0193 0.0228  0.4542  -0.3030 0.3565  0.3433 -0.0759 0.2910  
'X-RAY DIFFRACTION' 8 ? refined -2.7718 -20.5043 -20.1156 0.5142 0.9773 0.6527 -0.0918 0.1698  0.1723  1.6558 0.4352 3.9837 -0.6019 2.5616  -0.8469 0.1281  -0.3565 -0.5212 -0.3566 -0.1861 -0.0052 1.1423 0.7077  -0.2195 
# 
loop_
_pdbx_refine_tls_group.pdbx_refine_id 
_pdbx_refine_tls_group.id 
_pdbx_refine_tls_group.refine_tls_id 
_pdbx_refine_tls_group.beg_auth_asym_id 
_pdbx_refine_tls_group.beg_auth_seq_id 
_pdbx_refine_tls_group.beg_label_asym_id 
_pdbx_refine_tls_group.beg_label_seq_id 
_pdbx_refine_tls_group.end_auth_asym_id 
_pdbx_refine_tls_group.end_auth_seq_id 
_pdbx_refine_tls_group.end_label_asym_id 
_pdbx_refine_tls_group.end_label_seq_id 
_pdbx_refine_tls_group.selection 
_pdbx_refine_tls_group.selection_details 
'X-RAY DIFFRACTION' 1 1 ? ? ? ? ? ? ? ? ? 'CHAIN A AND (RESID 8 THROUGH 27 )'   
'X-RAY DIFFRACTION' 2 2 ? ? ? ? ? ? ? ? ? 'CHAIN A AND (RESID 28 THROUGH 35 )'  
'X-RAY DIFFRACTION' 3 3 ? ? ? ? ? ? ? ? ? 'CHAIN A AND (RESID 36 THROUGH 41 )'  
'X-RAY DIFFRACTION' 4 4 ? ? ? ? ? ? ? ? ? 'CHAIN A AND (RESID 42 THROUGH 52 )'  
'X-RAY DIFFRACTION' 5 5 ? ? ? ? ? ? ? ? ? 'CHAIN A AND (RESID 53 THROUGH 62 )'  
'X-RAY DIFFRACTION' 6 6 ? ? ? ? ? ? ? ? ? 'CHAIN A AND (RESID 63 THROUGH 81 )'  
'X-RAY DIFFRACTION' 7 7 ? ? ? ? ? ? ? ? ? 'CHAIN A AND (RESID 82 THROUGH 96 )'  
'X-RAY DIFFRACTION' 8 8 ? ? ? ? ? ? ? ? ? 'CHAIN A AND (RESID 97 THROUGH 113 )' 
# 
loop_
_pdbx_unobs_or_zero_occ_residues.id 
_pdbx_unobs_or_zero_occ_residues.PDB_model_num 
_pdbx_unobs_or_zero_occ_residues.polymer_flag 
_pdbx_unobs_or_zero_occ_residues.occupancy_flag 
_pdbx_unobs_or_zero_occ_residues.auth_asym_id 
_pdbx_unobs_or_zero_occ_residues.auth_comp_id 
_pdbx_unobs_or_zero_occ_residues.auth_seq_id 
_pdbx_unobs_or_zero_occ_residues.PDB_ins_code 
_pdbx_unobs_or_zero_occ_residues.label_asym_id 
_pdbx_unobs_or_zero_occ_residues.label_comp_id 
_pdbx_unobs_or_zero_occ_residues.label_seq_id 
1  1 Y 1 A GLY -1  ? A GLY 1   
2  1 Y 1 A SER 0   ? A SER 2   
3  1 Y 1 A ARG 1   ? A ARG 3   
4  1 Y 1 A ILE 2   ? A ILE 4   
5  1 Y 1 A SER 3   ? A SER 5   
6  1 Y 1 A ALA 4   ? A ALA 6   
7  1 Y 1 A GLU 5   ? A GLU 7   
8  1 Y 1 A GLY 6   ? A GLY 8   
9  1 Y 1 A SER 7   ? A SER 9   
10 1 Y 1 A GLU 101 ? A GLU 103 
11 1 Y 1 A GLY 102 ? A GLY 104 
12 1 Y 1 A SER 103 ? A SER 105 
13 1 Y 1 A SER 104 ? A SER 106 
14 1 Y 1 A ALA 105 ? A ALA 107 
15 1 Y 1 A ALA 106 ? A ALA 108 
16 1 Y 1 A ASN 107 ? A ASN 109 
17 1 Y 1 A GLY 108 ? A GLY 110 
18 1 Y 1 A THR 109 ? A THR 111 
19 1 Y 1 A SER 114 ? A SER 116 
20 1 Y 1 A PRO 115 ? A PRO 117 
21 1 Y 1 A ALA 116 ? A ALA 118 
22 1 Y 1 A ALA 117 ? A ALA 119 
23 1 Y 1 A ALA 118 ? A ALA 120 
24 1 Y 1 A HIS 119 ? A HIS 121 
25 1 Y 1 A HIS 120 ? A HIS 122 
26 1 Y 1 A HIS 121 ? A HIS 123 
27 1 Y 1 A HIS 122 ? A HIS 124 
28 1 Y 1 A HIS 123 ? A HIS 125 
29 1 Y 1 A HIS 124 ? A HIS 126 
# 
loop_
_chem_comp_atom.comp_id 
_chem_comp_atom.atom_id 
_chem_comp_atom.type_symbol 
_chem_comp_atom.pdbx_aromatic_flag 
_chem_comp_atom.pdbx_stereo_config 
_chem_comp_atom.pdbx_ordinal 
ALA N    N  N N 1   
ALA CA   C  N S 2   
ALA C    C  N N 3   
ALA O    O  N N 4   
ALA CB   C  N N 5   
ALA OXT  O  N N 6   
ALA H    H  N N 7   
ALA H2   H  N N 8   
ALA HA   H  N N 9   
ALA HB1  H  N N 10  
ALA HB2  H  N N 11  
ALA HB3  H  N N 12  
ALA HXT  H  N N 13  
ARG N    N  N N 14  
ARG CA   C  N S 15  
ARG C    C  N N 16  
ARG O    O  N N 17  
ARG CB   C  N N 18  
ARG CG   C  N N 19  
ARG CD   C  N N 20  
ARG NE   N  N N 21  
ARG CZ   C  N N 22  
ARG NH1  N  N N 23  
ARG NH2  N  N N 24  
ARG OXT  O  N N 25  
ARG H    H  N N 26  
ARG H2   H  N N 27  
ARG HA   H  N N 28  
ARG HB2  H  N N 29  
ARG HB3  H  N N 30  
ARG HG2  H  N N 31  
ARG HG3  H  N N 32  
ARG HD2  H  N N 33  
ARG HD3  H  N N 34  
ARG HE   H  N N 35  
ARG HH11 H  N N 36  
ARG HH12 H  N N 37  
ARG HH21 H  N N 38  
ARG HH22 H  N N 39  
ARG HXT  H  N N 40  
ASN N    N  N N 41  
ASN CA   C  N S 42  
ASN C    C  N N 43  
ASN O    O  N N 44  
ASN CB   C  N N 45  
ASN CG   C  N N 46  
ASN OD1  O  N N 47  
ASN ND2  N  N N 48  
ASN OXT  O  N N 49  
ASN H    H  N N 50  
ASN H2   H  N N 51  
ASN HA   H  N N 52  
ASN HB2  H  N N 53  
ASN HB3  H  N N 54  
ASN HD21 H  N N 55  
ASN HD22 H  N N 56  
ASN HXT  H  N N 57  
ASP N    N  N N 58  
ASP CA   C  N S 59  
ASP C    C  N N 60  
ASP O    O  N N 61  
ASP CB   C  N N 62  
ASP CG   C  N N 63  
ASP OD1  O  N N 64  
ASP OD2  O  N N 65  
ASP OXT  O  N N 66  
ASP H    H  N N 67  
ASP H2   H  N N 68  
ASP HA   H  N N 69  
ASP HB2  H  N N 70  
ASP HB3  H  N N 71  
ASP HD2  H  N N 72  
ASP HXT  H  N N 73  
CL  CL   CL N N 74  
CYS N    N  N N 75  
CYS CA   C  N R 76  
CYS C    C  N N 77  
CYS O    O  N N 78  
CYS CB   C  N N 79  
CYS SG   S  N N 80  
CYS OXT  O  N N 81  
CYS H    H  N N 82  
CYS H2   H  N N 83  
CYS HA   H  N N 84  
CYS HB2  H  N N 85  
CYS HB3  H  N N 86  
CYS HG   H  N N 87  
CYS HXT  H  N N 88  
EDO C1   C  N N 89  
EDO O1   O  N N 90  
EDO C2   C  N N 91  
EDO O2   O  N N 92  
EDO H11  H  N N 93  
EDO H12  H  N N 94  
EDO HO1  H  N N 95  
EDO H21  H  N N 96  
EDO H22  H  N N 97  
EDO HO2  H  N N 98  
GLN N    N  N N 99  
GLN CA   C  N S 100 
GLN C    C  N N 101 
GLN O    O  N N 102 
GLN CB   C  N N 103 
GLN CG   C  N N 104 
GLN CD   C  N N 105 
GLN OE1  O  N N 106 
GLN NE2  N  N N 107 
GLN OXT  O  N N 108 
GLN H    H  N N 109 
GLN H2   H  N N 110 
GLN HA   H  N N 111 
GLN HB2  H  N N 112 
GLN HB3  H  N N 113 
GLN HG2  H  N N 114 
GLN HG3  H  N N 115 
GLN HE21 H  N N 116 
GLN HE22 H  N N 117 
GLN HXT  H  N N 118 
GLU N    N  N N 119 
GLU CA   C  N S 120 
GLU C    C  N N 121 
GLU O    O  N N 122 
GLU CB   C  N N 123 
GLU CG   C  N N 124 
GLU CD   C  N N 125 
GLU OE1  O  N N 126 
GLU OE2  O  N N 127 
GLU OXT  O  N N 128 
GLU H    H  N N 129 
GLU H2   H  N N 130 
GLU HA   H  N N 131 
GLU HB2  H  N N 132 
GLU HB3  H  N N 133 
GLU HG2  H  N N 134 
GLU HG3  H  N N 135 
GLU HE2  H  N N 136 
GLU HXT  H  N N 137 
GLY N    N  N N 138 
GLY CA   C  N N 139 
GLY C    C  N N 140 
GLY O    O  N N 141 
GLY OXT  O  N N 142 
GLY H    H  N N 143 
GLY H2   H  N N 144 
GLY HA2  H  N N 145 
GLY HA3  H  N N 146 
GLY HXT  H  N N 147 
HIS N    N  N N 148 
HIS CA   C  N S 149 
HIS C    C  N N 150 
HIS O    O  N N 151 
HIS CB   C  N N 152 
HIS CG   C  Y N 153 
HIS ND1  N  Y N 154 
HIS CD2  C  Y N 155 
HIS CE1  C  Y N 156 
HIS NE2  N  Y N 157 
HIS OXT  O  N N 158 
HIS H    H  N N 159 
HIS H2   H  N N 160 
HIS HA   H  N N 161 
HIS HB2  H  N N 162 
HIS HB3  H  N N 163 
HIS HD1  H  N N 164 
HIS HD2  H  N N 165 
HIS HE1  H  N N 166 
HIS HE2  H  N N 167 
HIS HXT  H  N N 168 
HOH O    O  N N 169 
HOH H1   H  N N 170 
HOH H2   H  N N 171 
ILE N    N  N N 172 
ILE CA   C  N S 173 
ILE C    C  N N 174 
ILE O    O  N N 175 
ILE CB   C  N S 176 
ILE CG1  C  N N 177 
ILE CG2  C  N N 178 
ILE CD1  C  N N 179 
ILE OXT  O  N N 180 
ILE H    H  N N 181 
ILE H2   H  N N 182 
ILE HA   H  N N 183 
ILE HB   H  N N 184 
ILE HG12 H  N N 185 
ILE HG13 H  N N 186 
ILE HG21 H  N N 187 
ILE HG22 H  N N 188 
ILE HG23 H  N N 189 
ILE HD11 H  N N 190 
ILE HD12 H  N N 191 
ILE HD13 H  N N 192 
ILE HXT  H  N N 193 
LEU N    N  N N 194 
LEU CA   C  N S 195 
LEU C    C  N N 196 
LEU O    O  N N 197 
LEU CB   C  N N 198 
LEU CG   C  N N 199 
LEU CD1  C  N N 200 
LEU CD2  C  N N 201 
LEU OXT  O  N N 202 
LEU H    H  N N 203 
LEU H2   H  N N 204 
LEU HA   H  N N 205 
LEU HB2  H  N N 206 
LEU HB3  H  N N 207 
LEU HG   H  N N 208 
LEU HD11 H  N N 209 
LEU HD12 H  N N 210 
LEU HD13 H  N N 211 
LEU HD21 H  N N 212 
LEU HD22 H  N N 213 
LEU HD23 H  N N 214 
LEU HXT  H  N N 215 
LYS N    N  N N 216 
LYS CA   C  N S 217 
LYS C    C  N N 218 
LYS O    O  N N 219 
LYS CB   C  N N 220 
LYS CG   C  N N 221 
LYS CD   C  N N 222 
LYS CE   C  N N 223 
LYS NZ   N  N N 224 
LYS OXT  O  N N 225 
LYS H    H  N N 226 
LYS H2   H  N N 227 
LYS HA   H  N N 228 
LYS HB2  H  N N 229 
LYS HB3  H  N N 230 
LYS HG2  H  N N 231 
LYS HG3  H  N N 232 
LYS HD2  H  N N 233 
LYS HD3  H  N N 234 
LYS HE2  H  N N 235 
LYS HE3  H  N N 236 
LYS HZ1  H  N N 237 
LYS HZ2  H  N N 238 
LYS HZ3  H  N N 239 
LYS HXT  H  N N 240 
MET N    N  N N 241 
MET CA   C  N S 242 
MET C    C  N N 243 
MET O    O  N N 244 
MET CB   C  N N 245 
MET CG   C  N N 246 
MET SD   S  N N 247 
MET CE   C  N N 248 
MET OXT  O  N N 249 
MET H    H  N N 250 
MET H2   H  N N 251 
MET HA   H  N N 252 
MET HB2  H  N N 253 
MET HB3  H  N N 254 
MET HG2  H  N N 255 
MET HG3  H  N N 256 
MET HE1  H  N N 257 
MET HE2  H  N N 258 
MET HE3  H  N N 259 
MET HXT  H  N N 260 
PHE N    N  N N 261 
PHE CA   C  N S 262 
PHE C    C  N N 263 
PHE O    O  N N 264 
PHE CB   C  N N 265 
PHE CG   C  Y N 266 
PHE CD1  C  Y N 267 
PHE CD2  C  Y N 268 
PHE CE1  C  Y N 269 
PHE CE2  C  Y N 270 
PHE CZ   C  Y N 271 
PHE OXT  O  N N 272 
PHE H    H  N N 273 
PHE H2   H  N N 274 
PHE HA   H  N N 275 
PHE HB2  H  N N 276 
PHE HB3  H  N N 277 
PHE HD1  H  N N 278 
PHE HD2  H  N N 279 
PHE HE1  H  N N 280 
PHE HE2  H  N N 281 
PHE HZ   H  N N 282 
PHE HXT  H  N N 283 
PRO N    N  N N 284 
PRO CA   C  N S 285 
PRO C    C  N N 286 
PRO O    O  N N 287 
PRO CB   C  N N 288 
PRO CG   C  N N 289 
PRO CD   C  N N 290 
PRO OXT  O  N N 291 
PRO H    H  N N 292 
PRO HA   H  N N 293 
PRO HB2  H  N N 294 
PRO HB3  H  N N 295 
PRO HG2  H  N N 296 
PRO HG3  H  N N 297 
PRO HD2  H  N N 298 
PRO HD3  H  N N 299 
PRO HXT  H  N N 300 
SER N    N  N N 301 
SER CA   C  N S 302 
SER C    C  N N 303 
SER O    O  N N 304 
SER CB   C  N N 305 
SER OG   O  N N 306 
SER OXT  O  N N 307 
SER H    H  N N 308 
SER H2   H  N N 309 
SER HA   H  N N 310 
SER HB2  H  N N 311 
SER HB3  H  N N 312 
SER HG   H  N N 313 
SER HXT  H  N N 314 
THR N    N  N N 315 
THR CA   C  N S 316 
THR C    C  N N 317 
THR O    O  N N 318 
THR CB   C  N R 319 
THR OG1  O  N N 320 
THR CG2  C  N N 321 
THR OXT  O  N N 322 
THR H    H  N N 323 
THR H2   H  N N 324 
THR HA   H  N N 325 
THR HB   H  N N 326 
THR HG1  H  N N 327 
THR HG21 H  N N 328 
THR HG22 H  N N 329 
THR HG23 H  N N 330 
THR HXT  H  N N 331 
TYR N    N  N N 332 
TYR CA   C  N S 333 
TYR C    C  N N 334 
TYR O    O  N N 335 
TYR CB   C  N N 336 
TYR CG   C  Y N 337 
TYR CD1  C  Y N 338 
TYR CD2  C  Y N 339 
TYR CE1  C  Y N 340 
TYR CE2  C  Y N 341 
TYR CZ   C  Y N 342 
TYR OH   O  N N 343 
TYR OXT  O  N N 344 
TYR H    H  N N 345 
TYR H2   H  N N 346 
TYR HA   H  N N 347 
TYR HB2  H  N N 348 
TYR HB3  H  N N 349 
TYR HD1  H  N N 350 
TYR HD2  H  N N 351 
TYR HE1  H  N N 352 
TYR HE2  H  N N 353 
TYR HH   H  N N 354 
TYR HXT  H  N N 355 
VAL N    N  N N 356 
VAL CA   C  N S 357 
VAL C    C  N N 358 
VAL O    O  N N 359 
VAL CB   C  N N 360 
VAL CG1  C  N N 361 
VAL CG2  C  N N 362 
VAL OXT  O  N N 363 
VAL H    H  N N 364 
VAL H2   H  N N 365 
VAL HA   H  N N 366 
VAL HB   H  N N 367 
VAL HG11 H  N N 368 
VAL HG12 H  N N 369 
VAL HG13 H  N N 370 
VAL HG21 H  N N 371 
VAL HG22 H  N N 372 
VAL HG23 H  N N 373 
VAL HXT  H  N N 374 
# 
loop_
_chem_comp_bond.comp_id 
_chem_comp_bond.atom_id_1 
_chem_comp_bond.atom_id_2 
_chem_comp_bond.value_order 
_chem_comp_bond.pdbx_aromatic_flag 
_chem_comp_bond.pdbx_stereo_config 
_chem_comp_bond.pdbx_ordinal 
ALA N   CA   sing N N 1   
ALA N   H    sing N N 2   
ALA N   H2   sing N N 3   
ALA CA  C    sing N N 4   
ALA CA  CB   sing N N 5   
ALA CA  HA   sing N N 6   
ALA C   O    doub N N 7   
ALA C   OXT  sing N N 8   
ALA CB  HB1  sing N N 9   
ALA CB  HB2  sing N N 10  
ALA CB  HB3  sing N N 11  
ALA OXT HXT  sing N N 12  
ARG N   CA   sing N N 13  
ARG N   H    sing N N 14  
ARG N   H2   sing N N 15  
ARG CA  C    sing N N 16  
ARG CA  CB   sing N N 17  
ARG CA  HA   sing N N 18  
ARG C   O    doub N N 19  
ARG C   OXT  sing N N 20  
ARG CB  CG   sing N N 21  
ARG CB  HB2  sing N N 22  
ARG CB  HB3  sing N N 23  
ARG CG  CD   sing N N 24  
ARG CG  HG2  sing N N 25  
ARG CG  HG3  sing N N 26  
ARG CD  NE   sing N N 27  
ARG CD  HD2  sing N N 28  
ARG CD  HD3  sing N N 29  
ARG NE  CZ   sing N N 30  
ARG NE  HE   sing N N 31  
ARG CZ  NH1  sing N N 32  
ARG CZ  NH2  doub N N 33  
ARG NH1 HH11 sing N N 34  
ARG NH1 HH12 sing N N 35  
ARG NH2 HH21 sing N N 36  
ARG NH2 HH22 sing N N 37  
ARG OXT HXT  sing N N 38  
ASN N   CA   sing N N 39  
ASN N   H    sing N N 40  
ASN N   H2   sing N N 41  
ASN CA  C    sing N N 42  
ASN CA  CB   sing N N 43  
ASN CA  HA   sing N N 44  
ASN C   O    doub N N 45  
ASN C   OXT  sing N N 46  
ASN CB  CG   sing N N 47  
ASN CB  HB2  sing N N 48  
ASN CB  HB3  sing N N 49  
ASN CG  OD1  doub N N 50  
ASN CG  ND2  sing N N 51  
ASN ND2 HD21 sing N N 52  
ASN ND2 HD22 sing N N 53  
ASN OXT HXT  sing N N 54  
ASP N   CA   sing N N 55  
ASP N   H    sing N N 56  
ASP N   H2   sing N N 57  
ASP CA  C    sing N N 58  
ASP CA  CB   sing N N 59  
ASP CA  HA   sing N N 60  
ASP C   O    doub N N 61  
ASP C   OXT  sing N N 62  
ASP CB  CG   sing N N 63  
ASP CB  HB2  sing N N 64  
ASP CB  HB3  sing N N 65  
ASP CG  OD1  doub N N 66  
ASP CG  OD2  sing N N 67  
ASP OD2 HD2  sing N N 68  
ASP OXT HXT  sing N N 69  
CYS N   CA   sing N N 70  
CYS N   H    sing N N 71  
CYS N   H2   sing N N 72  
CYS CA  C    sing N N 73  
CYS CA  CB   sing N N 74  
CYS CA  HA   sing N N 75  
CYS C   O    doub N N 76  
CYS C   OXT  sing N N 77  
CYS CB  SG   sing N N 78  
CYS CB  HB2  sing N N 79  
CYS CB  HB3  sing N N 80  
CYS SG  HG   sing N N 81  
CYS OXT HXT  sing N N 82  
EDO C1  O1   sing N N 83  
EDO C1  C2   sing N N 84  
EDO C1  H11  sing N N 85  
EDO C1  H12  sing N N 86  
EDO O1  HO1  sing N N 87  
EDO C2  O2   sing N N 88  
EDO C2  H21  sing N N 89  
EDO C2  H22  sing N N 90  
EDO O2  HO2  sing N N 91  
GLN N   CA   sing N N 92  
GLN N   H    sing N N 93  
GLN N   H2   sing N N 94  
GLN CA  C    sing N N 95  
GLN CA  CB   sing N N 96  
GLN CA  HA   sing N N 97  
GLN C   O    doub N N 98  
GLN C   OXT  sing N N 99  
GLN CB  CG   sing N N 100 
GLN CB  HB2  sing N N 101 
GLN CB  HB3  sing N N 102 
GLN CG  CD   sing N N 103 
GLN CG  HG2  sing N N 104 
GLN CG  HG3  sing N N 105 
GLN CD  OE1  doub N N 106 
GLN CD  NE2  sing N N 107 
GLN NE2 HE21 sing N N 108 
GLN NE2 HE22 sing N N 109 
GLN OXT HXT  sing N N 110 
GLU N   CA   sing N N 111 
GLU N   H    sing N N 112 
GLU N   H2   sing N N 113 
GLU CA  C    sing N N 114 
GLU CA  CB   sing N N 115 
GLU CA  HA   sing N N 116 
GLU C   O    doub N N 117 
GLU C   OXT  sing N N 118 
GLU CB  CG   sing N N 119 
GLU CB  HB2  sing N N 120 
GLU CB  HB3  sing N N 121 
GLU CG  CD   sing N N 122 
GLU CG  HG2  sing N N 123 
GLU CG  HG3  sing N N 124 
GLU CD  OE1  doub N N 125 
GLU CD  OE2  sing N N 126 
GLU OE2 HE2  sing N N 127 
GLU OXT HXT  sing N N 128 
GLY N   CA   sing N N 129 
GLY N   H    sing N N 130 
GLY N   H2   sing N N 131 
GLY CA  C    sing N N 132 
GLY CA  HA2  sing N N 133 
GLY CA  HA3  sing N N 134 
GLY C   O    doub N N 135 
GLY C   OXT  sing N N 136 
GLY OXT HXT  sing N N 137 
HIS N   CA   sing N N 138 
HIS N   H    sing N N 139 
HIS N   H2   sing N N 140 
HIS CA  C    sing N N 141 
HIS CA  CB   sing N N 142 
HIS CA  HA   sing N N 143 
HIS C   O    doub N N 144 
HIS C   OXT  sing N N 145 
HIS CB  CG   sing N N 146 
HIS CB  HB2  sing N N 147 
HIS CB  HB3  sing N N 148 
HIS CG  ND1  sing Y N 149 
HIS CG  CD2  doub Y N 150 
HIS ND1 CE1  doub Y N 151 
HIS ND1 HD1  sing N N 152 
HIS CD2 NE2  sing Y N 153 
HIS CD2 HD2  sing N N 154 
HIS CE1 NE2  sing Y N 155 
HIS CE1 HE1  sing N N 156 
HIS NE2 HE2  sing N N 157 
HIS OXT HXT  sing N N 158 
HOH O   H1   sing N N 159 
HOH O   H2   sing N N 160 
ILE N   CA   sing N N 161 
ILE N   H    sing N N 162 
ILE N   H2   sing N N 163 
ILE CA  C    sing N N 164 
ILE CA  CB   sing N N 165 
ILE CA  HA   sing N N 166 
ILE C   O    doub N N 167 
ILE C   OXT  sing N N 168 
ILE CB  CG1  sing N N 169 
ILE CB  CG2  sing N N 170 
ILE CB  HB   sing N N 171 
ILE CG1 CD1  sing N N 172 
ILE CG1 HG12 sing N N 173 
ILE CG1 HG13 sing N N 174 
ILE CG2 HG21 sing N N 175 
ILE CG2 HG22 sing N N 176 
ILE CG2 HG23 sing N N 177 
ILE CD1 HD11 sing N N 178 
ILE CD1 HD12 sing N N 179 
ILE CD1 HD13 sing N N 180 
ILE OXT HXT  sing N N 181 
LEU N   CA   sing N N 182 
LEU N   H    sing N N 183 
LEU N   H2   sing N N 184 
LEU CA  C    sing N N 185 
LEU CA  CB   sing N N 186 
LEU CA  HA   sing N N 187 
LEU C   O    doub N N 188 
LEU C   OXT  sing N N 189 
LEU CB  CG   sing N N 190 
LEU CB  HB2  sing N N 191 
LEU CB  HB3  sing N N 192 
LEU CG  CD1  sing N N 193 
LEU CG  CD2  sing N N 194 
LEU CG  HG   sing N N 195 
LEU CD1 HD11 sing N N 196 
LEU CD1 HD12 sing N N 197 
LEU CD1 HD13 sing N N 198 
LEU CD2 HD21 sing N N 199 
LEU CD2 HD22 sing N N 200 
LEU CD2 HD23 sing N N 201 
LEU OXT HXT  sing N N 202 
LYS N   CA   sing N N 203 
LYS N   H    sing N N 204 
LYS N   H2   sing N N 205 
LYS CA  C    sing N N 206 
LYS CA  CB   sing N N 207 
LYS CA  HA   sing N N 208 
LYS C   O    doub N N 209 
LYS C   OXT  sing N N 210 
LYS CB  CG   sing N N 211 
LYS CB  HB2  sing N N 212 
LYS CB  HB3  sing N N 213 
LYS CG  CD   sing N N 214 
LYS CG  HG2  sing N N 215 
LYS CG  HG3  sing N N 216 
LYS CD  CE   sing N N 217 
LYS CD  HD2  sing N N 218 
LYS CD  HD3  sing N N 219 
LYS CE  NZ   sing N N 220 
LYS CE  HE2  sing N N 221 
LYS CE  HE3  sing N N 222 
LYS NZ  HZ1  sing N N 223 
LYS NZ  HZ2  sing N N 224 
LYS NZ  HZ3  sing N N 225 
LYS OXT HXT  sing N N 226 
MET N   CA   sing N N 227 
MET N   H    sing N N 228 
MET N   H2   sing N N 229 
MET CA  C    sing N N 230 
MET CA  CB   sing N N 231 
MET CA  HA   sing N N 232 
MET C   O    doub N N 233 
MET C   OXT  sing N N 234 
MET CB  CG   sing N N 235 
MET CB  HB2  sing N N 236 
MET CB  HB3  sing N N 237 
MET CG  SD   sing N N 238 
MET CG  HG2  sing N N 239 
MET CG  HG3  sing N N 240 
MET SD  CE   sing N N 241 
MET CE  HE1  sing N N 242 
MET CE  HE2  sing N N 243 
MET CE  HE3  sing N N 244 
MET OXT HXT  sing N N 245 
PHE N   CA   sing N N 246 
PHE N   H    sing N N 247 
PHE N   H2   sing N N 248 
PHE CA  C    sing N N 249 
PHE CA  CB   sing N N 250 
PHE CA  HA   sing N N 251 
PHE C   O    doub N N 252 
PHE C   OXT  sing N N 253 
PHE CB  CG   sing N N 254 
PHE CB  HB2  sing N N 255 
PHE CB  HB3  sing N N 256 
PHE CG  CD1  doub Y N 257 
PHE CG  CD2  sing Y N 258 
PHE CD1 CE1  sing Y N 259 
PHE CD1 HD1  sing N N 260 
PHE CD2 CE2  doub Y N 261 
PHE CD2 HD2  sing N N 262 
PHE CE1 CZ   doub Y N 263 
PHE CE1 HE1  sing N N 264 
PHE CE2 CZ   sing Y N 265 
PHE CE2 HE2  sing N N 266 
PHE CZ  HZ   sing N N 267 
PHE OXT HXT  sing N N 268 
PRO N   CA   sing N N 269 
PRO N   CD   sing N N 270 
PRO N   H    sing N N 271 
PRO CA  C    sing N N 272 
PRO CA  CB   sing N N 273 
PRO CA  HA   sing N N 274 
PRO C   O    doub N N 275 
PRO C   OXT  sing N N 276 
PRO CB  CG   sing N N 277 
PRO CB  HB2  sing N N 278 
PRO CB  HB3  sing N N 279 
PRO CG  CD   sing N N 280 
PRO CG  HG2  sing N N 281 
PRO CG  HG3  sing N N 282 
PRO CD  HD2  sing N N 283 
PRO CD  HD3  sing N N 284 
PRO OXT HXT  sing N N 285 
SER N   CA   sing N N 286 
SER N   H    sing N N 287 
SER N   H2   sing N N 288 
SER CA  C    sing N N 289 
SER CA  CB   sing N N 290 
SER CA  HA   sing N N 291 
SER C   O    doub N N 292 
SER C   OXT  sing N N 293 
SER CB  OG   sing N N 294 
SER CB  HB2  sing N N 295 
SER CB  HB3  sing N N 296 
SER OG  HG   sing N N 297 
SER OXT HXT  sing N N 298 
THR N   CA   sing N N 299 
THR N   H    sing N N 300 
THR N   H2   sing N N 301 
THR CA  C    sing N N 302 
THR CA  CB   sing N N 303 
THR CA  HA   sing N N 304 
THR C   O    doub N N 305 
THR C   OXT  sing N N 306 
THR CB  OG1  sing N N 307 
THR CB  CG2  sing N N 308 
THR CB  HB   sing N N 309 
THR OG1 HG1  sing N N 310 
THR CG2 HG21 sing N N 311 
THR CG2 HG22 sing N N 312 
THR CG2 HG23 sing N N 313 
THR OXT HXT  sing N N 314 
TYR N   CA   sing N N 315 
TYR N   H    sing N N 316 
TYR N   H2   sing N N 317 
TYR CA  C    sing N N 318 
TYR CA  CB   sing N N 319 
TYR CA  HA   sing N N 320 
TYR C   O    doub N N 321 
TYR C   OXT  sing N N 322 
TYR CB  CG   sing N N 323 
TYR CB  HB2  sing N N 324 
TYR CB  HB3  sing N N 325 
TYR CG  CD1  doub Y N 326 
TYR CG  CD2  sing Y N 327 
TYR CD1 CE1  sing Y N 328 
TYR CD1 HD1  sing N N 329 
TYR CD2 CE2  doub Y N 330 
TYR CD2 HD2  sing N N 331 
TYR CE1 CZ   doub Y N 332 
TYR CE1 HE1  sing N N 333 
TYR CE2 CZ   sing Y N 334 
TYR CE2 HE2  sing N N 335 
TYR CZ  OH   sing N N 336 
TYR OH  HH   sing N N 337 
TYR OXT HXT  sing N N 338 
VAL N   CA   sing N N 339 
VAL N   H    sing N N 340 
VAL N   H2   sing N N 341 
VAL CA  C    sing N N 342 
VAL CA  CB   sing N N 343 
VAL CA  HA   sing N N 344 
VAL C   O    doub N N 345 
VAL C   OXT  sing N N 346 
VAL CB  CG1  sing N N 347 
VAL CB  CG2  sing N N 348 
VAL CB  HB   sing N N 349 
VAL CG1 HG11 sing N N 350 
VAL CG1 HG12 sing N N 351 
VAL CG1 HG13 sing N N 352 
VAL CG2 HG21 sing N N 353 
VAL CG2 HG22 sing N N 354 
VAL CG2 HG23 sing N N 355 
VAL OXT HXT  sing N N 356 
# 
_atom_sites.entry_id                    4BSO 
_atom_sites.fract_transf_matrix[1][1]   0.01983752 
_atom_sites.fract_transf_matrix[1][2]   -0.01224763 
_atom_sites.fract_transf_matrix[1][3]   0.01344137 
_atom_sites.fract_transf_matrix[2][1]   0.00828057 
_atom_sites.fract_transf_matrix[2][2]   -0.00110985 
_atom_sites.fract_transf_matrix[2][3]   -0.01323222 
_atom_sites.fract_transf_matrix[3][1]   0.00454503 
_atom_sites.fract_transf_matrix[3][2]   0.00959943 
_atom_sites.fract_transf_matrix[3][3]   0.00203908 
_atom_sites.fract_transf_vector[1]      -0.137342 
_atom_sites.fract_transf_vector[2]      -0.107083 
_atom_sites.fract_transf_vector[3]      -0.203237 
# 
loop_
_atom_type.symbol 
C  
CL 
N  
O  
S  
# 
loop_
_atom_site.group_PDB 
_atom_site.id 
_atom_site.type_symbol 
_atom_site.label_atom_id 
_atom_site.label_alt_id 
_atom_site.label_comp_id 
_atom_site.label_asym_id 
_atom_site.label_entity_id 
_atom_site.label_seq_id 
_atom_site.pdbx_PDB_ins_code 
_atom_site.Cartn_x 
_atom_site.Cartn_y 
_atom_site.Cartn_z 
_atom_site.occupancy 
_atom_site.B_iso_or_equiv 
_atom_site.pdbx_formal_charge 
_atom_site.auth_seq_id 
_atom_site.auth_comp_id 
_atom_site.auth_asym_id 
_atom_site.auth_atom_id 
_atom_site.pdbx_PDB_model_num 
ATOM   1   N  N   . GLN A 1 10  ? 3.513   13.157  25.287  1.00 128.78 ? 8    GLN A N   1 
ATOM   2   C  CA  . GLN A 1 10  ? 4.512   12.602  24.371  1.00 130.19 ? 8    GLN A CA  1 
ATOM   3   C  C   . GLN A 1 10  ? 4.136   11.188  23.876  1.00 130.27 ? 8    GLN A C   1 
ATOM   4   O  O   . GLN A 1 10  ? 3.735   10.340  24.678  1.00 134.63 ? 8    GLN A O   1 
ATOM   5   C  CB  . GLN A 1 10  ? 5.876   12.594  25.048  1.00 131.42 ? 8    GLN A CB  1 
ATOM   6   N  N   . ALA A 1 11  ? 4.281   10.901  22.577  1.00 126.10 ? 9    ALA A N   1 
ATOM   7   C  CA  . ALA A 1 11  ? 4.923   11.765  21.578  1.00 116.24 ? 9    ALA A CA  1 
ATOM   8   C  C   . ALA A 1 11  ? 4.368   11.483  20.185  1.00 94.52  ? 9    ALA A C   1 
ATOM   9   O  O   . ALA A 1 11  ? 4.932   10.641  19.477  1.00 92.55  ? 9    ALA A O   1 
ATOM   10  C  CB  . ALA A 1 11  ? 6.422   11.516  21.563  1.00 119.85 ? 9    ALA A CB  1 
ATOM   11  N  N   . CYS A 1 12  ? 3.314   12.227  19.815  1.00 77.62  ? 10   CYS A N   1 
ATOM   12  C  CA  . CYS A 1 12  ? 2.493   12.043  18.602  1.00 72.79  ? 10   CYS A CA  1 
ATOM   13  C  C   . CYS A 1 12  ? 1.245   11.181  18.873  1.00 75.89  ? 10   CYS A C   1 
ATOM   14  O  O   . CYS A 1 12  ? 1.104   10.602  19.963  1.00 79.08  ? 10   CYS A O   1 
ATOM   15  C  CB  . CYS A 1 12  ? 3.309   11.564  17.369  1.00 44.77  ? 10   CYS A CB  1 
ATOM   16  S  SG  . CYS A 1 12  ? 4.228   12.882  16.430  1.00 55.73  ? 10   CYS A SG  1 
ATOM   17  N  N   . ALA A 1 13  ? 0.325   11.128  17.905  1.00 69.95  ? 11   ALA A N   1 
ATOM   18  C  CA  . ALA A 1 13  ? -0.785  10.175  17.972  1.00 59.20  ? 11   ALA A CA  1 
ATOM   19  C  C   . ALA A 1 13  ? -0.243  8.768   18.270  1.00 51.10  ? 11   ALA A C   1 
ATOM   20  O  O   . ALA A 1 13  ? 0.857   8.409   17.867  1.00 52.35  ? 11   ALA A O   1 
ATOM   21  C  CB  . ALA A 1 13  ? -1.579  10.189  16.686  1.00 45.33  ? 11   ALA A CB  1 
ATOM   22  N  N   . LYS A 1 14  ? -0.981  7.993   19.034  1.00 57.64  ? 12   LYS A N   1 
ATOM   23  C  CA  . LYS A 1 14  ? -0.427  6.745   19.486  1.00 62.31  ? 12   LYS A CA  1 
ATOM   24  C  C   . LYS A 1 14  ? 0.000   5.912   18.324  1.00 51.34  ? 12   LYS A C   1 
ATOM   25  O  O   . LYS A 1 14  ? -0.615  5.911   17.244  1.00 53.20  ? 12   LYS A O   1 
ATOM   26  C  CB  . LYS A 1 14  ? -1.369  5.992   20.423  1.00 76.93  ? 12   LYS A CB  1 
ATOM   27  C  CG  . LYS A 1 14  ? -1.150  6.344   21.887  1.00 92.98  ? 12   LYS A CG  1 
ATOM   28  C  CD  . LYS A 1 14  ? 0.336   6.294   22.300  1.00 100.94 ? 12   LYS A CD  1 
ATOM   29  C  CE  . LYS A 1 14  ? 1.003   7.683   22.346  1.00 106.41 ? 12   LYS A CE  1 
ATOM   30  N  NZ  . LYS A 1 14  ? 1.831   7.902   23.569  1.00 111.87 ? 12   LYS A NZ  1 
ATOM   31  N  N   . GLY A 1 15  ? 1.125   5.255   18.506  1.00 51.13  ? 13   GLY A N   1 
ATOM   32  C  CA  . GLY A 1 15  ? 1.623   4.434   17.426  1.00 40.50  ? 13   GLY A CA  1 
ATOM   33  C  C   . GLY A 1 15  ? 2.420   5.275   16.408  1.00 40.87  ? 13   GLY A C   1 
ATOM   34  O  O   . GLY A 1 15  ? 3.112   4.644   15.600  1.00 42.14  ? 13   GLY A O   1 
ATOM   35  N  N   . CYS A 1 16  ? 2.361   6.636   16.453  1.00 37.73  ? 14   CYS A N   1 
ATOM   36  C  CA  . CYS A 1 16  ? 3.059   7.522   15.442  1.00 41.33  ? 14   CYS A CA  1 
ATOM   37  C  C   . CYS A 1 16  ? 4.440   7.941   15.895  1.00 39.16  ? 14   CYS A C   1 
ATOM   38  O  O   . CYS A 1 16  ? 4.582   8.447   16.979  1.00 42.56  ? 14   CYS A O   1 
ATOM   39  C  CB  . CYS A 1 16  ? 2.236   8.788   15.092  1.00 38.38  ? 14   CYS A CB  1 
ATOM   40  S  SG  . CYS A 1 16  ? 2.991   9.979   13.881  1.00 38.65  ? 14   CYS A SG  1 
ATOM   41  N  N   . GLU A 1 17  ? 5.473   7.731   15.085  1.00 43.77  ? 15   GLU A N   1 
ATOM   42  C  CA  . GLU A 1 17  ? 6.812   8.128   15.524  1.00 47.17  ? 15   GLU A CA  1 
ATOM   43  C  C   . GLU A 1 17  ? 7.158   9.550   15.117  1.00 44.38  ? 15   GLU A C   1 
ATOM   44  O  O   . GLU A 1 17  ? 7.724   10.306  15.870  1.00 47.19  ? 15   GLU A O   1 
ATOM   45  C  CB  . GLU A 1 17  ? 7.846   7.263   14.888  1.00 52.60  ? 15   GLU A CB  1 
ATOM   46  C  CG  . GLU A 1 17  ? 8.375   6.136   15.716  1.00 71.50  ? 15   GLU A CG  1 
ATOM   47  C  CD  . GLU A 1 17  ? 9.494   5.431   14.965  1.00 83.26  ? 15   GLU A CD  1 
ATOM   48  O  OE1 . GLU A 1 17  ? 10.269  6.135   14.274  1.00 81.61  ? 15   GLU A OE1 1 
ATOM   49  O  OE2 . GLU A 1 17  ? 9.585   4.187   15.033  1.00 89.18  ? 15   GLU A OE2 1 
ATOM   50  N  N   . LEU A 1 18  ? 6.848   9.880   13.887  1.00 49.68  ? 16   LEU A N   1 
ATOM   51  C  CA  . LEU A 1 18  ? 7.245   11.141  13.308  1.00 48.04  ? 16   LEU A CA  1 
ATOM   52  C  C   . LEU A 1 18  ? 5.952   11.839  13.006  1.00 31.08  ? 16   LEU A C   1 
ATOM   53  O  O   . LEU A 1 18  ? 5.093   11.338  12.284  1.00 35.39  ? 16   LEU A O   1 
ATOM   54  C  CB  . LEU A 1 18  ? 8.023   10.895  12.026  1.00 45.96  ? 16   LEU A CB  1 
ATOM   55  C  CG  . LEU A 1 18  ? 9.161   11.823  11.700  1.00 54.89  ? 16   LEU A CG  1 
ATOM   56  C  CD1 . LEU A 1 18  ? 9.798   11.456  10.331  1.00 33.61  ? 16   LEU A CD1 1 
ATOM   57  C  CD2 . LEU A 1 18  ? 8.569   13.164  11.696  1.00 59.08  ? 16   LEU A CD2 1 
ATOM   58  N  N   . CYS A 1 19  ? 5.820   13.001  13.577  1.00 32.43  ? 17   CYS A N   1 
ATOM   59  C  CA  . CYS A 1 19  ? 4.573   13.642  13.686  1.00 42.59  ? 17   CYS A CA  1 
ATOM   60  C  C   . CYS A 1 19  ? 4.531   15.126  13.199  1.00 47.18  ? 17   CYS A C   1 
ATOM   61  O  O   . CYS A 1 19  ? 5.362   15.964  13.573  1.00 45.58  ? 17   CYS A O   1 
ATOM   62  C  CB  . CYS A 1 19  ? 4.347   13.548  15.168  1.00 55.82  ? 17   CYS A CB  1 
ATOM   63  S  SG  . CYS A 1 19  ? 3.088   14.503  15.749  1.00 57.60  ? 17   CYS A SG  1 
ATOM   64  N  N   . SER A 1 20  ? 3.560   15.466  12.361  1.00 41.13  ? 18   SER A N   1 
ATOM   65  C  CA  . SER A 1 20  ? 3.448   16.861  12.000  1.00 45.81  ? 18   SER A CA  1 
ATOM   66  C  C   . SER A 1 20  ? 2.191   17.470  12.530  1.00 50.28  ? 18   SER A C   1 
ATOM   67  O  O   . SER A 1 20  ? 1.113   16.876  12.515  1.00 54.26  ? 18   SER A O   1 
ATOM   68  C  CB  . SER A 1 20  ? 3.471   17.103  10.503  1.00 50.74  ? 18   SER A CB  1 
ATOM   69  O  OG  . SER A 1 20  ? 2.684   18.262  10.242  1.00 48.00  ? 18   SER A OG  1 
ATOM   70  N  N   . GLU A 1 21  ? 2.354   18.693  12.965  1.00 52.10  ? 19   GLU A N   1 
ATOM   71  C  CA  . GLU A 1 21  ? 1.277   19.483  13.480  1.00 61.43  ? 19   GLU A CA  1 
ATOM   72  C  C   . GLU A 1 21  ? 0.162   19.556  12.424  1.00 54.56  ? 19   GLU A C   1 
ATOM   73  O  O   . GLU A 1 21  ? -0.993  19.690  12.755  1.00 60.28  ? 19   GLU A O   1 
ATOM   74  C  CB  . GLU A 1 21  ? 1.838   20.892  13.850  1.00 43.75  ? 19   GLU A CB  1 
ATOM   75  N  N   . VAL A 1 22  ? 0.495   19.464  11.146  1.00 49.05  ? 20   VAL A N   1 
ATOM   76  C  CA  . VAL A 1 22  ? -0.506  19.795  10.128  1.00 59.91  ? 20   VAL A CA  1 
ATOM   77  C  C   . VAL A 1 22  ? -0.970  18.595  9.296   1.00 66.93  ? 20   VAL A C   1 
ATOM   78  O  O   . VAL A 1 22  ? -2.149  18.476  8.958   1.00 68.04  ? 20   VAL A O   1 
ATOM   79  C  CB  . VAL A 1 22  ? 0.001   20.947  9.232   1.00 64.82  ? 20   VAL A CB  1 
ATOM   80  C  CG1 . VAL A 1 22  ? 1.524   21.017  9.280   1.00 69.62  ? 20   VAL A CG1 1 
ATOM   81  C  CG2 . VAL A 1 22  ? -0.489  20.811  7.795   1.00 59.71  ? 20   VAL A CG2 1 
ATOM   82  N  N   . ASN A 1 23  ? -0.028  17.715  8.976   1.00 63.91  ? 21   ASN A N   1 
ATOM   83  C  CA  . ASN A 1 23  ? -0.304  16.530  8.200   1.00 51.53  ? 21   ASN A CA  1 
ATOM   84  C  C   . ASN A 1 23  ? -0.433  15.296  9.071   1.00 54.17  ? 21   ASN A C   1 
ATOM   85  O  O   . ASN A 1 23  ? -0.574  14.192  8.565   1.00 61.45  ? 21   ASN A O   1 
ATOM   86  C  CB  . ASN A 1 23  ? 0.822   16.294  7.215   1.00 44.59  ? 21   ASN A CB  1 
ATOM   87  C  CG  . ASN A 1 23  ? 0.965   17.407  6.233   1.00 58.47  ? 21   ASN A CG  1 
ATOM   88  O  OD1 . ASN A 1 23  ? 1.901   18.204  6.324   1.00 63.56  ? 21   ASN A OD1 1 
ATOM   89  N  ND2 . ASN A 1 23  ? 0.052   17.468  5.261   1.00 59.36  ? 21   ASN A ND2 1 
ATOM   90  N  N   . GLY A 1 24  ? -0.353  15.453  10.380  1.00 52.64  ? 22   GLY A N   1 
ATOM   91  C  CA  . GLY A 1 24  ? -0.527  14.292  11.248  1.00 41.69  ? 22   GLY A CA  1 
ATOM   92  C  C   . GLY A 1 24  ? 0.633   13.311  11.239  1.00 41.76  ? 22   GLY A C   1 
ATOM   93  O  O   . GLY A 1 24  ? 1.769   13.745  11.233  1.00 40.15  ? 22   GLY A O   1 
ATOM   94  N  N   . CYS A 1 25  ? 0.381   11.996  11.235  1.00 37.07  ? 23   CYS A N   1 
ATOM   95  C  CA  . CYS A 1 25  ? 1.523   11.114  11.330  1.00 38.49  ? 23   CYS A CA  1 
ATOM   96  C  C   . CYS A 1 25  ? 2.250   11.067  9.978   1.00 43.08  ? 23   CYS A C   1 
ATOM   97  O  O   . CYS A 1 25  ? 1.611   11.057  8.925   1.00 40.34  ? 23   CYS A O   1 
ATOM   98  C  CB  . CYS A 1 25  ? 1.135   9.692   11.760  1.00 38.80  ? 23   CYS A CB  1 
ATOM   99  S  SG  . CYS A 1 25  ? 2.647   8.747   12.210  1.00 40.65  ? 23   CYS A SG  1 
ATOM   100 N  N   . LEU A 1 26  ? 3.584   11.030  10.014  1.00 39.24  ? 24   LEU A N   1 
ATOM   101 C  CA  . LEU A 1 26  ? 4.392   10.817  8.813   1.00 33.04  ? 24   LEU A CA  1 
ATOM   102 C  C   . LEU A 1 26  ? 5.187   9.515   8.832   1.00 43.95  ? 24   LEU A C   1 
ATOM   103 O  O   . LEU A 1 26  ? 5.637   9.035   7.784   1.00 46.64  ? 24   LEU A O   1 
ATOM   104 C  CB  . LEU A 1 26  ? 5.344   11.973  8.592   1.00 36.71  ? 24   LEU A CB  1 
ATOM   105 C  CG  . LEU A 1 26  ? 4.432   13.179  8.576   1.00 47.97  ? 24   LEU A CG  1 
ATOM   106 C  CD1 . LEU A 1 26  ? 5.207   14.466  8.715   1.00 53.82  ? 24   LEU A CD1 1 
ATOM   107 C  CD2 . LEU A 1 26  ? 3.689   13.086  7.258   1.00 47.12  ? 24   LEU A CD2 1 
ATOM   108 N  N   . LYS A 1 27  ? 5.370   8.936   10.004  1.00 46.65  ? 25   LYS A N   1 
ATOM   109 C  CA  . LYS A 1 27  ? 6.042   7.669   10.067  1.00 37.27  ? 25   LYS A CA  1 
ATOM   110 C  C   . LYS A 1 27  ? 5.543   7.013   11.311  1.00 34.24  ? 25   LYS A C   1 
ATOM   111 O  O   . LYS A 1 27  ? 5.713   7.565   12.397  1.00 43.72  ? 25   LYS A O   1 
ATOM   112 C  CB  . LYS A 1 27  ? 7.530   7.891   10.180  1.00 38.26  ? 25   LYS A CB  1 
ATOM   113 C  CG  . LYS A 1 27  ? 8.323   6.669   9.855   1.00 48.46  ? 25   LYS A CG  1 
ATOM   114 C  CD  . LYS A 1 27  ? 9.419   6.400   10.864  1.00 54.10  ? 25   LYS A CD  1 
ATOM   115 C  CE  . LYS A 1 27  ? 9.980   4.986   10.636  1.00 65.37  ? 25   LYS A CE  1 
ATOM   116 N  NZ  . LYS A 1 27  ? 10.701  4.426   11.831  1.00 74.04  ? 25   LYS A NZ  1 
ATOM   117 N  N   . CYS A 1 28  ? 4.846   5.895   11.127  1.00 30.91  ? 26   CYS A N   1 
ATOM   118 C  CA  . CYS A 1 28  ? 4.290   5.096   12.199  1.00 37.72  ? 26   CYS A CA  1 
ATOM   119 C  C   . CYS A 1 28  ? 5.434   4.254   12.711  1.00 47.91  ? 26   CYS A C   1 
ATOM   120 O  O   . CYS A 1 28  ? 6.457   4.097   12.015  1.00 50.91  ? 26   CYS A O   1 
ATOM   121 C  CB  . CYS A 1 28  ? 3.133   4.196   11.662  1.00 30.30  ? 26   CYS A CB  1 
ATOM   122 S  SG  . CYS A 1 28  ? 1.812   5.217   10.901  1.00 39.31  ? 26   CYS A SG  1 
ATOM   123 N  N   . SER A 1 29  ? 5.287   3.746   13.927  1.00 45.06  ? 27   SER A N   1 
ATOM   124 C  CA  . SER A 1 29  ? 6.221   2.772   14.484  1.00 34.94  ? 27   SER A CA  1 
ATOM   125 C  C   . SER A 1 29  ? 6.142   1.486   13.646  1.00 42.95  ? 27   SER A C   1 
ATOM   126 O  O   . SER A 1 29  ? 5.094   1.175   13.109  1.00 46.24  ? 27   SER A O   1 
ATOM   127 C  CB  . SER A 1 29  ? 5.842   2.431   15.945  1.00 46.92  ? 27   SER A CB  1 
ATOM   128 O  OG  . SER A 1 29  ? 4.650   1.649   16.020  1.00 43.49  ? 27   SER A OG  1 
ATOM   129 N  N   . PRO A 1 30  ? 7.239   0.726   13.574  1.00 59.08  ? 28   PRO A N   1 
ATOM   130 C  CA  . PRO A 1 30  ? 7.351   -0.329  12.563  1.00 57.68  ? 28   PRO A CA  1 
ATOM   131 C  C   . PRO A 1 30  ? 6.295   -1.451  12.713  1.00 66.07  ? 28   PRO A C   1 
ATOM   132 O  O   . PRO A 1 30  ? 5.999   -2.203  11.770  1.00 63.25  ? 28   PRO A O   1 
ATOM   133 C  CB  . PRO A 1 30  ? 8.795   -0.835  12.738  1.00 49.81  ? 28   PRO A CB  1 
ATOM   134 C  CG  . PRO A 1 30  ? 9.207   -0.411  14.066  1.00 54.81  ? 28   PRO A CG  1 
ATOM   135 C  CD  . PRO A 1 30  ? 8.461   0.847   14.385  1.00 56.07  ? 28   PRO A CD  1 
ATOM   136 N  N   . LYS A 1 31  ? 5.695   -1.538  13.890  1.00 75.21  ? 29   LYS A N   1 
ATOM   137 C  CA  . LYS A 1 31  ? 4.602   -2.476  14.082  1.00 80.50  ? 29   LYS A CA  1 
ATOM   138 C  C   . LYS A 1 31  ? 3.508   -2.227  13.036  1.00 71.50  ? 29   LYS A C   1 
ATOM   139 O  O   . LYS A 1 31  ? 3.039   -3.166  12.401  1.00 67.79  ? 29   LYS A O   1 
ATOM   140 C  CB  . LYS A 1 31  ? 4.010   -2.331  15.490  1.00 90.85  ? 29   LYS A CB  1 
ATOM   141 C  CG  . LYS A 1 31  ? 5.036   -2.168  16.623  1.00 99.00  ? 29   LYS A CG  1 
ATOM   142 C  CD  . LYS A 1 31  ? 5.376   -3.504  17.296  1.00 105.57 ? 29   LYS A CD  1 
ATOM   143 C  CE  . LYS A 1 31  ? 5.885   -3.288  18.718  1.00 109.52 ? 29   LYS A CE  1 
ATOM   144 N  NZ  . LYS A 1 31  ? 6.868   -2.156  18.785  1.00 111.43 ? 29   LYS A NZ  1 
ATOM   145 N  N   . LEU A 1 32  ? 3.184   -0.950  12.819  1.00 59.16  ? 30   LEU A N   1 
ATOM   146 C  CA  . LEU A 1 32  ? 1.920   -0.512  12.209  1.00 44.36  ? 30   LEU A CA  1 
ATOM   147 C  C   . LEU A 1 32  ? 2.130   -0.078  10.756  1.00 34.01  ? 30   LEU A C   1 
ATOM   148 O  O   . LEU A 1 32  ? 3.269   -0.011  10.295  1.00 36.47  ? 30   LEU A O   1 
ATOM   149 C  CB  . LEU A 1 32  ? 1.365   0.675   13.024  1.00 39.47  ? 30   LEU A CB  1 
ATOM   150 C  CG  . LEU A 1 32  ? 0.930   0.487   14.493  1.00 43.74  ? 30   LEU A CG  1 
ATOM   151 C  CD1 . LEU A 1 32  ? 0.662   1.828   15.239  1.00 30.95  ? 30   LEU A CD1 1 
ATOM   152 C  CD2 . LEU A 1 32  ? -0.336  -0.399  14.568  1.00 32.38  ? 30   LEU A CD2 1 
ATOM   153 N  N   . PHE A 1 33  ? 1.046   0.279   10.064  1.00 27.19  ? 31   PHE A N   1 
ATOM   154 C  CA  . PHE A 1 33  ? 1.094   0.624   8.645   1.00 29.97  ? 31   PHE A CA  1 
ATOM   155 C  C   . PHE A 1 33  ? 0.555   2.032   8.484   1.00 34.82  ? 31   PHE A C   1 
ATOM   156 O  O   . PHE A 1 33  ? -0.545  2.324   8.974   1.00 25.79  ? 31   PHE A O   1 
ATOM   157 C  CB  . PHE A 1 33  ? 0.202   -0.267  7.808   1.00 34.64  ? 31   PHE A CB  1 
ATOM   158 C  CG  . PHE A 1 33  ? 0.627   -1.715  7.767   1.00 40.45  ? 31   PHE A CG  1 
ATOM   159 C  CD1 . PHE A 1 33  ? 0.327   -2.562  8.820   1.00 40.60  ? 31   PHE A CD1 1 
ATOM   160 C  CD2 . PHE A 1 33  ? 1.274   -2.232  6.641   1.00 37.57  ? 31   PHE A CD2 1 
ATOM   161 C  CE1 . PHE A 1 33  ? 0.704   -3.898  8.786   1.00 45.87  ? 31   PHE A CE1 1 
ATOM   162 C  CE2 . PHE A 1 33  ? 1.666   -3.548  6.598   1.00 32.98  ? 31   PHE A CE2 1 
ATOM   163 C  CZ  . PHE A 1 33  ? 1.382   -4.403  7.672   1.00 30.70  ? 31   PHE A CZ  1 
ATOM   164 N  N   . ILE A 1 34  ? 1.321   2.907   7.827   1.00 23.85  ? 32   ILE A N   1 
ATOM   165 C  CA  . ILE A 1 34  ? 0.799   4.226   7.561   1.00 27.06  ? 32   ILE A CA  1 
ATOM   166 C  C   . ILE A 1 34  ? -0.169  4.211   6.383   1.00 35.80  ? 32   ILE A C   1 
ATOM   167 O  O   . ILE A 1 34  ? 0.114   3.657   5.307   1.00 34.74  ? 32   ILE A O   1 
ATOM   168 C  CB  . ILE A 1 34  ? 1.919   5.296   7.340   1.00 24.49  ? 32   ILE A CB  1 
ATOM   169 C  CG1 . ILE A 1 34  ? 1.325   6.699   7.463   1.00 22.42  ? 32   ILE A CG1 1 
ATOM   170 C  CG2 . ILE A 1 34  ? 2.729   5.050   5.956   1.00 25.76  ? 32   ILE A CG2 1 
ATOM   171 C  CD1 . ILE A 1 34  ? 2.399   7.767   7.680   1.00 35.54  ? 32   ILE A CD1 1 
ATOM   172 N  N   . LEU A 1 35  ? -1.327  4.800   6.613   1.00 28.77  ? 33   LEU A N   1 
ATOM   173 C  CA  . LEU A 1 35  ? -2.238  5.102   5.541   1.00 29.76  ? 33   LEU A CA  1 
ATOM   174 C  C   . LEU A 1 35  ? -2.259  6.594   5.385   1.00 33.41  ? 33   LEU A C   1 
ATOM   175 O  O   . LEU A 1 35  ? -2.517  7.388   6.382   1.00 29.67  ? 33   LEU A O   1 
ATOM   176 C  CB  . LEU A 1 35  ? -3.654  4.563   5.844   1.00 34.13  ? 33   LEU A CB  1 
ATOM   177 C  CG  . LEU A 1 35  ? -4.740  5.010   4.845   1.00 43.79  ? 33   LEU A CG  1 
ATOM   178 C  CD1 . LEU A 1 35  ? -4.507  4.471   3.403   1.00 35.49  ? 33   LEU A CD1 1 
ATOM   179 C  CD2 . LEU A 1 35  ? -6.187  4.738   5.308   1.00 50.15  ? 33   LEU A CD2 1 
ATOM   180 N  N   . LEU A 1 36  ? -1.963  7.000   4.158   1.00 27.04  ? 34   LEU A N   1 
ATOM   181 C  CA  . LEU A 1 36  ? -1.898  8.429   3.778   1.00 45.16  ? 34   LEU A CA  1 
ATOM   182 C  C   . LEU A 1 36  ? -3.059  8.899   2.960   1.00 62.79  ? 34   LEU A C   1 
ATOM   183 O  O   . LEU A 1 36  ? -2.963  8.967   1.729   1.00 63.06  ? 34   LEU A O   1 
ATOM   184 C  CB  . LEU A 1 36  ? -0.684  8.703   2.925   1.00 42.04  ? 34   LEU A CB  1 
ATOM   185 C  CG  . LEU A 1 36  ? 0.574   8.801   3.750   1.00 51.77  ? 34   LEU A CG  1 
ATOM   186 C  CD1 . LEU A 1 36  ? 1.770   8.825   2.777   1.00 58.37  ? 34   LEU A CD1 1 
ATOM   187 C  CD2 . LEU A 1 36  ? 0.496   10.007  4.662   1.00 47.38  ? 34   LEU A CD2 1 
ATOM   188 N  N   A GLU A 1 37  ? -4.184  9.203   3.586   0.50 72.60  ? 35   GLU A N   1 
ATOM   189 N  N   B GLU A 1 37  ? -4.126  9.275   3.656   0.50 51.55  ? 35   GLU A N   1 
ATOM   190 C  CA  A GLU A 1 37  ? -5.324  9.602   2.770   0.50 56.62  ? 35   GLU A CA  1 
ATOM   191 C  CA  B GLU A 1 37  ? -5.278  9.893   3.023   0.50 57.28  ? 35   GLU A CA  1 
ATOM   192 C  C   A GLU A 1 37  ? -5.211  11.047  2.250   0.50 61.75  ? 35   GLU A C   1 
ATOM   193 C  C   B GLU A 1 37  ? -4.866  11.180  2.315   0.50 62.12  ? 35   GLU A C   1 
ATOM   194 O  O   A GLU A 1 37  ? -5.509  12.024  2.960   0.50 64.60  ? 35   GLU A O   1 
ATOM   195 O  O   B GLU A 1 37  ? -4.645  12.208  2.967   0.50 64.28  ? 35   GLU A O   1 
ATOM   196 C  CB  A GLU A 1 37  ? -6.675  9.300   3.439   0.50 54.24  ? 35   GLU A CB  1 
ATOM   197 C  CB  B GLU A 1 37  ? -6.365  10.244  4.049   0.50 51.28  ? 35   GLU A CB  1 
ATOM   198 C  CG  A GLU A 1 37  ? -7.494  8.247   2.645   0.50 64.54  ? 35   GLU A CG  1 
ATOM   199 C  CG  B GLU A 1 37  ? -6.278  9.529   5.362   0.50 50.26  ? 35   GLU A CG  1 
ATOM   200 C  CD  A GLU A 1 37  ? -8.749  7.785   3.364   0.50 60.17  ? 35   GLU A CD  1 
ATOM   201 C  CD  B GLU A 1 37  ? -7.615  9.540   6.077   0.50 59.61  ? 35   GLU A CD  1 
ATOM   202 O  OE1 A GLU A 1 37  ? -9.354  8.599   4.085   0.50 59.37  ? 35   GLU A OE1 1 
ATOM   203 O  OE1 B GLU A 1 37  ? -8.659  9.727   5.410   0.50 56.13  ? 35   GLU A OE1 1 
ATOM   204 O  OE2 A GLU A 1 37  ? -9.134  6.610   3.196   0.50 62.58  ? 35   GLU A OE2 1 
ATOM   205 O  OE2 B GLU A 1 37  ? -7.624  9.363   7.311   0.50 68.18  ? 35   GLU A OE2 1 
ATOM   206 N  N   . ARG A 1 38  ? -4.791  11.149  0.989   1.00 179.01 ? 36   ARG A N   1 
ATOM   207 C  CA  . ARG A 1 38  ? -4.642  12.408  0.255   1.00 171.05 ? 36   ARG A CA  1 
ATOM   208 C  C   . ARG A 1 38  ? -5.960  13.220  0.177   1.00 163.99 ? 36   ARG A C   1 
ATOM   209 O  O   . ARG A 1 38  ? -6.198  13.914  -0.811  1.00 163.42 ? 36   ARG A O   1 
ATOM   210 C  CB  . ARG A 1 38  ? -4.016  12.168  -1.144  1.00 119.68 ? 36   ARG A CB  1 
ATOM   211 C  CG  . ARG A 1 38  ? -4.340  10.798  -1.825  1.00 146.10 ? 36   ARG A CG  1 
ATOM   212 C  CD  . ARG A 1 38  ? -3.540  10.537  -3.151  1.00 143.86 ? 36   ARG A CD  1 
ATOM   213 N  NE  . ARG A 1 38  ? -4.375  10.543  -4.368  1.00 140.59 ? 36   ARG A NE  1 
ATOM   214 C  CZ  . ARG A 1 38  ? -3.916  10.457  -5.621  1.00 132.48 ? 36   ARG A CZ  1 
ATOM   215 N  NH1 . ARG A 1 38  ? -2.613  10.351  -5.852  1.00 130.10 ? 36   ARG A NH1 1 
ATOM   216 N  NH2 . ARG A 1 38  ? -4.761  10.483  -6.646  1.00 127.14 ? 36   ARG A NH2 1 
ATOM   217 N  N   . ASN A 1 39  ? -6.784  13.140  1.234   1.00 158.38 ? 37   ASN A N   1 
ATOM   218 C  CA  . ASN A 1 39  ? -8.111  13.771  1.316   1.00 152.41 ? 37   ASN A CA  1 
ATOM   219 C  C   . ASN A 1 39  ? -8.043  15.266  1.025   1.00 150.83 ? 37   ASN A C   1 
ATOM   220 O  O   . ASN A 1 39  ? -7.106  15.939  1.459   1.00 155.31 ? 37   ASN A O   1 
ATOM   221 C  CB  . ASN A 1 39  ? -8.746  13.544  2.704   1.00 146.99 ? 37   ASN A CB  1 
ATOM   222 C  CG  . ASN A 1 39  ? -9.485  12.205  2.824   1.00 142.83 ? 37   ASN A CG  1 
ATOM   223 O  OD1 . ASN A 1 39  ? -10.003 11.669  1.842   1.00 141.98 ? 37   ASN A OD1 1 
ATOM   224 N  ND2 . ASN A 1 39  ? -9.551  11.676  4.042   1.00 140.15 ? 37   ASN A ND2 1 
ATOM   225 N  N   . ASP A 1 40  ? -9.024  15.788  0.294   1.00 142.36 ? 38   ASP A N   1 
ATOM   226 C  CA  . ASP A 1 40  ? -8.988  17.194  -0.093  1.00 136.36 ? 38   ASP A CA  1 
ATOM   227 C  C   . ASP A 1 40  ? -8.928  18.131  1.130   1.00 131.69 ? 38   ASP A C   1 
ATOM   228 O  O   . ASP A 1 40  ? -9.768  18.059  2.035   1.00 129.17 ? 38   ASP A O   1 
ATOM   229 C  CB  . ASP A 1 40  ? -10.161 17.537  -1.022  1.00 134.01 ? 38   ASP A CB  1 
ATOM   230 C  CG  . ASP A 1 40  ? -9.891  18.767  -1.887  1.00 131.78 ? 38   ASP A CG  1 
ATOM   231 O  OD1 . ASP A 1 40  ? -9.623  19.851  -1.324  1.00 132.67 ? 38   ASP A OD1 1 
ATOM   232 O  OD2 . ASP A 1 40  ? -9.967  18.654  -3.132  1.00 128.35 ? 38   ASP A OD2 1 
ATOM   233 N  N   . ILE A 1 41  ? -7.900  18.976  1.164   1.00 129.06 ? 39   ILE A N   1 
ATOM   234 C  CA  . ILE A 1 41  ? -6.865  18.977  0.129   1.00 126.18 ? 39   ILE A CA  1 
ATOM   235 C  C   . ILE A 1 41  ? -5.514  18.560  0.704   1.00 127.25 ? 39   ILE A C   1 
ATOM   236 O  O   . ILE A 1 41  ? -4.654  18.024  0.003   1.00 128.51 ? 39   ILE A O   1 
ATOM   237 C  CB  . ILE A 1 41  ? -6.726  20.356  -0.536  1.00 119.81 ? 39   ILE A CB  1 
ATOM   238 C  CG1 . ILE A 1 41  ? -5.764  20.285  -1.726  1.00 118.54 ? 39   ILE A CG1 1 
ATOM   239 C  CG2 . ILE A 1 41  ? -6.278  21.384  0.479   1.00 117.63 ? 39   ILE A CG2 1 
ATOM   240 C  CD1 . ILE A 1 41  ? -6.066  19.152  -2.693  1.00 115.50 ? 39   ILE A CD1 1 
ATOM   241 N  N   . ARG A 1 42  ? -5.337  18.798  1.993   1.00 125.81 ? 40   ARG A N   1 
ATOM   242 C  CA  . ARG A 1 42  ? -4.074  18.491  2.619   1.00 127.12 ? 40   ARG A CA  1 
ATOM   243 C  C   . ARG A 1 42  ? -3.987  17.006  2.923   1.00 134.68 ? 40   ARG A C   1 
ATOM   244 O  O   . ARG A 1 42  ? -5.002  16.333  3.051   1.00 131.66 ? 40   ARG A O   1 
ATOM   245 C  CB  . ARG A 1 42  ? -3.904  19.318  3.883   1.00 123.26 ? 40   ARG A CB  1 
ATOM   246 C  CG  . ARG A 1 42  ? -2.487  19.781  4.065   1.00 123.13 ? 40   ARG A CG  1 
ATOM   247 C  CD  . ARG A 1 42  ? -1.944  20.300  2.745   1.00 123.80 ? 40   ARG A CD  1 
ATOM   248 N  NE  . ARG A 1 42  ? -0.483  20.318  2.716   1.00 124.61 ? 40   ARG A NE  1 
ATOM   249 C  CZ  . ARG A 1 42  ? 0.271   19.325  2.252   1.00 122.60 ? 40   ARG A CZ  1 
ATOM   250 N  NH1 . ARG A 1 42  ? -0.291  18.220  1.771   1.00 121.20 ? 40   ARG A NH1 1 
ATOM   251 N  NH2 . ARG A 1 42  ? 1.592   19.437  2.271   1.00 122.49 ? 40   ARG A NH2 1 
ATOM   252 N  N   . GLN A 1 43  ? -2.771  16.493  3.035   1.00 148.54 ? 41   GLN A N   1 
ATOM   253 C  CA  . GLN A 1 43  ? -2.586  15.071  3.302   1.00 47.37  ? 41   GLN A CA  1 
ATOM   254 C  C   . GLN A 1 43  ? -2.554  14.755  4.784   1.00 49.37  ? 41   GLN A C   1 
ATOM   255 O  O   . GLN A 1 43  ? -1.940  15.493  5.565   1.00 59.75  ? 41   GLN A O   1 
ATOM   256 C  CB  . GLN A 1 43  ? -1.287  14.587  2.670   1.00 59.97  ? 41   GLN A CB  1 
ATOM   257 C  CG  . GLN A 1 43  ? -1.506  13.646  1.543   1.00 69.82  ? 41   GLN A CG  1 
ATOM   258 C  CD  . GLN A 1 43  ? -0.380  12.656  1.437   1.00 83.42  ? 41   GLN A CD  1 
ATOM   259 O  OE1 . GLN A 1 43  ? 0.729   12.933  1.902   1.00 85.99  ? 41   GLN A OE1 1 
ATOM   260 N  NE2 . GLN A 1 43  ? -0.654  11.483  0.846   1.00 88.59  ? 41   GLN A NE2 1 
ATOM   261 N  N   . VAL A 1 44  ? -3.226  13.680  5.187   1.00 59.07  ? 42   VAL A N   1 
ATOM   262 C  CA  . VAL A 1 44  ? -3.279  13.308  6.602   1.00 44.93  ? 42   VAL A CA  1 
ATOM   263 C  C   . VAL A 1 44  ? -2.904  11.844  6.809   1.00 34.25  ? 42   VAL A C   1 
ATOM   264 O  O   . VAL A 1 44  ? -3.508  10.971  6.214   1.00 40.92  ? 42   VAL A O   1 
ATOM   265 C  CB  . VAL A 1 44  ? -4.707  13.477  7.178   1.00 54.68  ? 42   VAL A CB  1 
ATOM   266 C  CG1 . VAL A 1 44  ? -4.681  13.372  8.690   1.00 52.10  ? 42   VAL A CG1 1 
ATOM   267 C  CG2 . VAL A 1 44  ? -5.307  14.789  6.758   1.00 61.65  ? 42   VAL A CG2 1 
ATOM   268 N  N   . GLY A 1 45  ? -1.957  11.552  7.688   1.00 26.69  ? 43   GLY A N   1 
ATOM   269 C  CA  . GLY A 1 45  ? -1.642  10.157  7.970   1.00 36.85  ? 43   GLY A CA  1 
ATOM   270 C  C   . GLY A 1 45  ? -2.291  9.521   9.202   1.00 38.83  ? 43   GLY A C   1 
ATOM   271 O  O   . GLY A 1 45  ? -2.370  10.134  10.276  1.00 43.18  ? 43   GLY A O   1 
ATOM   272 N  N   . VAL A 1 46  ? -2.752  8.281   9.056   1.00 28.86  ? 44   VAL A N   1 
ATOM   273 C  CA  . VAL A 1 46  ? -3.113  7.476   10.219  1.00 23.13  ? 44   VAL A CA  1 
ATOM   274 C  C   . VAL A 1 46  ? -2.277  6.206   10.371  1.00 36.89  ? 44   VAL A C   1 
ATOM   275 O  O   . VAL A 1 46  ? -1.767  5.640   9.368   1.00 33.90  ? 44   VAL A O   1 
ATOM   276 C  CB  . VAL A 1 46  ? -4.569  7.087   10.167  1.00 44.28  ? 44   VAL A CB  1 
ATOM   277 C  CG1 . VAL A 1 46  ? -5.117  7.129   11.555  1.00 44.93  ? 44   VAL A CG1 1 
ATOM   278 C  CG2 . VAL A 1 46  ? -5.314  8.063   9.259   1.00 50.47  ? 44   VAL A CG2 1 
ATOM   279 N  N   . CYS A 1 47  ? -2.154  5.733   11.611  1.00 31.20  ? 45   CYS A N   1 
ATOM   280 C  CA  . CYS A 1 47  ? -1.504  4.444   11.878  1.00 25.48  ? 45   CYS A CA  1 
ATOM   281 C  C   . CYS A 1 47  ? -2.443  3.252   12.154  1.00 39.14  ? 45   CYS A C   1 
ATOM   282 O  O   . CYS A 1 47  ? -3.200  3.216   13.136  1.00 36.33  ? 45   CYS A O   1 
ATOM   283 C  CB  . CYS A 1 47  ? -0.409  4.550   12.935  1.00 22.38  ? 45   CYS A CB  1 
ATOM   284 S  SG  . CYS A 1 47  ? 0.813   5.933   12.629  1.00 32.06  ? 45   CYS A SG  1 
ATOM   285 N  N   . LEU A 1 48  ? -2.336  2.250   11.290  1.00 35.83  ? 46   LEU A N   1 
ATOM   286 C  CA  . LEU A 1 48  ? -3.229  1.124   11.313  1.00 27.04  ? 46   LEU A CA  1 
ATOM   287 C  C   . LEU A 1 48  ? -2.496  -0.176  11.560  1.00 33.09  ? 46   LEU A C   1 
ATOM   288 O  O   . LEU A 1 48  ? -1.353  -0.324  11.192  1.00 32.22  ? 46   LEU A O   1 
ATOM   289 C  CB  . LEU A 1 48  ? -4.061  1.049   10.023  1.00 35.75  ? 46   LEU A CB  1 
ATOM   290 C  CG  . LEU A 1 48  ? -4.833  2.342   9.703   1.00 48.32  ? 46   LEU A CG  1 
ATOM   291 C  CD1 . LEU A 1 48  ? -5.503  2.254   8.357   1.00 26.14  ? 46   LEU A CD1 1 
ATOM   292 C  CD2 . LEU A 1 48  ? -5.879  2.722   10.798  1.00 37.11  ? 46   LEU A CD2 1 
ATOM   293 N  N   . PRO A 1 49  ? -3.182  -1.135  12.208  1.00 38.14  ? 47   PRO A N   1 
ATOM   294 C  CA  . PRO A 1 49  ? -2.711  -2.498  12.381  1.00 41.13  ? 47   PRO A CA  1 
ATOM   295 C  C   . PRO A 1 49  ? -2.722  -3.335  11.070  1.00 45.69  ? 47   PRO A C   1 
ATOM   296 O  O   . PRO A 1 49  ? -2.053  -4.359  11.059  1.00 43.55  ? 47   PRO A O   1 
ATOM   297 C  CB  . PRO A 1 49  ? -3.720  -3.065  13.378  1.00 41.08  ? 47   PRO A CB  1 
ATOM   298 C  CG  . PRO A 1 49  ? -4.988  -2.314  13.059  1.00 38.63  ? 47   PRO A CG  1 
ATOM   299 C  CD  . PRO A 1 49  ? -4.465  -0.915  12.894  1.00 30.68  ? 47   PRO A CD  1 
ATOM   300 N  N   . SER A 1 50  ? -3.453  -2.903  10.031  1.00 27.71  ? 48   SER A N   1 
ATOM   301 C  CA  . SER A 1 50  ? -3.610  -3.608  8.739   1.00 33.22  ? 48   SER A CA  1 
ATOM   302 C  C   . SER A 1 50  ? -4.232  -2.549  7.812   1.00 36.80  ? 48   SER A C   1 
ATOM   303 O  O   . SER A 1 50  ? -4.780  -1.550  8.316   1.00 30.97  ? 48   SER A O   1 
ATOM   304 C  CB  . SER A 1 50  ? -4.567  -4.832  8.875   1.00 44.54  ? 48   SER A CB  1 
ATOM   305 O  OG  . SER A 1 50  ? -5.537  -4.612  9.917   1.00 42.36  ? 48   SER A OG  1 
ATOM   306 N  N   . CYS A 1 51  ? -4.155  -2.756  6.494   1.00 31.82  ? 49   CYS A N   1 
ATOM   307 C  CA  . CYS A 1 51  ? -4.610  -1.789  5.498   1.00 30.06  ? 49   CYS A CA  1 
ATOM   308 C  C   . CYS A 1 51  ? -6.078  -1.981  5.102   1.00 34.15  ? 49   CYS A C   1 
ATOM   309 O  O   . CYS A 1 51  ? -6.664  -3.015  5.323   1.00 37.64  ? 49   CYS A O   1 
ATOM   310 C  CB  . CYS A 1 51  ? -3.714  -1.839  4.254   1.00 34.34  ? 49   CYS A CB  1 
ATOM   311 S  SG  . CYS A 1 51  ? -2.069  -1.367  4.731   1.00 44.55  ? 49   CYS A SG  1 
ATOM   312 N  N   . PRO A 1 52  ? -6.689  -0.942  4.547   1.00 33.70  ? 50   PRO A N   1 
ATOM   313 C  CA  . PRO A 1 52  ? -8.067  -1.061  4.132   1.00 34.07  ? 50   PRO A CA  1 
ATOM   314 C  C   . PRO A 1 52  ? -8.132  -1.849  2.840   1.00 45.20  ? 50   PRO A C   1 
ATOM   315 O  O   . PRO A 1 52  ? -7.108  -2.075  2.169   1.00 43.21  ? 50   PRO A O   1 
ATOM   316 C  CB  . PRO A 1 52  ? -8.480  0.404   3.887   1.00 39.74  ? 50   PRO A CB  1 
ATOM   317 C  CG  . PRO A 1 52  ? -7.409  1.235   4.417   1.00 41.24  ? 50   PRO A CG  1 
ATOM   318 C  CD  . PRO A 1 52  ? -6.181  0.427   4.365   1.00 43.34  ? 50   PRO A CD  1 
ATOM   319 N  N   . PRO A 1 53  ? -9.340  -2.280  2.484   1.00 45.96  ? 51   PRO A N   1 
ATOM   320 C  CA  . PRO A 1 53  ? -9.609  -3.098  1.299   1.00 45.02  ? 51   PRO A CA  1 
ATOM   321 C  C   . PRO A 1 53  ? -9.040  -2.478  0.050   1.00 54.95  ? 51   PRO A C   1 
ATOM   322 O  O   . PRO A 1 53  ? -9.157  -1.276  -0.160  1.00 61.78  ? 51   PRO A O   1 
ATOM   323 C  CB  . PRO A 1 53  ? -11.144 -3.123  1.223   1.00 47.00  ? 51   PRO A CB  1 
ATOM   324 C  CG  . PRO A 1 53  ? -11.636 -2.280  2.431   1.00 56.66  ? 51   PRO A CG  1 
ATOM   325 C  CD  . PRO A 1 53  ? -10.495 -2.208  3.383   1.00 47.84  ? 51   PRO A CD  1 
ATOM   326 N  N   . GLY A 1 54  ? -8.402  -3.293  -0.764  1.00 56.69  ? 52   GLY A N   1 
ATOM   327 C  CA  . GLY A 1 54  ? -7.777  -2.771  -1.959  1.00 40.82  ? 52   GLY A CA  1 
ATOM   328 C  C   . GLY A 1 54  ? -6.486  -2.000  -1.735  1.00 42.80  ? 52   GLY A C   1 
ATOM   329 O  O   . GLY A 1 54  ? -5.926  -1.425  -2.691  1.00 49.69  ? 52   GLY A O   1 
ATOM   330 N  N   . TYR A 1 55  ? -6.004  -1.968  -0.495  1.00 51.75  ? 53   TYR A N   1 
ATOM   331 C  CA  . TYR A 1 55  ? -4.646  -1.493  -0.265  1.00 35.43  ? 53   TYR A CA  1 
ATOM   332 C  C   . TYR A 1 55  ? -3.721  -2.668  -0.155  1.00 41.33  ? 53   TYR A C   1 
ATOM   333 O  O   . TYR A 1 55  ? -4.114  -3.736  0.373   1.00 33.29  ? 53   TYR A O   1 
ATOM   334 C  CB  . TYR A 1 55  ? -4.540  -0.630  0.967   1.00 34.81  ? 53   TYR A CB  1 
ATOM   335 C  CG  . TYR A 1 55  ? -5.011  0.741   0.671   1.00 39.36  ? 53   TYR A CG  1 
ATOM   336 C  CD1 . TYR A 1 55  ? -6.364  0.985   0.494   1.00 43.37  ? 53   TYR A CD1 1 
ATOM   337 C  CD2 . TYR A 1 55  ? -4.118  1.808   0.570   1.00 39.34  ? 53   TYR A CD2 1 
ATOM   338 C  CE1 . TYR A 1 55  ? -6.837  2.264   0.214   1.00 45.55  ? 53   TYR A CE1 1 
ATOM   339 C  CE2 . TYR A 1 55  ? -4.578  3.098   0.277   1.00 36.23  ? 53   TYR A CE2 1 
ATOM   340 C  CZ  . TYR A 1 55  ? -5.943  3.311   0.095   1.00 44.78  ? 53   TYR A CZ  1 
ATOM   341 O  OH  . TYR A 1 55  ? -6.462  4.553   -0.199  1.00 51.42  ? 53   TYR A OH  1 
ATOM   342 N  N   . PHE A 1 56  ? -2.517  -2.502  -0.707  1.00 23.82  ? 54   PHE A N   1 
ATOM   343 C  CA  . PHE A 1 56  ? -1.529  -3.553  -0.582  1.00 23.63  ? 54   PHE A CA  1 
ATOM   344 C  C   . PHE A 1 56  ? -0.746  -3.180  0.616   1.00 26.54  ? 54   PHE A C   1 
ATOM   345 O  O   . PHE A 1 56  ? -0.530  -1.997  0.824   1.00 30.28  ? 54   PHE A O   1 
ATOM   346 C  CB  . PHE A 1 56  ? -0.565  -3.633  -1.788  1.00 23.59  ? 54   PHE A CB  1 
ATOM   347 C  CG  . PHE A 1 56  ? 0.584   -4.563  -1.534  1.00 27.07  ? 54   PHE A CG  1 
ATOM   348 C  CD1 . PHE A 1 56  ? 0.388   -5.946  -1.573  1.00 29.24  ? 54   PHE A CD1 1 
ATOM   349 C  CD2 . PHE A 1 56  ? 1.843   -4.075  -1.199  1.00 22.90  ? 54   PHE A CD2 1 
ATOM   350 C  CE1 . PHE A 1 56  ? 1.452   -6.851  -1.287  1.00 32.88  ? 54   PHE A CE1 1 
ATOM   351 C  CE2 . PHE A 1 56  ? 2.920   -4.965  -0.942  1.00 26.98  ? 54   PHE A CE2 1 
ATOM   352 C  CZ  . PHE A 1 56  ? 2.728   -6.351  -1.000  1.00 31.48  ? 54   PHE A CZ  1 
ATOM   353 N  N   . ASP A 1 57  ? -0.315  -4.144  1.425   1.00 37.88  ? 55   ASP A N   1 
ATOM   354 C  CA  . ASP A 1 57  ? 0.494   -3.736  2.574   1.00 42.35  ? 55   ASP A CA  1 
ATOM   355 C  C   . ASP A 1 57  ? 1.958   -4.004  2.438   1.00 39.85  ? 55   ASP A C   1 
ATOM   356 O  O   . ASP A 1 57  ? 2.425   -5.139  2.535   1.00 36.80  ? 55   ASP A O   1 
ATOM   357 C  CB  . ASP A 1 57  ? 0.038   -4.216  3.940   1.00 44.74  ? 55   ASP A CB  1 
ATOM   358 C  CG  . ASP A 1 57  ? -0.898  -5.304  3.888   1.00 56.47  ? 55   ASP A CG  1 
ATOM   359 O  OD1 . ASP A 1 57  ? -0.424  -6.412  3.525   1.00 65.12  ? 55   ASP A OD1 1 
ATOM   360 O  OD2 . ASP A 1 57  ? -2.085  -5.048  4.256   1.00 58.74  ? 55   ASP A OD2 1 
ATOM   361 N  N   . ALA A 1 58  ? 2.678   -2.917  2.230   1.00 37.01  ? 56   ALA A N   1 
ATOM   362 C  CA  . ALA A 1 58  ? 4.083   -2.996  1.875   1.00 27.53  ? 56   ALA A CA  1 
ATOM   363 C  C   . ALA A 1 58  ? 4.776   -3.018  3.197   1.00 29.32  ? 56   ALA A C   1 
ATOM   364 O  O   . ALA A 1 58  ? 4.531   -2.118  4.033   1.00 35.62  ? 56   ALA A O   1 
ATOM   365 C  CB  . ALA A 1 58  ? 4.450   -1.746  1.123   1.00 29.71  ? 56   ALA A CB  1 
ATOM   366 N  N   . ARG A 1 59  ? 5.571   -4.061  3.425   1.00 28.22  ? 57   ARG A N   1 
ATOM   367 C  CA  . ARG A 1 59  ? 6.402   -4.162  4.621   1.00 30.90  ? 57   ARG A CA  1 
ATOM   368 C  C   . ARG A 1 59  ? 7.877   -3.939  4.311   1.00 36.45  ? 57   ARG A C   1 
ATOM   369 O  O   . ARG A 1 59  ? 8.402   -4.418  3.310   1.00 39.62  ? 57   ARG A O   1 
ATOM   370 C  CB  . ARG A 1 59  ? 6.265   -5.505  5.343   1.00 25.01  ? 57   ARG A CB  1 
ATOM   371 C  CG  . ARG A 1 59  ? 5.000   -5.707  6.178   1.00 41.01  ? 57   ARG A CG  1 
ATOM   372 C  CD  . ARG A 1 59  ? 4.079   -6.538  5.418   1.00 35.28  ? 57   ARG A CD  1 
ATOM   373 N  NE  . ARG A 1 59  ? 3.109   -7.348  6.128   1.00 43.37  ? 57   ARG A NE  1 
ATOM   374 C  CZ  . ARG A 1 59  ? 3.365   -8.218  7.107   1.00 55.80  ? 57   ARG A CZ  1 
ATOM   375 N  NH1 . ARG A 1 59  ? 4.570   -8.357  7.656   1.00 63.63  ? 57   ARG A NH1 1 
ATOM   376 N  NH2 . ARG A 1 59  ? 2.362   -8.919  7.586   1.00 47.27  ? 57   ARG A NH2 1 
ATOM   377 N  N   . ASN A 1 60  ? 8.537   -3.261  5.236   1.00 38.18  ? 58   ASN A N   1 
ATOM   378 C  CA  . ASN A 1 60  ? 9.931   -2.872  5.147   1.00 38.78  ? 58   ASN A CA  1 
ATOM   379 C  C   . ASN A 1 60  ? 10.508  -3.020  6.543   1.00 38.59  ? 58   ASN A C   1 
ATOM   380 O  O   . ASN A 1 60  ? 9.766   -3.038  7.514   1.00 41.13  ? 58   ASN A O   1 
ATOM   381 C  CB  . ASN A 1 60  ? 9.988   -1.428  4.748   1.00 44.66  ? 58   ASN A CB  1 
ATOM   382 C  CG  . ASN A 1 60  ? 10.899  -1.185  3.620   1.00 59.23  ? 58   ASN A CG  1 
ATOM   383 O  OD1 . ASN A 1 60  ? 10.919  -1.979  2.667   1.00 56.83  ? 58   ASN A OD1 1 
ATOM   384 N  ND2 . ASN A 1 60  ? 11.679  -0.065  3.687   1.00 59.06  ? 58   ASN A ND2 1 
ATOM   385 N  N   . PRO A 1 61  ? 11.826  -3.142  6.665   1.00 38.58  ? 59   PRO A N   1 
ATOM   386 C  CA  . PRO A 1 61  ? 12.354  -3.344  8.021   1.00 44.36  ? 59   PRO A CA  1 
ATOM   387 C  C   . PRO A 1 61  ? 12.091  -2.149  8.946   1.00 50.33  ? 59   PRO A C   1 
ATOM   388 O  O   . PRO A 1 61  ? 11.872  -2.357  10.120  1.00 54.99  ? 59   PRO A O   1 
ATOM   389 C  CB  . PRO A 1 61  ? 13.869  -3.466  7.798   1.00 43.11  ? 59   PRO A CB  1 
ATOM   390 C  CG  . PRO A 1 61  ? 14.007  -3.749  6.304   1.00 41.29  ? 59   PRO A CG  1 
ATOM   391 C  CD  . PRO A 1 61  ? 12.892  -2.993  5.672   1.00 30.86  ? 59   PRO A CD  1 
ATOM   392 N  N   A ASP A 1 62  ? 12.167  -0.936  8.406   0.54 51.86  ? 60   ASP A N   1 
ATOM   393 N  N   B ASP A 1 62  ? 12.065  -0.921  8.426   0.46 51.88  ? 60   ASP A N   1 
ATOM   394 C  CA  A ASP A 1 62  ? 11.966  0.277   9.189   0.54 53.76  ? 60   ASP A CA  1 
ATOM   395 C  CA  B ASP A 1 62  ? 11.909  0.260   9.290   0.46 53.83  ? 60   ASP A CA  1 
ATOM   396 C  C   A ASP A 1 62  ? 10.487  0.515   9.437   0.54 54.93  ? 60   ASP A C   1 
ATOM   397 C  C   B ASP A 1 62  ? 10.635  1.091   9.078   0.46 55.64  ? 60   ASP A C   1 
ATOM   398 O  O   A ASP A 1 62  ? 10.065  0.803   10.547  0.54 55.48  ? 60   ASP A O   1 
ATOM   399 O  O   B ASP A 1 62  ? 10.646  2.271   9.429   0.46 60.18  ? 60   ASP A O   1 
ATOM   400 C  CB  A ASP A 1 62  ? 12.593  1.496   8.477   0.54 53.01  ? 60   ASP A CB  1 
ATOM   401 C  CB  B ASP A 1 62  ? 13.122  1.203   9.146   0.46 50.12  ? 60   ASP A CB  1 
ATOM   402 C  CG  A ASP A 1 62  ? 12.568  1.374   6.940   0.54 61.93  ? 60   ASP A CG  1 
ATOM   403 C  CG  B ASP A 1 62  ? 14.449  0.491   9.346   0.46 48.43  ? 60   ASP A CG  1 
ATOM   404 O  OD1 A ASP A 1 62  ? 12.747  0.250   6.410   0.54 63.23  ? 60   ASP A OD1 1 
ATOM   405 O  OD1 B ASP A 1 62  ? 14.632  -0.161  10.406  0.46 49.13  ? 60   ASP A OD1 1 
ATOM   406 O  OD2 A ASP A 1 62  ? 12.380  2.410   6.258   0.54 62.43  ? 60   ASP A OD2 1 
ATOM   407 O  OD2 B ASP A 1 62  ? 15.299  0.562   8.426   0.46 48.49  ? 60   ASP A OD2 1 
ATOM   408 N  N   A MET A 1 63  ? 9.696   0.360   8.389   0.54 55.92  ? 61   MET A N   1 
ATOM   409 N  N   B MET A 1 63  ? 9.562   0.491   8.544   0.46 54.73  ? 61   MET A N   1 
ATOM   410 C  CA  A MET A 1 63  ? 8.359   0.897   8.374   0.54 53.48  ? 61   MET A CA  1 
ATOM   411 C  CA  B MET A 1 63  ? 8.364   1.234   8.100   0.46 51.69  ? 61   MET A CA  1 
ATOM   412 C  C   A MET A 1 63  ? 7.441   0.043   7.504   0.54 52.11  ? 61   MET A C   1 
ATOM   413 C  C   B MET A 1 63  ? 7.408   0.397   7.234   0.46 50.89  ? 61   MET A C   1 
ATOM   414 O  O   A MET A 1 63  ? 7.907   -0.793  6.726   0.54 51.80  ? 61   MET A O   1 
ATOM   415 O  O   B MET A 1 63  ? 7.821   -0.106  6.196   0.46 49.98  ? 61   MET A O   1 
ATOM   416 C  CB  A MET A 1 63  ? 8.413   2.330   7.835   0.54 47.05  ? 61   MET A CB  1 
ATOM   417 C  CB  B MET A 1 63  ? 8.774   2.452   7.269   0.46 47.42  ? 61   MET A CB  1 
ATOM   418 C  CG  A MET A 1 63  ? 9.058   2.452   6.466   0.54 47.06  ? 61   MET A CG  1 
ATOM   419 C  CG  B MET A 1 63  ? 7.664   3.419   6.919   0.46 47.55  ? 61   MET A CG  1 
ATOM   420 S  SD  A MET A 1 63  ? 7.907   2.044   5.150   0.54 51.63  ? 61   MET A SD  1 
ATOM   421 S  SD  B MET A 1 63  ? 8.355   4.931   6.200   0.46 46.59  ? 61   MET A SD  1 
ATOM   422 C  CE  A MET A 1 63  ? 6.755   3.420   5.304   0.54 35.48  ? 61   MET A CE  1 
ATOM   423 C  CE  B MET A 1 63  ? 6.929   6.025   6.235   0.46 39.41  ? 61   MET A CE  1 
ATOM   424 N  N   . ASN A 1 64  ? 6.136   0.268   7.626   1.00 42.32  ? 62   ASN A N   1 
ATOM   425 C  CA  . ASN A 1 64  ? 5.157   -0.398  6.749   1.00 33.11  ? 62   ASN A CA  1 
ATOM   426 C  C   . ASN A 1 64  ? 4.204   0.623   6.214   1.00 28.66  ? 62   ASN A C   1 
ATOM   427 O  O   . ASN A 1 64  ? 3.885   1.589   6.911   1.00 33.51  ? 62   ASN A O   1 
ATOM   428 C  CB  . ASN A 1 64  ? 4.357   -1.422  7.505   1.00 36.09  ? 62   ASN A CB  1 
ATOM   429 C  CG  . ASN A 1 64  ? 5.223   -2.422  8.172   1.00 46.30  ? 62   ASN A CG  1 
ATOM   430 O  OD1 . ASN A 1 64  ? 6.196   -2.921  7.574   1.00 37.38  ? 62   ASN A OD1 1 
ATOM   431 N  ND2 . ASN A 1 64  ? 4.921   -2.701  9.451   1.00 52.51  ? 62   ASN A ND2 1 
ATOM   432 N  N   . LYS A 1 65  ? 3.685   0.422   5.011   1.00 24.30  ? 63   LYS A N   1 
ATOM   433 C  CA  . LYS A 1 65  ? 2.780   1.426   4.474   1.00 28.26  ? 63   LYS A CA  1 
ATOM   434 C  C   . LYS A 1 65  ? 1.648   0.794   3.659   1.00 36.11  ? 63   LYS A C   1 
ATOM   435 O  O   . LYS A 1 65  ? 1.895   -0.158  2.937   1.00 32.87  ? 63   LYS A O   1 
ATOM   436 C  CB  . LYS A 1 65  ? 3.602   2.383   3.601   1.00 29.52  ? 63   LYS A CB  1 
ATOM   437 C  CG  . LYS A 1 65  ? 2.798   3.272   2.688   1.00 31.07  ? 63   LYS A CG  1 
ATOM   438 C  CD  . LYS A 1 65  ? 3.765   4.333   2.037   1.00 62.40  ? 63   LYS A CD  1 
ATOM   439 C  CE  . LYS A 1 65  ? 3.036   5.470   1.277   1.00 63.22  ? 63   LYS A CE  1 
ATOM   440 N  NZ  . LYS A 1 65  ? 3.833   6.744   1.302   1.00 67.14  ? 63   LYS A NZ  1 
ATOM   441 N  N   . CYS A 1 66  ? 0.430   1.344   3.753   1.00 27.21  ? 64   CYS A N   1 
ATOM   442 C  CA  . CYS A 1 66  ? -0.653  0.990   2.854   1.00 29.61  ? 64   CYS A CA  1 
ATOM   443 C  C   . CYS A 1 66  ? -0.560  1.678   1.502   1.00 34.45  ? 64   CYS A C   1 
ATOM   444 O  O   . CYS A 1 66  ? -0.530  2.897   1.443   1.00 42.50  ? 64   CYS A O   1 
ATOM   445 C  CB  . CYS A 1 66  ? -2.002  1.360   3.485   1.00 34.13  ? 64   CYS A CB  1 
ATOM   446 S  SG  . CYS A 1 66  ? -2.123  0.651   5.065   1.00 36.88  ? 64   CYS A SG  1 
ATOM   447 N  N   . ILE A 1 67  ? -0.540  0.915   0.407   1.00 26.40  ? 65   ILE A N   1 
ATOM   448 C  CA  . ILE A 1 67  ? -0.404  1.521   -0.914  1.00 33.35  ? 65   ILE A CA  1 
ATOM   449 C  C   . ILE A 1 67  ? -1.596  1.124   -1.773  1.00 37.91  ? 65   ILE A C   1 
ATOM   450 O  O   . ILE A 1 67  ? -1.905  -0.063  -1.888  1.00 35.81  ? 65   ILE A O   1 
ATOM   451 C  CB  . ILE A 1 67  ? 0.933   1.089   -1.599  1.00 40.93  ? 65   ILE A CB  1 
ATOM   452 C  CG1 . ILE A 1 67  ? 2.116   1.676   -0.827  1.00 39.68  ? 65   ILE A CG1 1 
ATOM   453 C  CG2 . ILE A 1 67  ? 0.960   1.503   -3.113  1.00 31.49  ? 65   ILE A CG2 1 
ATOM   454 C  CD1 . ILE A 1 67  ? 3.389   0.908   -1.009  1.00 44.72  ? 65   ILE A CD1 1 
ATOM   455 N  N   . LYS A 1 68  ? -2.275  2.118   -2.343  1.00 33.78  ? 66   LYS A N   1 
ATOM   456 C  CA  . LYS A 1 68  ? -3.477  1.864   -3.097  1.00 40.77  ? 66   LYS A CA  1 
ATOM   457 C  C   . LYS A 1 68  ? -3.098  0.920   -4.257  1.00 41.30  ? 66   LYS A C   1 
ATOM   458 O  O   . LYS A 1 68  ? -2.040  1.079   -4.918  1.00 40.39  ? 66   LYS A O   1 
ATOM   459 C  CB  . LYS A 1 68  ? -4.098  3.185   -3.570  1.00 49.38  ? 66   LYS A CB  1 
ATOM   460 C  CG  . LYS A 1 68  ? -5.582  3.116   -3.922  1.00 65.11  ? 66   LYS A CG  1 
ATOM   461 C  CD  . LYS A 1 68  ? -6.006  4.258   -4.854  1.00 78.55  ? 66   LYS A CD  1 
ATOM   462 C  CE  . LYS A 1 68  ? -6.966  5.270   -4.214  1.00 91.79  ? 66   LYS A CE  1 
ATOM   463 N  NZ  . LYS A 1 68  ? -7.365  6.342   -5.201  1.00 96.23  ? 66   LYS A NZ  1 
ATOM   464 N  N   . CYS A 1 69  ? -3.922  -0.091  -4.480  1.00 39.26  ? 67   CYS A N   1 
ATOM   465 C  CA  . CYS A 1 69  ? -3.517  -1.157  -5.396  1.00 38.01  ? 67   CYS A CA  1 
ATOM   466 C  C   . CYS A 1 69  ? -4.798  -1.777  -5.859  1.00 43.18  ? 67   CYS A C   1 
ATOM   467 O  O   . CYS A 1 69  ? -5.080  -2.954  -5.605  1.00 46.61  ? 67   CYS A O   1 
ATOM   468 C  CB  . CYS A 1 69  ? -2.562  -2.144  -4.688  1.00 22.96  ? 67   CYS A CB  1 
ATOM   469 S  SG  . CYS A 1 69  ? -1.775  -3.387  -5.822  1.00 29.77  ? 67   CYS A SG  1 
ATOM   470 N  N   . LYS A 1 70  ? -5.636  -0.948  -6.483  1.00 48.91  ? 68   LYS A N   1 
ATOM   471 C  CA  . LYS A 1 70  ? -6.937  -1.424  -6.933  1.00 42.52  ? 68   LYS A CA  1 
ATOM   472 C  C   . LYS A 1 70  ? -6.738  -1.899  -8.363  1.00 41.08  ? 68   LYS A C   1 
ATOM   473 O  O   . LYS A 1 70  ? -7.279  -1.295  -9.295  1.00 39.78  ? 68   LYS A O   1 
ATOM   474 C  CB  . LYS A 1 70  ? -8.052  -0.346  -6.876  1.00 46.36  ? 68   LYS A CB  1 
ATOM   475 C  CG  . LYS A 1 70  ? -8.281  0.385   -5.483  1.00 37.09  ? 68   LYS A CG  1 
ATOM   476 C  CD  . LYS A 1 70  ? -9.617  1.271   -5.432  1.00 35.59  ? 68   LYS A CD  1 
ATOM   477 C  CE  . LYS A 1 70  ? -9.565  2.413   -4.306  1.00 73.23  ? 68   LYS A CE  1 
ATOM   478 N  NZ  . LYS A 1 70  ? -10.565 3.550   -4.417  1.00 67.35  ? 68   LYS A NZ  1 
ATOM   479 N  N   . ILE A 1 71  ? -5.977  -2.987  -8.513  1.00 37.04  ? 69   ILE A N   1 
ATOM   480 C  CA  . ILE A 1 71  ? -5.638  -3.552  -9.807  1.00 40.77  ? 69   ILE A CA  1 
ATOM   481 C  C   . ILE A 1 71  ? -6.054  -5.025  -9.836  1.00 43.89  ? 69   ILE A C   1 
ATOM   482 O  O   . ILE A 1 71  ? -5.596  -5.840  -9.035  1.00 41.38  ? 69   ILE A O   1 
ATOM   483 C  CB  . ILE A 1 71  ? -4.113  -3.499  -10.101 1.00 47.74  ? 69   ILE A CB  1 
ATOM   484 C  CG1 . ILE A 1 71  ? -3.487  -2.111  -9.834  1.00 51.40  ? 69   ILE A CG1 1 
ATOM   485 C  CG2 . ILE A 1 71  ? -3.820  -3.974  -11.522 1.00 42.36  ? 69   ILE A CG2 1 
ATOM   486 C  CD1 . ILE A 1 71  ? -3.998  -0.986  -10.699 1.00 54.94  ? 69   ILE A CD1 1 
ATOM   487 N  N   A GLU A 1 72  ? -6.874  -5.336  -10.840 0.23 45.57  ? 70   GLU A N   1 
ATOM   488 N  N   B GLU A 1 72  ? -6.919  -5.347  -10.787 0.30 45.46  ? 70   GLU A N   1 
ATOM   489 N  N   C GLU A 1 72  ? -7.004  -5.370  -10.702 0.47 45.08  ? 70   GLU A N   1 
ATOM   490 C  CA  A GLU A 1 72  ? -7.260  -6.692  -11.204 0.23 46.81  ? 70   GLU A CA  1 
ATOM   491 C  CA  B GLU A 1 72  ? -7.411  -6.694  -11.029 0.30 47.03  ? 70   GLU A CA  1 
ATOM   492 C  CA  C GLU A 1 72  ? -7.495  -6.746  -10.695 0.47 46.31  ? 70   GLU A CA  1 
ATOM   493 C  C   A GLU A 1 72  ? -6.112  -7.705  -11.073 0.23 45.48  ? 70   GLU A C   1 
ATOM   494 C  C   B GLU A 1 72  ? -6.273  -7.734  -11.139 0.30 45.95  ? 70   GLU A C   1 
ATOM   495 C  C   C GLU A 1 72  ? -6.397  -7.735  -11.108 0.47 46.48  ? 70   GLU A C   1 
ATOM   496 O  O   A GLU A 1 72  ? -5.037  -7.498  -11.644 0.23 42.63  ? 70   GLU A O   1 
ATOM   497 O  O   B GLU A 1 72  ? -5.376  -7.584  -11.981 0.30 41.92  ? 70   GLU A O   1 
ATOM   498 O  O   C GLU A 1 72  ? -5.681  -7.554  -12.108 0.47 41.29  ? 70   GLU A O   1 
ATOM   499 C  CB  A GLU A 1 72  ? -7.827  -6.671  -12.645 0.23 46.08  ? 70   GLU A CB  1 
ATOM   500 C  CB  B GLU A 1 72  ? -8.224  -6.651  -12.331 0.30 47.41  ? 70   GLU A CB  1 
ATOM   501 C  CB  C GLU A 1 72  ? -8.741  -6.924  -11.564 0.47 46.90  ? 70   GLU A CB  1 
ATOM   502 C  CG  A GLU A 1 72  ? -6.841  -6.849  -13.838 0.23 38.52  ? 70   GLU A CG  1 
ATOM   503 C  CG  B GLU A 1 72  ? -9.277  -5.504  -12.403 0.30 46.44  ? 70   GLU A CG  1 
ATOM   504 C  CG  C GLU A 1 72  ? -9.459  -8.248  -11.344 0.47 40.66  ? 70   GLU A CG  1 
ATOM   505 C  CD  A GLU A 1 72  ? -5.820  -5.709  -14.054 0.23 32.45  ? 70   GLU A CD  1 
ATOM   506 C  CD  B GLU A 1 72  ? -8.698  -4.077  -12.554 0.30 42.98  ? 70   GLU A CD  1 
ATOM   507 C  CD  C GLU A 1 72  ? -10.371 -8.577  -12.485 0.47 37.97  ? 70   GLU A CD  1 
ATOM   508 O  OE1 A GLU A 1 72  ? -6.216  -4.581  -14.409 0.23 29.12  ? 70   GLU A OE1 1 
ATOM   509 O  OE1 B GLU A 1 72  ? -7.613  -3.887  -13.142 0.30 28.85  ? 70   GLU A OE1 1 
ATOM   510 O  OE1 C GLU A 1 72  ? -10.108 -8.084  -13.609 0.47 37.41  ? 70   GLU A OE1 1 
ATOM   511 O  OE2 A GLU A 1 72  ? -4.610  -5.962  -13.910 0.23 24.84  ? 70   GLU A OE2 1 
ATOM   512 O  OE2 B GLU A 1 72  ? -9.335  -3.134  -12.054 0.30 42.73  ? 70   GLU A OE2 1 
ATOM   513 O  OE2 C GLU A 1 72  ? -11.329 -9.341  -12.274 0.47 38.45  ? 70   GLU A OE2 1 
ATOM   514 N  N   . HIS A 1 73  ? -6.302  -8.773  -10.293 1.00 45.27  ? 71   HIS A N   1 
ATOM   515 C  CA  . HIS A 1 73  ? -5.290  -9.865  -10.348 1.00 45.53  ? 71   HIS A CA  1 
ATOM   516 C  C   . HIS A 1 73  ? -3.843  -9.468  -9.996  1.00 41.87  ? 71   HIS A C   1 
ATOM   517 O  O   . HIS A 1 73  ? -2.886  -10.189 -10.296 1.00 37.10  ? 71   HIS A O   1 
ATOM   518 C  CB  . HIS A 1 73  ? -5.291  -10.636 -11.705 1.00 64.02  ? 71   HIS A CB  1 
ATOM   519 C  CG  . HIS A 1 73  ? -6.649  -11.080 -12.166 1.00 61.54  ? 71   HIS A CG  1 
ATOM   520 N  ND1 . HIS A 1 73  ? -7.145  -10.772 -13.419 1.00 53.75  ? 71   HIS A ND1 1 
ATOM   521 C  CD2 . HIS A 1 73  ? -7.621  -11.792 -11.544 1.00 69.62  ? 71   HIS A CD2 1 
ATOM   522 C  CE1 . HIS A 1 73  ? -8.369  -11.248 -13.533 1.00 57.35  ? 71   HIS A CE1 1 
ATOM   523 N  NE2 . HIS A 1 73  ? -8.679  -11.884 -12.416 1.00 68.21  ? 71   HIS A NE2 1 
ATOM   524 N  N   . CYS A 1 74  ? -3.681  -8.329  -9.345  1.00 35.49  ? 72   CYS A N   1 
ATOM   525 C  CA  . CYS A 1 74  ? -2.366  -7.903  -8.925  1.00 35.46  ? 72   CYS A CA  1 
ATOM   526 C  C   . CYS A 1 74  ? -2.109  -8.420  -7.527  1.00 33.51  ? 72   CYS A C   1 
ATOM   527 O  O   . CYS A 1 74  ? -2.978  -8.392  -6.680  1.00 29.83  ? 72   CYS A O   1 
ATOM   528 C  CB  . CYS A 1 74  ? -2.262  -6.358  -8.990  1.00 45.44  ? 72   CYS A CB  1 
ATOM   529 S  SG  . CYS A 1 74  ? -0.763  -5.674  -8.373  1.00 35.37  ? 72   CYS A SG  1 
ATOM   530 N  N   . GLU A 1 75  ? -0.905  -8.904  -7.284  1.00 36.53  ? 73   GLU A N   1 
ATOM   531 C  CA  . GLU A 1 75  ? -0.529  -9.308  -5.938  1.00 39.26  ? 73   GLU A CA  1 
ATOM   532 C  C   . GLU A 1 75  ? 0.199   -8.230  -5.099  1.00 40.89  ? 73   GLU A C   1 
ATOM   533 O  O   . GLU A 1 75  ? 0.239   -8.323  -3.864  1.00 34.99  ? 73   GLU A O   1 
ATOM   534 C  CB  . GLU A 1 75  ? 0.315   -10.565 -6.034  1.00 44.14  ? 73   GLU A CB  1 
ATOM   535 C  CG  . GLU A 1 75  ? -0.514  -11.702 -6.614  1.00 67.68  ? 73   GLU A CG  1 
ATOM   536 C  CD  . GLU A 1 75  ? -0.048  -13.063 -6.147  1.00 77.22  ? 73   GLU A CD  1 
ATOM   537 O  OE1 . GLU A 1 75  ? 1.184   -13.268 -6.195  1.00 75.88  ? 73   GLU A OE1 1 
ATOM   538 O  OE2 . GLU A 1 75  ? -0.893  -13.904 -5.730  1.00 78.49  ? 73   GLU A OE2 1 
ATOM   539 N  N   . ALA A 1 76  ? 0.804   -7.243  -5.751  1.00 33.23  ? 74   ALA A N   1 
ATOM   540 C  CA  . ALA A 1 76  ? 1.521   -6.208  -5.008  1.00 40.37  ? 74   ALA A CA  1 
ATOM   541 C  C   . ALA A 1 76  ? 1.637   -4.927  -5.800  1.00 34.64  ? 74   ALA A C   1 
ATOM   542 O  O   . ALA A 1 76  ? 1.823   -4.947  -7.037  1.00 23.14  ? 74   ALA A O   1 
ATOM   543 C  CB  . ALA A 1 76  ? 2.932   -6.687  -4.544  1.00 28.88  ? 74   ALA A CB  1 
ATOM   544 N  N   . CYS A 1 77  ? 1.501   -3.808  -5.105  1.00 28.05  ? 75   CYS A N   1 
ATOM   545 C  CA  . CYS A 1 77  ? 1.887   -2.523  -5.717  1.00 27.90  ? 75   CYS A CA  1 
ATOM   546 C  C   . CYS A 1 77  ? 3.006   -1.832  -4.915  1.00 37.00  ? 75   CYS A C   1 
ATOM   547 O  O   . CYS A 1 77  ? 2.890   -1.753  -3.693  1.00 32.29  ? 75   CYS A O   1 
ATOM   548 C  CB  . CYS A 1 77  ? 0.686   -1.604  -5.790  1.00 22.92  ? 75   CYS A CB  1 
ATOM   549 S  SG  . CYS A 1 77  ? -0.597  -2.042  -6.934  1.00 30.22  ? 75   CYS A SG  1 
ATOM   550 N  N   . PHE A 1 78  ? 4.075   -1.377  -5.601  1.00 36.01  ? 76   PHE A N   1 
ATOM   551 C  CA  . PHE A 1 78  ? 5.162   -0.513  -5.061  1.00 30.51  ? 76   PHE A CA  1 
ATOM   552 C  C   . PHE A 1 78  ? 4.644   0.901   -5.013  1.00 27.33  ? 76   PHE A C   1 
ATOM   553 O  O   . PHE A 1 78  ? 5.034   1.640   -4.164  1.00 25.48  ? 76   PHE A O   1 
ATOM   554 C  CB  . PHE A 1 78  ? 6.461   -0.483  -5.930  1.00 50.54  ? 76   PHE A CB  1 
ATOM   555 C  CG  . PHE A 1 78  ? 7.674   0.322   -5.305  1.00 64.63  ? 76   PHE A CG  1 
ATOM   556 C  CD1 . PHE A 1 78  ? 7.706   1.720   -5.294  1.00 66.46  ? 76   PHE A CD1 1 
ATOM   557 C  CD2 . PHE A 1 78  ? 8.799   -0.338  -4.793  1.00 60.88  ? 76   PHE A CD2 1 
ATOM   558 C  CE1 . PHE A 1 78  ? 8.805   2.444   -4.737  1.00 64.93  ? 76   PHE A CE1 1 
ATOM   559 C  CE2 . PHE A 1 78  ? 9.899   0.356   -4.249  1.00 64.21  ? 76   PHE A CE2 1 
ATOM   560 C  CZ  . PHE A 1 78  ? 9.903   1.754   -4.217  1.00 63.52  ? 76   PHE A CZ  1 
ATOM   561 N  N   . SER A 1 79  ? 3.778   1.299   -5.912  1.00 26.45  ? 77   SER A N   1 
ATOM   562 C  CA  . SER A 1 79  ? 3.340   2.664   -5.771  1.00 30.08  ? 77   SER A CA  1 
ATOM   563 C  C   . SER A 1 79  ? 1.925   2.668   -6.241  1.00 38.58  ? 77   SER A C   1 
ATOM   564 O  O   . SER A 1 79  ? 1.432   1.678   -6.843  1.00 34.69  ? 77   SER A O   1 
ATOM   565 C  CB  . SER A 1 79  ? 4.244   3.605   -6.568  1.00 40.29  ? 77   SER A CB  1 
ATOM   566 O  OG  . SER A 1 79  ? 3.917   3.660   -7.936  1.00 41.49  ? 77   SER A OG  1 
ATOM   567 N  N   . HIS A 1 80  ? 1.271   3.761   -5.907  1.00 38.02  ? 78   HIS A N   1 
ATOM   568 C  CA  . HIS A 1 80  ? -0.158  3.918   -5.961  1.00 40.55  ? 78   HIS A CA  1 
ATOM   569 C  C   . HIS A 1 80  ? -0.747  3.346   -7.225  1.00 37.81  ? 78   HIS A C   1 
ATOM   570 O  O   . HIS A 1 80  ? -0.370  3.734   -8.303  1.00 41.20  ? 78   HIS A O   1 
ATOM   571 C  CB  . HIS A 1 80  ? -0.406  5.411   -5.892  1.00 43.67  ? 78   HIS A CB  1 
ATOM   572 C  CG  . HIS A 1 80  ? -1.834  5.799   -5.797  1.00 51.53  ? 78   HIS A CG  1 
ATOM   573 N  ND1 . HIS A 1 80  ? -2.622  6.005   -6.909  1.00 53.86  ? 78   HIS A ND1 1 
ATOM   574 C  CD2 . HIS A 1 80  ? -2.600  6.129   -4.730  1.00 63.91  ? 78   HIS A CD2 1 
ATOM   575 C  CE1 . HIS A 1 80  ? -3.823  6.394   -6.531  1.00 55.56  ? 78   HIS A CE1 1 
ATOM   576 N  NE2 . HIS A 1 80  ? -3.836  6.484   -5.211  1.00 66.20  ? 78   HIS A NE2 1 
ATOM   577 N  N   . ASN A 1 81  ? -1.672  2.411   -7.076  1.00 40.25  ? 79   ASN A N   1 
ATOM   578 C  CA  . ASN A 1 81  ? -2.387  1.790   -8.203  1.00 30.92  ? 79   ASN A CA  1 
ATOM   579 C  C   . ASN A 1 81  ? -1.534  1.431   -9.423  1.00 33.72  ? 79   ASN A C   1 
ATOM   580 O  O   . ASN A 1 81  ? -1.957  1.652   -10.558 1.00 29.16  ? 79   ASN A O   1 
ATOM   581 C  CB  . ASN A 1 81  ? -3.526  2.672   -8.671  1.00 30.51  ? 79   ASN A CB  1 
ATOM   582 C  CG  . ASN A 1 81  ? -4.750  2.590   -7.747  1.00 44.94  ? 79   ASN A CG  1 
ATOM   583 O  OD1 . ASN A 1 81  ? -4.820  1.720   -6.878  1.00 50.60  ? 79   ASN A OD1 1 
ATOM   584 N  ND2 . ASN A 1 81  ? -5.728  3.483   -7.956  1.00 46.95  ? 79   ASN A ND2 1 
ATOM   585 N  N   . PHE A 1 82  ? -0.356  0.870   -9.196  1.00 30.35  ? 80   PHE A N   1 
ATOM   586 C  CA  . PHE A 1 82  ? 0.495   0.465   -10.323 1.00 26.20  ? 80   PHE A CA  1 
ATOM   587 C  C   . PHE A 1 82  ? 1.080   -0.882  -9.908  1.00 25.46  ? 80   PHE A C   1 
ATOM   588 O  O   . PHE A 1 82  ? 1.855   -0.962  -8.935  1.00 22.58  ? 80   PHE A O   1 
ATOM   589 C  CB  . PHE A 1 82  ? 1.606   1.545   -10.572 1.00 29.91  ? 80   PHE A CB  1 
ATOM   590 C  CG  . PHE A 1 82  ? 2.425   1.331   -11.868 1.00 24.77  ? 80   PHE A CG  1 
ATOM   591 C  CD1 . PHE A 1 82  ? 2.018   1.880   -13.065 1.00 25.19  ? 80   PHE A CD1 1 
ATOM   592 C  CD2 . PHE A 1 82  ? 3.586   0.607   -11.840 1.00 27.82  ? 80   PHE A CD2 1 
ATOM   593 C  CE1 . PHE A 1 82  ? 2.730   1.693   -14.238 1.00 27.73  ? 80   PHE A CE1 1 
ATOM   594 C  CE2 . PHE A 1 82  ? 4.319   0.383   -12.990 1.00 25.89  ? 80   PHE A CE2 1 
ATOM   595 C  CZ  . PHE A 1 82  ? 3.895   0.943   -14.207 1.00 26.21  ? 80   PHE A CZ  1 
ATOM   596 N  N   . CYS A 1 83  ? 0.674   -1.945  -10.591 1.00 31.77  ? 81   CYS A N   1 
ATOM   597 C  CA  . CYS A 1 83  ? 1.016   -3.300  -10.152 1.00 28.79  ? 81   CYS A CA  1 
ATOM   598 C  C   . CYS A 1 83  ? 2.488   -3.539  -10.363 1.00 30.05  ? 81   CYS A C   1 
ATOM   599 O  O   . CYS A 1 83  ? 3.030   -3.136  -11.407 1.00 31.88  ? 81   CYS A O   1 
ATOM   600 C  CB  . CYS A 1 83  ? 0.256   -4.378  -10.987 1.00 20.79  ? 81   CYS A CB  1 
ATOM   601 S  SG  . CYS A 1 83  ? 0.308   -5.965  -10.192 1.00 30.14  ? 81   CYS A SG  1 
ATOM   602 N  N   . THR A 1 84  ? 3.129   -4.206  -9.408  1.00 36.02  ? 82   THR A N   1 
ATOM   603 C  CA  . THR A 1 84  ? 4.481   -4.685  -9.651  1.00 30.43  ? 82   THR A CA  1 
ATOM   604 C  C   . THR A 1 84  ? 4.641   -6.226  -9.580  1.00 37.15  ? 82   THR A C   1 
ATOM   605 O  O   . THR A 1 84  ? 5.749   -6.732  -9.485  1.00 30.20  ? 82   THR A O   1 
ATOM   606 C  CB  . THR A 1 84  ? 5.464   -4.045  -8.691  1.00 32.32  ? 82   THR A CB  1 
ATOM   607 O  OG1 . THR A 1 84  ? 6.816   -4.278  -9.148  1.00 30.65  ? 82   THR A OG1 1 
ATOM   608 C  CG2 . THR A 1 84  ? 5.269   -4.622  -7.332  1.00 34.44  ? 82   THR A CG2 1 
ATOM   609 N  N   . LYS A 1 85  ? 3.534   -6.958  -9.544  1.00 36.22  ? 83   LYS A N   1 
ATOM   610 C  CA  . LYS A 1 85  ? 3.580   -8.417  -9.513  1.00 40.63  ? 83   LYS A CA  1 
ATOM   611 C  C   . LYS A 1 85  ? 2.147   -8.913  -9.662  1.00 42.48  ? 83   LYS A C   1 
ATOM   612 O  O   . LYS A 1 85  ? 1.250   -8.542  -8.885  1.00 42.33  ? 83   LYS A O   1 
ATOM   613 C  CB  . LYS A 1 85  ? 4.206   -8.948  -8.223  1.00 36.22  ? 83   LYS A CB  1 
ATOM   614 C  CG  . LYS A 1 85  ? 4.153   -10.480 -8.056  1.00 43.88  ? 83   LYS A CG  1 
ATOM   615 C  CD  . LYS A 1 85  ? 5.328   -11.172 -8.758  1.00 49.05  ? 83   LYS A CD  1 
ATOM   616 C  CE  . LYS A 1 85  ? 5.042   -12.689 -9.004  1.00 60.76  ? 83   LYS A CE  1 
ATOM   617 N  NZ  . LYS A 1 85  ? 6.078   -13.273 -9.931  1.00 64.32  ? 83   LYS A NZ  1 
ATOM   618 N  N   . CYS A 1 86  ? 1.939   -9.659  -10.735 1.00 32.93  ? 84   CYS A N   1 
ATOM   619 C  CA  . CYS A 1 86  ? 0.656   -10.214 -11.084 1.00 37.15  ? 84   CYS A CA  1 
ATOM   620 C  C   . CYS A 1 86  ? 0.655   -11.654 -10.608 1.00 39.41  ? 84   CYS A C   1 
ATOM   621 O  O   . CYS A 1 86  ? 1.742   -12.255 -10.401 1.00 32.68  ? 84   CYS A O   1 
ATOM   622 C  CB  . CYS A 1 86  ? 0.486   -10.183 -12.595 1.00 45.31  ? 84   CYS A CB  1 
ATOM   623 S  SG  . CYS A 1 86  ? 0.393   -8.538  -13.244 1.00 44.67  ? 84   CYS A SG  1 
ATOM   624 N  N   . LYS A 1 87  ? -0.555  -12.177 -10.374 1.00 41.77  ? 85   LYS A N   1 
ATOM   625 C  CA  . LYS A 1 87  ? -0.794  -13.602 -10.105 1.00 41.67  ? 85   LYS A CA  1 
ATOM   626 C  C   . LYS A 1 87  ? -0.179  -14.490 -11.186 1.00 50.43  ? 85   LYS A C   1 
ATOM   627 O  O   . LYS A 1 87  ? 0.004   -14.037 -12.338 1.00 49.25  ? 85   LYS A O   1 
ATOM   628 C  CB  . LYS A 1 87  ? -2.304  -13.905 -10.070 1.00 44.83  ? 85   LYS A CB  1 
ATOM   629 C  CG  . LYS A 1 87  ? -3.056  -13.436 -8.791  1.00 68.02  ? 85   LYS A CG  1 
ATOM   630 C  CD  . LYS A 1 87  ? -4.547  -13.887 -8.811  1.00 100.91 ? 85   LYS A CD  1 
ATOM   631 C  CE  . LYS A 1 87  ? -5.383  -13.221 -7.689  1.00 105.55 ? 85   LYS A CE  1 
ATOM   632 N  NZ  . LYS A 1 87  ? -6.851  -13.548 -7.784  1.00 114.86 ? 85   LYS A NZ  1 
ATOM   633 N  N   . GLU A 1 88  ? 0.112   -15.745 -10.814 1.00 52.91  ? 86   GLU A N   1 
ATOM   634 C  CA  . GLU A 1 88  ? 0.718   -16.736 -11.711 1.00 61.54  ? 86   GLU A CA  1 
ATOM   635 C  C   . GLU A 1 88  ? -0.072  -16.828 -13.006 1.00 48.61  ? 86   GLU A C   1 
ATOM   636 O  O   . GLU A 1 88  ? -1.297  -16.800 -12.992 1.00 46.86  ? 86   GLU A O   1 
ATOM   637 C  CB  . GLU A 1 88  ? 0.750   -18.125 -11.061 1.00 80.34  ? 86   GLU A CB  1 
ATOM   638 C  CG  . GLU A 1 88  ? 1.398   -18.217 -9.668  1.00 85.30  ? 86   GLU A CG  1 
ATOM   639 C  CD  . GLU A 1 88  ? 1.035   -19.528 -8.923  1.00 110.25 ? 86   GLU A CD  1 
ATOM   640 O  OE1 . GLU A 1 88  ? 0.389   -20.426 -9.522  1.00 104.73 ? 86   GLU A OE1 1 
ATOM   641 O  OE2 . GLU A 1 88  ? 1.387   -19.653 -7.726  1.00 113.60 ? 86   GLU A OE2 1 
ATOM   642 N  N   . GLY A 1 89  ? 0.624   -16.858 -14.120 1.00 50.57  ? 87   GLY A N   1 
ATOM   643 C  CA  . GLY A 1 89  ? -0.051  -17.052 -15.381 1.00 56.29  ? 87   GLY A CA  1 
ATOM   644 C  C   . GLY A 1 89  ? -0.567  -15.795 -16.050 1.00 54.33  ? 87   GLY A C   1 
ATOM   645 O  O   . GLY A 1 89  ? -1.024  -15.852 -17.188 1.00 53.26  ? 87   GLY A O   1 
ATOM   646 N  N   . LEU A 1 90  ? -0.524  -14.657 -15.372 1.00 47.13  ? 88   LEU A N   1 
ATOM   647 C  CA  . LEU A 1 90  ? -0.956  -13.428 -16.027 1.00 45.75  ? 88   LEU A CA  1 
ATOM   648 C  C   . LEU A 1 90  ? 0.294   -12.671 -16.355 1.00 44.14  ? 88   LEU A C   1 
ATOM   649 O  O   . LEU A 1 90  ? 1.330   -12.890 -15.728 1.00 52.23  ? 88   LEU A O   1 
ATOM   650 C  CB  . LEU A 1 90  ? -1.811  -12.548 -15.107 1.00 42.94  ? 88   LEU A CB  1 
ATOM   651 C  CG  . LEU A 1 90  ? -3.153  -13.025 -14.537 1.00 50.37  ? 88   LEU A CG  1 
ATOM   652 C  CD1 . LEU A 1 90  ? -4.270  -12.116 -14.945 1.00 52.23  ? 88   LEU A CD1 1 
ATOM   653 C  CD2 . LEU A 1 90  ? -3.463  -14.387 -15.007 1.00 54.21  ? 88   LEU A CD2 1 
ATOM   654 N  N   . TYR A 1 91  ? 0.189   -11.725 -17.278 1.00 43.57  ? 89   TYR A N   1 
ATOM   655 C  CA  . TYR A 1 91  ? 1.355   -10.971 -17.748 1.00 31.84  ? 89   TYR A CA  1 
ATOM   656 C  C   . TYR A 1 91  ? 1.296   -9.522  -17.287 1.00 30.31  ? 89   TYR A C   1 
ATOM   657 O  O   . TYR A 1 91  ? 0.308   -8.838  -17.553 1.00 30.36  ? 89   TYR A O   1 
ATOM   658 C  CB  . TYR A 1 91  ? 1.362   -11.004 -19.278 1.00 35.84  ? 89   TYR A CB  1 
ATOM   659 C  CG  . TYR A 1 91  ? 2.551   -10.273 -19.878 1.00 40.41  ? 89   TYR A CG  1 
ATOM   660 C  CD1 . TYR A 1 91  ? 2.520   -8.900  -20.094 1.00 46.43  ? 89   TYR A CD1 1 
ATOM   661 C  CD2 . TYR A 1 91  ? 3.708   -10.958 -20.206 1.00 46.64  ? 89   TYR A CD2 1 
ATOM   662 C  CE1 . TYR A 1 91  ? 3.604   -8.235  -20.597 1.00 44.79  ? 89   TYR A CE1 1 
ATOM   663 C  CE2 . TYR A 1 91  ? 4.792   -10.308 -20.745 1.00 45.65  ? 89   TYR A CE2 1 
ATOM   664 C  CZ  . TYR A 1 91  ? 4.720   -8.954  -20.930 1.00 45.81  ? 89   TYR A CZ  1 
ATOM   665 O  OH  . TYR A 1 91  ? 5.790   -8.313  -21.408 1.00 38.95  ? 89   TYR A OH  1 
ATOM   666 N  N   . LEU A 1 92  ? 2.380   -9.024  -16.685 1.00 30.29  ? 90   LEU A N   1 
ATOM   667 C  CA  . LEU A 1 92  ? 2.432   -7.653  -16.187 1.00 34.23  ? 90   LEU A CA  1 
ATOM   668 C  C   . LEU A 1 92  ? 2.971   -6.652  -17.223 1.00 35.47  ? 90   LEU A C   1 
ATOM   669 O  O   . LEU A 1 92  ? 4.057   -6.845  -17.776 1.00 33.15  ? 90   LEU A O   1 
ATOM   670 C  CB  . LEU A 1 92  ? 3.291   -7.636  -14.946 1.00 33.39  ? 90   LEU A CB  1 
ATOM   671 C  CG  . LEU A 1 92  ? 3.659   -6.285  -14.336 1.00 39.58  ? 90   LEU A CG  1 
ATOM   672 C  CD1 . LEU A 1 92  ? 2.476   -5.616  -13.662 1.00 35.09  ? 90   LEU A CD1 1 
ATOM   673 C  CD2 . LEU A 1 92  ? 4.810   -6.514  -13.343 1.00 25.82  ? 90   LEU A CD2 1 
ATOM   674 N  N   . HIS A 1 93  ? 2.201   -5.610  -17.520 1.00 37.62  ? 91   HIS A N   1 
ATOM   675 C  CA  . HIS A 1 93  ? 2.648   -4.588  -18.486 1.00 34.18  ? 91   HIS A CA  1 
ATOM   676 C  C   . HIS A 1 93  ? 2.175   -3.196  -18.081 1.00 31.22  ? 91   HIS A C   1 
ATOM   677 O  O   . HIS A 1 93  ? 0.956   -2.923  -18.035 1.00 34.87  ? 91   HIS A O   1 
ATOM   678 C  CB  . HIS A 1 93  ? 2.081   -4.893  -19.853 1.00 32.75  ? 91   HIS A CB  1 
ATOM   679 C  CG  . HIS A 1 93  ? 2.358   -3.851  -20.909 1.00 36.58  ? 91   HIS A CG  1 
ATOM   680 N  ND1 . HIS A 1 93  ? 3.623   -3.609  -21.410 1.00 33.04  ? 91   HIS A ND1 1 
ATOM   681 C  CD2 . HIS A 1 93  ? 1.515   -3.054  -21.615 1.00 35.05  ? 91   HIS A CD2 1 
ATOM   682 C  CE1 . HIS A 1 93  ? 3.548   -2.681  -22.350 1.00 41.25  ? 91   HIS A CE1 1 
ATOM   683 N  NE2 . HIS A 1 93  ? 2.284   -2.312  -22.481 1.00 40.16  ? 91   HIS A NE2 1 
ATOM   684 N  N   . LYS A 1 94  ? 3.129   -2.333  -17.773 1.00 32.46  ? 92   LYS A N   1 
ATOM   685 C  CA  . LYS A 1 94  ? 2.822   -0.979  -17.308 1.00 36.44  ? 92   LYS A CA  1 
ATOM   686 C  C   . LYS A 1 94  ? 1.751   -1.020  -16.208 1.00 39.50  ? 92   LYS A C   1 
ATOM   687 O  O   . LYS A 1 94  ? 0.702   -0.399  -16.346 1.00 29.41  ? 92   LYS A O   1 
ATOM   688 C  CB  . LYS A 1 94  ? 2.359   -0.112  -18.480 1.00 41.75  ? 92   LYS A CB  1 
ATOM   689 C  CG  . LYS A 1 94  ? 3.417   0.024   -19.601 1.00 49.62  ? 92   LYS A CG  1 
ATOM   690 C  CD  . LYS A 1 94  ? 2.857   0.805   -20.802 1.00 58.78  ? 92   LYS A CD  1 
ATOM   691 C  CE  . LYS A 1 94  ? 3.936   1.208   -21.861 1.00 67.50  ? 92   LYS A CE  1 
ATOM   692 N  NZ  . LYS A 1 94  ? 3.362   2.047   -22.999 1.00 64.83  ? 92   LYS A NZ  1 
ATOM   693 N  N   . GLY A 1 95  ? 1.997   -1.823  -15.168 1.00 42.60  ? 93   GLY A N   1 
ATOM   694 C  CA  . GLY A 1 95  ? 1.319   -1.672  -13.900 1.00 40.18  ? 93   GLY A CA  1 
ATOM   695 C  C   . GLY A 1 95  ? -0.051  -2.322  -13.921 1.00 44.01  ? 93   GLY A C   1 
ATOM   696 O  O   . GLY A 1 95  ? -0.845  -2.094  -12.997 1.00 38.52  ? 93   GLY A O   1 
ATOM   697 N  N   . ARG A 1 96  ? -0.312  -3.085  -14.984 1.00 36.76  ? 94   ARG A N   1 
ATOM   698 C  CA  . ARG A 1 96  ? -1.512  -3.894  -15.163 1.00 35.50  ? 94   ARG A CA  1 
ATOM   699 C  C   . ARG A 1 96  ? -1.178  -5.358  -15.508 1.00 40.15  ? 94   ARG A C   1 
ATOM   700 O  O   . ARG A 1 96  ? -0.048  -5.677  -15.873 1.00 36.23  ? 94   ARG A O   1 
ATOM   701 C  CB  . ARG A 1 96  ? -2.478  -3.231  -16.175 1.00 41.43  ? 94   ARG A CB  1 
ATOM   702 C  CG  . ARG A 1 96  ? -3.026  -1.881  -15.603 1.00 74.69  ? 94   ARG A CG  1 
ATOM   703 C  CD  . ARG A 1 96  ? -4.240  -1.266  -16.313 1.00 79.57  ? 94   ARG A CD  1 
ATOM   704 N  NE  . ARG A 1 96  ? -4.119  0.203   -16.395 1.00 91.53  ? 94   ARG A NE  1 
ATOM   705 C  CZ  . ARG A 1 96  ? -4.975  1.033   -17.012 1.00 100.73 ? 94   ARG A CZ  1 
ATOM   706 N  NH1 . ARG A 1 96  ? -6.067  0.555   -17.606 1.00 107.16 ? 94   ARG A NH1 1 
ATOM   707 N  NH2 . ARG A 1 96  ? -4.744  2.354   -17.037 1.00 97.78  ? 94   ARG A NH2 1 
ATOM   708 N  N   . CYS A 1 97  ? -2.161  -6.239  -15.313 1.00 36.89  ? 95   CYS A N   1 
ATOM   709 C  CA  . CYS A 1 97  ? -1.986  -7.690  -15.373 1.00 43.42  ? 95   CYS A CA  1 
ATOM   710 C  C   . CYS A 1 97  ? -2.872  -8.213  -16.518 1.00 48.22  ? 95   CYS A C   1 
ATOM   711 O  O   . CYS A 1 97  ? -4.017  -7.771  -16.639 1.00 58.11  ? 95   CYS A O   1 
ATOM   712 C  CB  . CYS A 1 97  ? -2.390  -8.369  -14.039 1.00 37.86  ? 95   CYS A CB  1 
ATOM   713 S  SG  . CYS A 1 97  ? -1.424  -7.827  -12.614 1.00 42.53  ? 95   CYS A SG  1 
ATOM   714 N  N   . TYR A 1 98  ? -2.335  -9.122  -17.342 1.00 41.41  ? 96   TYR A N   1 
ATOM   715 C  CA  . TYR A 1 98  ? -2.934  -9.552  -18.621 1.00 29.22  ? 96   TYR A CA  1 
ATOM   716 C  C   . TYR A 1 98  ? -2.890  -11.098 -18.715 1.00 22.31  ? 96   TYR A C   1 
ATOM   717 O  O   . TYR A 1 98  ? -1.797  -11.672 -18.526 1.00 36.46  ? 96   TYR A O   1 
ATOM   718 C  CB  . TYR A 1 98  ? -2.136  -8.943  -19.807 1.00 37.86  ? 96   TYR A CB  1 
ATOM   719 C  CG  . TYR A 1 98  ? -2.332  -7.455  -19.876 1.00 37.51  ? 96   TYR A CG  1 
ATOM   720 C  CD1 . TYR A 1 98  ? -3.457  -6.920  -20.518 1.00 29.25  ? 96   TYR A CD1 1 
ATOM   721 C  CD2 . TYR A 1 98  ? -1.435  -6.570  -19.244 1.00 30.85  ? 96   TYR A CD2 1 
ATOM   722 C  CE1 . TYR A 1 98  ? -3.698  -5.532  -20.530 1.00 29.80  ? 96   TYR A CE1 1 
ATOM   723 C  CE2 . TYR A 1 98  ? -1.655  -5.145  -19.273 1.00 30.28  ? 96   TYR A CE2 1 
ATOM   724 C  CZ  . TYR A 1 98  ? -2.789  -4.649  -19.918 1.00 32.98  ? 96   TYR A CZ  1 
ATOM   725 O  OH  . TYR A 1 98  ? -3.053  -3.291  -19.970 1.00 33.34  ? 96   TYR A OH  1 
ATOM   726 N  N   . PRO A 1 99  ? -4.062  -11.773 -18.900 1.00 51.39  ? 97   PRO A N   1 
ATOM   727 C  CA  . PRO A 1 99  ? -4.170  -13.215 -19.198 1.00 54.70  ? 97   PRO A CA  1 
ATOM   728 C  C   . PRO A 1 99  ? -3.848  -13.352 -20.691 1.00 64.34  ? 97   PRO A C   1 
ATOM   729 O  O   . PRO A 1 99  ? -4.313  -12.469 -21.380 1.00 74.86  ? 97   PRO A O   1 
ATOM   730 C  CB  . PRO A 1 99  ? -5.654  -13.496 -18.943 1.00 57.29  ? 97   PRO A CB  1 
ATOM   731 C  CG  . PRO A 1 99  ? -6.376  -12.131 -19.073 1.00 50.09  ? 97   PRO A CG  1 
ATOM   732 C  CD  . PRO A 1 99  ? -5.314  -11.052 -19.187 1.00 44.59  ? 97   PRO A CD  1 
ATOM   733 N  N   . ALA A 1 100 ? -3.172  -14.342 -21.272 1.00 82.43  ? 98   ALA A N   1 
ATOM   734 C  CA  . ALA A 1 100 ? -3.105  -15.761 -20.981 1.00 93.73  ? 98   ALA A CA  1 
ATOM   735 C  C   . ALA A 1 100 ? -1.803  -16.021 -20.246 1.00 97.01  ? 98   ALA A C   1 
ATOM   736 O  O   . ALA A 1 100 ? -0.982  -15.091 -20.222 1.00 94.57  ? 98   ALA A O   1 
ATOM   737 C  CB  . ALA A 1 100 ? -3.102  -16.511 -22.351 1.00 62.18  ? 98   ALA A CB  1 
ATOM   738 N  N   . CYS A 1 101 ? -1.519  -17.196 -19.645 1.00 98.00  ? 99   CYS A N   1 
ATOM   739 C  CA  . CYS A 1 101 ? -2.245  -18.503 -19.429 1.00 100.71 ? 99   CYS A CA  1 
ATOM   740 C  C   . CYS A 1 101 ? -1.496  -19.758 -19.973 1.00 109.93 ? 99   CYS A C   1 
ATOM   741 O  O   . CYS A 1 101 ? -1.993  -20.486 -20.847 1.00 107.34 ? 99   CYS A O   1 
ATOM   742 C  CB  . CYS A 1 101 ? -3.800  -18.531 -19.609 1.00 90.34  ? 99   CYS A CB  1 
ATOM   743 S  SG  . CYS A 1 101 ? -4.558  -19.326 -21.083 1.00 108.23 ? 99   CYS A SG  1 
ATOM   744 N  N   . PRO A 1 102 ? -0.277  -20.005 -19.437 1.00 112.02 ? 100  PRO A N   1 
ATOM   745 C  CA  . PRO A 1 102 ? 0.475   -21.204 -19.826 1.00 116.45 ? 100  PRO A CA  1 
ATOM   746 C  C   . PRO A 1 102 ? -0.246  -22.487 -19.405 1.00 120.79 ? 100  PRO A C   1 
ATOM   747 O  O   . PRO A 1 102 ? -1.137  -22.940 -20.133 1.00 120.97 ? 100  PRO A O   1 
ATOM   748 C  CB  . PRO A 1 102 ? 1.804   -21.048 -19.065 1.00 114.30 ? 100  PRO A CB  1 
ATOM   749 C  CG  . PRO A 1 102 ? 1.928   -19.582 -18.815 1.00 108.86 ? 100  PRO A CG  1 
ATOM   750 C  CD  . PRO A 1 102 ? 0.520   -19.143 -18.544 1.00 107.88 ? 100  PRO A CD  1 
ATOM   751 N  N   . MET A 1 112 ? 1.669   -27.146 -19.713 1.00 138.14 ? 110  MET A N   1 
ATOM   752 C  CA  . MET A 1 112 ? 0.848   -28.050 -20.513 1.00 142.92 ? 110  MET A CA  1 
ATOM   753 C  C   . MET A 1 112 ? -0.337  -27.324 -21.160 1.00 147.01 ? 110  MET A C   1 
ATOM   754 O  O   . MET A 1 112 ? -0.212  -26.775 -22.256 1.00 147.56 ? 110  MET A O   1 
ATOM   755 C  CB  . MET A 1 112 ? 0.362   -29.234 -19.672 1.00 142.72 ? 110  MET A CB  1 
ATOM   756 N  N   . GLU A 1 113 ? -1.483  -27.314 -20.484 1.00 149.30 ? 111  GLU A N   1 
ATOM   757 C  CA  . GLU A 1 113 ? -2.677  -26.662 -21.028 1.00 148.70 ? 111  GLU A CA  1 
ATOM   758 C  C   . GLU A 1 113 ? -3.212  -25.517 -20.143 1.00 148.43 ? 111  GLU A C   1 
ATOM   759 O  O   . GLU A 1 113 ? -2.564  -25.117 -19.171 1.00 146.63 ? 111  GLU A O   1 
ATOM   760 C  CB  . GLU A 1 113 ? -3.764  -27.703 -21.311 1.00 148.98 ? 111  GLU A CB  1 
ATOM   761 N  N   . CYS A 1 114 ? -4.396  -25.003 -20.482 1.00 150.92 ? 112  CYS A N   1 
ATOM   762 C  CA  . CYS A 1 114 ? -4.953  -23.803 -19.840 1.00 153.98 ? 112  CYS A CA  1 
ATOM   763 C  C   . CYS A 1 114 ? -6.390  -23.987 -19.304 1.00 163.07 ? 112  CYS A C   1 
ATOM   764 O  O   . CYS A 1 114 ? -7.275  -23.186 -19.611 1.00 163.48 ? 112  CYS A O   1 
ATOM   765 C  CB  . CYS A 1 114 ? -4.902  -22.630 -20.839 1.00 149.52 ? 112  CYS A CB  1 
ATOM   766 S  SG  . CYS A 1 114 ? -5.395  -20.982 -20.240 1.00 146.73 ? 112  CYS A SG  1 
ATOM   767 N  N   . SER A 1 115 ? -6.622  -25.026 -18.497 1.00 170.75 ? 113  SER A N   1 
ATOM   768 C  CA  . SER A 1 115 ? -7.971  -25.317 -17.978 1.00 111.66 ? 113  SER A CA  1 
ATOM   769 C  C   . SER A 1 115 ? -8.272  -24.612 -16.652 1.00 108.36 ? 113  SER A C   1 
ATOM   770 O  O   . SER A 1 115 ? -8.342  -25.242 -15.594 1.00 105.21 ? 113  SER A O   1 
ATOM   771 C  CB  . SER A 1 115 ? -8.203  -26.829 -17.837 1.00 115.49 ? 113  SER A CB  1 
ATOM   772 O  OG  . SER A 1 115 ? -9.257  -27.272 -18.681 1.00 116.91 ? 113  SER A OG  1 
HETATM 773 C  C1  . EDO B 2 .   ? 5.529   -2.323  -2.269  1.00 73.67  ? 1114 EDO A C1  1 
HETATM 774 O  O1  . EDO B 2 .   ? 5.231   -2.999  -3.504  1.00 70.30  ? 1114 EDO A O1  1 
HETATM 775 C  C2  . EDO B 2 .   ? 6.326   -3.363  -1.532  1.00 74.17  ? 1114 EDO A C2  1 
HETATM 776 O  O2  . EDO B 2 .   ? 6.773   -4.250  -2.570  1.00 73.08  ? 1114 EDO A O2  1 
HETATM 777 C  C1  . EDO C 2 .   ? 5.660   2.660   9.663   1.00 45.62  ? 1115 EDO A C1  1 
HETATM 778 O  O1  . EDO C 2 .   ? 5.171   1.472   10.275  1.00 43.42  ? 1115 EDO A O1  1 
HETATM 779 C  C2  . EDO C 2 .   ? 4.562   3.462   8.976   1.00 43.18  ? 1115 EDO A C2  1 
HETATM 780 O  O2  . EDO C 2 .   ? 5.049   4.652   8.382   1.00 36.20  ? 1115 EDO A O2  1 
HETATM 781 C  C1  . EDO D 2 .   ? -3.517  -5.524  -3.363  1.00 48.86  ? 1116 EDO A C1  1 
HETATM 782 O  O1  . EDO D 2 .   ? -3.229  -6.418  -4.449  1.00 39.25  ? 1116 EDO A O1  1 
HETATM 783 C  C2  . EDO D 2 .   ? -5.016  -5.701  -3.058  1.00 56.33  ? 1116 EDO A C2  1 
HETATM 784 O  O2  . EDO D 2 .   ? -5.756  -6.158  -4.223  1.00 54.16  ? 1116 EDO A O2  1 
HETATM 785 C  C1  . EDO E 2 .   ? -8.141  -7.495  -6.253  1.00 51.28  ? 1117 EDO A C1  1 
HETATM 786 O  O1  . EDO E 2 .   ? -7.349  -6.472  -5.626  1.00 64.76  ? 1117 EDO A O1  1 
HETATM 787 C  C2  . EDO E 2 .   ? -8.978  -6.712  -7.235  1.00 42.73  ? 1117 EDO A C2  1 
HETATM 788 O  O2  . EDO E 2 .   ? -9.088  -5.423  -6.618  1.00 41.67  ? 1117 EDO A O2  1 
HETATM 789 C  C1  A EDO F 2 .   ? 1.958   5.400   -2.667  0.58 48.22  ? 1118 EDO A C1  1 
HETATM 790 C  C1  B EDO F 2 .   ? 0.329   6.582   -0.998  0.42 52.79  ? 1118 EDO A C1  1 
HETATM 791 O  O1  A EDO F 2 .   ? 0.761   5.682   -1.923  0.58 56.62  ? 1118 EDO A O1  1 
HETATM 792 O  O1  B EDO F 2 .   ? 0.743   5.233   -0.750  0.42 53.46  ? 1118 EDO A O1  1 
HETATM 793 C  C2  A EDO F 2 .   ? 2.545   6.663   -3.264  0.58 40.52  ? 1118 EDO A C2  1 
HETATM 794 C  C2  B EDO F 2 .   ? -0.901  6.557   -1.900  0.42 44.22  ? 1118 EDO A C2  1 
HETATM 795 O  O2  A EDO F 2 .   ? 3.344   6.273   -4.386  0.58 40.45  ? 1118 EDO A O2  1 
HETATM 796 O  O2  B EDO F 2 .   ? -1.628  5.340   -1.689  0.42 28.93  ? 1118 EDO A O2  1 
HETATM 797 CL CL  . CL  G 3 .   ? -7.911  -6.397  -0.172  1.00 66.78  ? 1119 CL  A CL  1 
HETATM 798 CL CL  . CL  H 3 .   ? 4.143   -10.937 -12.547 1.00 60.06  ? 1120 CL  A CL  1 
HETATM 799 O  O   . HOH I 4 .   ? 2.225   14.977  19.782  1.00 49.32  ? 2001 HOH A O   1 
HETATM 800 O  O   . HOH I 4 .   ? 2.284   5.688   20.453  1.00 61.55  ? 2002 HOH A O   1 
HETATM 801 O  O   . HOH I 4 .   ? 2.468   1.422   18.977  1.00 62.51  ? 2003 HOH A O   1 
HETATM 802 O  O   . HOH I 4 .   ? 4.307   1.457   19.278  1.00 67.28  ? 2004 HOH A O   1 
HETATM 803 O  O   . HOH I 4 .   ? 3.878   -5.754  11.146  1.00 44.41  ? 2005 HOH A O   1 
HETATM 804 O  O   . HOH I 4 .   ? -0.617  5.362   2.394   1.00 37.50  ? 2006 HOH A O   1 
HETATM 805 O  O   . HOH I 4 .   ? -2.133  5.859   1.179   1.00 50.74  ? 2007 HOH A O   1 
HETATM 806 O  O   . HOH I 4 .   ? -4.394  6.679   -0.005  1.00 56.71  ? 2008 HOH A O   1 
HETATM 807 O  O   . HOH I 4 .   ? -2.659  6.892   14.104  1.00 40.19  ? 2009 HOH A O   1 
HETATM 808 O  O   . HOH I 4 .   ? -5.902  -6.109  11.566  1.00 49.34  ? 2010 HOH A O   1 
HETATM 809 O  O   . HOH I 4 .   ? -5.742  -5.093  2.733   1.00 39.99  ? 2011 HOH A O   1 
HETATM 810 O  O   . HOH I 4 .   ? 2.059   -8.137  2.766   1.00 56.36  ? 2012 HOH A O   1 
HETATM 811 O  O   . HOH I 4 .   ? 6.955   -7.143  8.928   1.00 41.91  ? 2013 HOH A O   1 
HETATM 812 O  O   . HOH I 4 .   ? -1.181  -9.531  -1.843  1.00 39.43  ? 2014 HOH A O   1 
HETATM 813 O  O   . HOH I 4 .   ? 4.412   -0.575  -7.997  1.00 38.59  ? 2015 HOH A O   1 
HETATM 814 O  O   . HOH I 4 .   ? -3.186  1.259   -13.382 1.00 42.34  ? 2016 HOH A O   1 
HETATM 815 O  O   . HOH I 4 .   ? 4.138   -2.901  -14.382 1.00 42.84  ? 2017 HOH A O   1 
HETATM 816 O  O   . HOH I 4 .   ? 4.145   -10.250 -16.605 1.00 49.12  ? 2018 HOH A O   1 
HETATM 817 O  O   . HOH I 4 .   ? -0.769  -1.689  -18.810 1.00 39.63  ? 2019 HOH A O   1 
HETATM 818 O  O   . HOH I 4 .   ? 5.920   -4.552  -20.400 1.00 40.38  ? 2020 HOH A O   1 
# 
loop_
_atom_site_anisotrop.id 
_atom_site_anisotrop.type_symbol 
_atom_site_anisotrop.pdbx_label_atom_id 
_atom_site_anisotrop.pdbx_label_alt_id 
_atom_site_anisotrop.pdbx_label_comp_id 
_atom_site_anisotrop.pdbx_label_asym_id 
_atom_site_anisotrop.pdbx_label_seq_id 
_atom_site_anisotrop.pdbx_PDB_ins_code 
_atom_site_anisotrop.U[1][1] 
_atom_site_anisotrop.U[2][2] 
_atom_site_anisotrop.U[3][3] 
_atom_site_anisotrop.U[1][2] 
_atom_site_anisotrop.U[1][3] 
_atom_site_anisotrop.U[2][3] 
_atom_site_anisotrop.pdbx_auth_seq_id 
_atom_site_anisotrop.pdbx_auth_comp_id 
_atom_site_anisotrop.pdbx_auth_asym_id 
_atom_site_anisotrop.pdbx_auth_atom_id 
1   N N   . GLN A 10  ? 1.9739 1.4509 1.4684 -0.2065 0.2472  -0.2118 8   GLN A N   
2   C CA  . GLN A 10  ? 1.9755 1.4908 1.4801 -0.1884 0.2047  -0.2124 8   GLN A CA  
3   C C   . GLN A 10  ? 1.9928 1.4876 1.4693 -0.1810 0.1985  -0.1942 8   GLN A C   
4   O O   . GLN A 10  ? 2.0891 1.5279 1.4984 -0.1798 0.2057  -0.1849 8   GLN A O   
5   C CB  . GLN A 10  ? 2.0015 1.5276 1.4643 -0.1669 0.1623  -0.2295 8   GLN A CB  
6   N N   . ALA A 11  ? 1.9109 1.4463 1.4341 -0.1771 0.1850  -0.1892 9   ALA A N   
7   C CA  . ALA A 11  ? 1.7403 1.3404 1.3358 -0.1783 0.1711  -0.1997 9   ALA A CA  
8   C C   . ALA A 11  ? 1.4350 1.0654 1.0910 -0.1844 0.1796  -0.1881 9   ALA A C   
9   O O   . ALA A 11  ? 1.4064 1.0561 1.0540 -0.1698 0.1479  -0.1852 9   ALA A O   
10  C CB  . ALA A 11  ? 1.7823 1.4160 1.3553 -0.1546 0.1199  -0.2132 9   ALA A CB  
11  N N   . CYS A 12  ? 1.1961 0.8367 0.9162 -0.2017 0.2191  -0.1827 10  CYS A N   
12  C CA  . CYS A 12  ? 1.1011 0.7736 0.8909 -0.2052 0.2336  -0.1695 10  CYS A CA  
13  C C   . CYS A 12  ? 1.1593 0.7981 0.9259 -0.2103 0.2632  -0.1577 10  CYS A C   
14  O O   . CYS A 12  ? 1.2448 0.8271 0.9327 -0.2141 0.2709  -0.1575 10  CYS A O   
15  C CB  . CYS A 12  ? 0.7220 0.4383 0.5406 -0.1966 0.1963  -0.1678 10  CYS A CB  
16  S SG  . CYS A 12  ? 0.8090 0.5977 0.7108 -0.2009 0.1788  -0.1747 10  CYS A SG  
17  N N   . ALA A 13  ? 1.0473 0.7269 0.8837 -0.2068 0.2765  -0.1476 11  ALA A N   
18  C CA  . ALA A 13  ? 0.9230 0.5845 0.7417 -0.2082 0.2963  -0.1419 11  ALA A CA  
19  C C   . ALA A 13  ? 0.8691 0.4749 0.5974 -0.2128 0.2783  -0.1348 11  ALA A C   
20  O O   . ALA A 13  ? 0.8915 0.4978 0.6000 -0.2026 0.2393  -0.1347 11  ALA A O   
21  C CB  . ALA A 13  ? 0.6968 0.4204 0.6050 -0.1923 0.2878  -0.1325 11  ALA A CB  
22  N N   . LYS A 14  ? 0.9901 0.5449 0.6550 -0.2231 0.3027  -0.1328 12  LYS A N   
23  C CA  . LYS A 14  ? 1.1042 0.5926 0.6706 -0.2218 0.2805  -0.1228 12  LYS A CA  
24  C C   . LYS A 14  ? 0.9538 0.4621 0.5347 -0.2087 0.2469  -0.1155 12  LYS A C   
25  O O   . LYS A 14  ? 0.9325 0.4961 0.5930 -0.2091 0.2527  -0.1118 12  LYS A O   
26  C CB  . LYS A 14  ? 1.3343 0.7601 0.8285 -0.2406 0.3164  -0.1177 12  LYS A CB  
27  C CG  . LYS A 14  ? 1.5779 0.9456 1.0091 -0.2485 0.3241  -0.1185 12  LYS A CG  
28  C CD  . LYS A 14  ? 1.6997 1.0521 1.0837 -0.2198 0.2706  -0.1206 12  LYS A CD  
29  C CE  . LYS A 14  ? 1.7333 1.1384 1.1713 -0.2113 0.2604  -0.1368 12  LYS A CE  
30  N NZ  . LYS A 14  ? 1.8330 1.2077 1.2099 -0.1983 0.2402  -0.1444 12  LYS A NZ  
31  N N   . GLY A 15  ? 0.9830 0.4621 0.4976 -0.1878 0.2034  -0.1139 13  GLY A N   
32  C CA  . GLY A 15  ? 0.8398 0.3384 0.3605 -0.1710 0.1681  -0.1094 13  GLY A CA  
33  C C   . GLY A 15  ? 0.7926 0.3691 0.3911 -0.1603 0.1428  -0.1209 13  GLY A C   
34  O O   . GLY A 15  ? 0.8011 0.4025 0.3973 -0.1406 0.1049  -0.1191 13  GLY A O   
35  N N   . CYS A 16  ? 0.7178 0.3338 0.3821 -0.1721 0.1616  -0.1303 14  CYS A N   
36  C CA  . CYS A 16  ? 0.7026 0.4091 0.4587 -0.1636 0.1390  -0.1305 14  CYS A CA  
37  C C   . CYS A 16  ? 0.6828 0.4021 0.4030 -0.1496 0.1059  -0.1486 14  CYS A C   
38  O O   . CYS A 16  ? 0.7520 0.4353 0.4298 -0.1549 0.1173  -0.1613 14  CYS A O   
39  C CB  . CYS A 16  ? 0.6197 0.3655 0.4731 -0.1816 0.1747  -0.1271 14  CYS A CB  
40  S SG  . CYS A 16  ? 0.5570 0.3978 0.5136 -0.1764 0.1536  -0.1240 14  CYS A SG  
41  N N   . GLU A 17  ? 0.7142 0.4933 0.4557 -0.1306 0.0641  -0.1500 15  GLU A N   
42  C CA  . GLU A 17  ? 0.7594 0.5619 0.4711 -0.1188 0.0325  -0.1722 15  GLU A CA  
43  C C   . GLU A 17  ? 0.6745 0.5417 0.4699 -0.1350 0.0400  -0.1787 15  GLU A C   
44  O O   . GLU A 17  ? 0.7181 0.5809 0.4939 -0.1420 0.0400  -0.1986 15  GLU A O   
45  C CB  . GLU A 17  ? 0.8196 0.6639 0.5151 -0.0898 -0.0167 -0.1754 15  GLU A CB  
46  C CG  . GLU A 17  ? 1.0922 0.9061 0.7184 -0.0541 -0.0424 -0.1738 15  GLU A CG  
47  C CD  . GLU A 17  ? 1.2068 1.0983 0.8583 -0.0325 -0.0777 -0.1743 15  GLU A CD  
48  O OE1 . GLU A 17  ? 1.1590 1.0955 0.8462 -0.0462 -0.0897 -0.1715 15  GLU A OE1 
49  O OE2 . GLU A 17  ? 1.3024 1.1674 0.9186 -0.0143 -0.0889 -0.1595 15  GLU A OE2 
50  N N   . LEU A 18  ? 0.6931 0.6177 0.5768 -0.1409 0.0448  -0.1622 16  LEU A N   
51  C CA  . LEU A 18  ? 0.6279 0.6111 0.5861 -0.1556 0.0486  -0.1653 16  LEU A CA  
52  C C   . LEU A 18  ? 0.3981 0.3665 0.4162 -0.1720 0.0904  -0.1479 16  LEU A C   
53  O O   . LEU A 18  ? 0.4391 0.4142 0.4913 -0.1680 0.0996  -0.1284 16  LEU A O   
54  C CB  . LEU A 18  ? 0.5588 0.6228 0.5647 -0.1449 0.0160  -0.1600 16  LEU A CB  
55  C CG  . LEU A 18  ? 0.6389 0.7668 0.6799 -0.1553 0.0004  -0.1757 16  LEU A CG  
56  C CD1 . LEU A 18  ? 0.3326 0.5292 0.4153 -0.1346 -0.0249 -0.1570 16  LEU A CD1 
57  C CD2 . LEU A 18  ? 0.6810 0.7942 0.7696 -0.1792 0.0367  -0.1682 16  LEU A CD2 
58  N N   . CYS A 19  ? 0.4179 0.3671 0.4474 -0.1889 0.1146  -0.1575 17  CYS A N   
59  C CA  . CYS A 19  ? 0.5448 0.4682 0.6053 -0.1910 0.1519  -0.1438 17  CYS A CA  
60  C C   . CYS A 19  ? 0.5777 0.5263 0.6887 -0.1850 0.1576  -0.1346 17  CYS A C   
61  O O   . CYS A 19  ? 0.5595 0.5100 0.6624 -0.1971 0.1545  -0.1494 17  CYS A O   
62  C CB  . CYS A 19  ? 0.7591 0.6134 0.7486 -0.2004 0.1717  -0.1621 17  CYS A CB  
63  S SG  . CYS A 19  ? 0.7838 0.6129 0.7918 -0.1979 0.2129  -0.1559 17  CYS A SG  
64  N N   . SER A 20  ? 0.4828 0.4437 0.6361 -0.1665 0.1622  -0.1123 18  SER A N   
65  C CA  . SER A 20  ? 0.5318 0.4953 0.7136 -0.1629 0.1672  -0.1068 18  SER A CA  
66  C C   . SER A 20  ? 0.5976 0.5268 0.7859 -0.1567 0.1969  -0.1097 18  SER A C   
67  O O   . SER A 20  ? 0.6480 0.5713 0.8424 -0.1460 0.2070  -0.1048 18  SER A O   
68  C CB  . SER A 20  ? 0.5692 0.5711 0.7877 -0.1491 0.1455  -0.0827 18  SER A CB  
69  O OG  . SER A 20  ? 0.5320 0.5179 0.7737 -0.1425 0.1606  -0.0772 18  SER A OG  
70  N N   . GLU A 21  ? 0.6272 0.5364 0.8160 -0.1644 0.2109  -0.1195 19  GLU A N   
71  C CA  . GLU A 21  ? 0.7522 0.6305 0.9513 -0.1595 0.2413  -0.1262 19  GLU A CA  
72  C C   . GLU A 21  ? 0.6444 0.5393 0.8892 -0.1386 0.2410  -0.1097 19  GLU A C   
73  O O   . GLU A 21  ? 0.7175 0.5958 0.9769 -0.1306 0.2653  -0.1160 19  GLU A O   
74  C CB  . GLU A 21  ? 0.5364 0.3940 0.7320 -0.1719 0.2508  -0.1367 19  GLU A CB  
75  N N   . VAL A 22  ? 0.5564 0.4846 0.8229 -0.1307 0.2145  -0.0904 20  VAL A N   
76  C CA  . VAL A 22  ? 0.6768 0.6153 0.9845 -0.1127 0.2158  -0.0773 20  VAL A CA  
77  C C   . VAL A 22  ? 0.7531 0.7221 1.0677 -0.1004 0.1959  -0.0630 20  VAL A C   
78  O O   . VAL A 22  ? 0.7582 0.7281 1.0987 -0.0875 0.2043  -0.0607 20  VAL A O   
79  C CB  . VAL A 22  ? 0.7314 0.6736 1.0578 -0.1137 0.2086  -0.0666 20  VAL A CB  
80  C CG1 . VAL A 22  ? 0.7982 0.7515 1.0955 -0.1325 0.1889  -0.0668 20  VAL A CG1 
81  C CG2 . VAL A 22  ? 0.6479 0.6160 1.0048 -0.0973 0.1935  -0.0468 20  VAL A CG2 
82  N N   . ASN A 23  ? 0.7143 0.7077 1.0062 -0.1055 0.1700  -0.0551 21  ASN A N   
83  C CA  . ASN A 23  ? 0.5488 0.5696 0.8397 -0.0962 0.1505  -0.0424 21  ASN A CA  
84  C C   . ASN A 23  ? 0.5943 0.6046 0.8593 -0.1022 0.1557  -0.0511 21  ASN A C   
85  O O   . ASN A 23  ? 0.6824 0.7107 0.9420 -0.0977 0.1412  -0.0424 21  ASN A O   
86  C CB  . ASN A 23  ? 0.4518 0.5053 0.7370 -0.0976 0.1226  -0.0297 21  ASN A CB  
87  C CG  . ASN A 23  ? 0.6176 0.6781 0.9257 -0.0942 0.1203  -0.0213 21  ASN A CG  
88  O OD1 . ASN A 23  ? 0.6847 0.7451 0.9853 -0.1068 0.1175  -0.0223 21  ASN A OD1 
89  N ND2 . ASN A 23  ? 0.6180 0.6836 0.9537 -0.0789 0.1211  -0.0127 21  ASN A ND2 
90  N N   . GLY A 24  ? 0.5931 0.5706 0.8365 -0.1142 0.1781  -0.0692 22  GLY A N   
91  C CA  . GLY A 24  ? 0.4723 0.4298 0.6821 -0.1227 0.1883  -0.0787 22  GLY A CA  
92  C C   . GLY A 24  ? 0.4795 0.4457 0.6614 -0.1318 0.1692  -0.0783 22  GLY A C   
93  O O   . GLY A 24  ? 0.4570 0.4336 0.6349 -0.1392 0.1575  -0.0827 22  GLY A O   
94  N N   . CYS A 25  ? 0.4282 0.3895 0.5906 -0.1334 0.1667  -0.0758 23  CYS A N   
95  C CA  . CYS A 25  ? 0.4567 0.4175 0.5884 -0.1449 0.1515  -0.0814 23  CYS A CA  
96  C C   . CYS A 25  ? 0.4829 0.5011 0.6526 -0.1332 0.1185  -0.0671 23  CYS A C   
97  O O   . CYS A 25  ? 0.4297 0.4742 0.6288 -0.1168 0.1077  -0.0480 23  CYS A O   
98  C CB  . CYS A 25  ? 0.4885 0.4120 0.5737 -0.1536 0.1596  -0.0841 23  CYS A CB  
99  S SG  . CYS A 25  ? 0.5477 0.4421 0.5549 -0.1621 0.1308  -0.0998 23  CYS A SG  
100 N N   . LEU A 26  ? 0.4310 0.4691 0.5910 -0.1429 0.1005  -0.0797 24  LEU A N   
101 C CA  . LEU A 26  ? 0.3243 0.4200 0.5110 -0.1303 0.0677  -0.0691 24  LEU A CA  
102 C C   . LEU A 26  ? 0.4649 0.5801 0.6250 -0.1336 0.0421  -0.0864 24  LEU A C   
103 O O   . LEU A 26  ? 0.4776 0.6387 0.6559 -0.1157 0.0146  -0.0754 24  LEU A O   
104 C CB  . LEU A 26  ? 0.3586 0.4789 0.5572 -0.1310 0.0572  -0.0704 24  LEU A CB  
105 C CG  . LEU A 26  ? 0.5045 0.5997 0.7183 -0.1281 0.0779  -0.0574 24  LEU A CG  
106 C CD1 . LEU A 26  ? 0.5761 0.6746 0.7940 -0.1376 0.0787  -0.0640 24  LEU A CD1 
107 C CD2 . LEU A 26  ? 0.4813 0.5965 0.7126 -0.1104 0.0669  -0.0299 24  LEU A CD2 
108 N N   . LYS A 27  ? 0.5459 0.6023 0.6241 -0.1301 0.0397  -0.1001 25  LYS A N   
109 C CA  . LYS A 27  ? 0.4514 0.4987 0.4661 -0.1084 0.0047  -0.1059 25  LYS A CA  
110 C C   . LYS A 27  ? 0.4719 0.4294 0.3998 -0.1097 0.0195  -0.1114 25  LYS A C   
111 O O   . LYS A 27  ? 0.6179 0.5373 0.5058 -0.1179 0.0317  -0.1253 25  LYS A O   
112 C CB  . LYS A 27  ? 0.4565 0.5455 0.4515 -0.0971 -0.0304 -0.1259 25  LYS A CB  
113 C CG  . LYS A 27  ? 0.5951 0.7001 0.5462 -0.0680 -0.0731 -0.1317 25  LYS A CG  
114 C CD  . LYS A 27  ? 0.7021 0.7764 0.5770 -0.0482 -0.0964 -0.1459 25  LYS A CD  
115 C CE  . LYS A 27  ? 0.8661 0.9189 0.6987 -0.0214 -0.1185 -0.1280 25  LYS A CE  
116 N NZ  . LYS A 27  ? 1.0128 1.0248 0.7755 -0.0122 -0.1239 -0.1333 25  LYS A NZ  
117 N N   . CYS A 28  ? 0.4507 0.3722 0.3515 -0.1052 0.0222  -0.1000 26  CYS A N   
118 C CA  . CYS A 28  ? 0.5981 0.4265 0.4087 -0.1095 0.0382  -0.1022 26  CYS A CA  
119 C C   . CYS A 28  ? 0.7697 0.5661 0.4845 -0.0825 -0.0032 -0.1151 26  CYS A C   
120 O O   . CYS A 28  ? 0.7821 0.6381 0.5140 -0.0601 -0.0430 -0.1206 26  CYS A O   
121 C CB  . CYS A 28  ? 0.5075 0.3143 0.3293 -0.1184 0.0562  -0.0860 26  CYS A CB  
122 S SG  . CYS A 28  ? 0.5613 0.4247 0.5077 -0.1425 0.0986  -0.0740 26  CYS A SG  
123 N N   . SER A 29  ? 0.7982 0.5029 0.4111 -0.0829 0.0056  -0.1216 27  SER A N   
129 N N   . PRO A 30  ? 0.7124 0.6610 0.8712 0.0467  -0.0288 -0.0974 28  PRO A N   
130 C CA  . PRO A 30  ? 0.7048 0.6288 0.8579 0.0329  -0.0228 -0.0990 28  PRO A CA  
131 C C   . PRO A 30  ? 0.8163 0.7426 0.9514 0.0194  -0.0261 -0.0865 28  PRO A C   
132 O O   . PRO A 30  ? 0.7883 0.7006 0.9141 0.0056  -0.0207 -0.0860 28  PRO A O   
133 C CB  . PRO A 30  ? 0.6075 0.5065 0.7786 0.0397  -0.0223 -0.1077 28  PRO A CB  
134 C CG  . PRO A 30  ? 0.6630 0.5744 0.8450 0.0544  -0.0303 -0.1065 28  PRO A CG  
135 C CD  . PRO A 30  ? 0.6707 0.6114 0.8484 0.0607  -0.0324 -0.1038 28  PRO A CD  
136 N N   . LYS A 31  ? 0.9276 0.8725 1.0577 0.0232  -0.0348 -0.0764 29  LYS A N   
137 C CA  . LYS A 31  ? 0.9986 0.9489 1.1112 0.0109  -0.0383 -0.0640 29  LYS A CA  
138 C C   . LYS A 31  ? 0.8871 0.8463 0.9832 -0.0014 -0.0327 -0.0611 29  LYS A C   
139 O O   . LYS A 31  ? 0.8478 0.7959 0.9322 -0.0156 -0.0298 -0.0574 29  LYS A O   
140 C CB  . LYS A 31  ? 1.1229 1.0969 1.2319 0.0180  -0.0484 -0.0538 29  LYS A CB  
141 C CG  . LYS A 31  ? 1.2210 1.1935 1.3472 0.0334  -0.0544 -0.0572 29  LYS A CG  
142 C CD  . LYS A 31  ? 1.3087 1.2661 1.4364 0.0308  -0.0594 -0.0519 29  LYS A CD  
143 C CE  . LYS A 31  ? 1.3518 1.3190 1.4906 0.0452  -0.0682 -0.0500 29  LYS A CE  
144 N NZ  . LYS A 31  ? 1.3696 1.3383 1.5259 0.0597  -0.0665 -0.0614 29  LYS A NZ  
145 N N   . LEU A 32  ? 0.7245 0.7025 0.8206 0.0041  -0.0308 -0.0637 30  LEU A N   
146 C CA  . LEU A 32  ? 0.5367 0.5327 0.6162 -0.0050 -0.0282 -0.0580 30  LEU A CA  
147 C C   . LEU A 32  ? 0.4090 0.3944 0.4889 -0.0107 -0.0181 -0.0670 30  LEU A C   
148 O O   . LEU A 32  ? 0.4420 0.4077 0.5358 -0.0063 -0.0133 -0.0781 30  LEU A O   
149 C CB  . LEU A 32  ? 0.4647 0.4909 0.5442 0.0057  -0.0333 -0.0539 30  LEU A CB  
150 C CG  . LEU A 32  ? 0.5138 0.5573 0.5908 0.0116  -0.0437 -0.0439 30  LEU A CG  
151 C CD1 . LEU A 32  ? 0.3411 0.4123 0.4225 0.0246  -0.0477 -0.0433 30  LEU A CD1 
152 C CD2 . LEU A 32  ? 0.3741 0.4252 0.4311 -0.0020 -0.0467 -0.0310 30  LEU A CD2 
153 N N   . PHE A 33  ? 0.3229 0.3223 0.3880 -0.0197 -0.0148 -0.0626 31  PHE A N   
154 C CA  . PHE A 33  ? 0.3616 0.3524 0.4247 -0.0269 -0.0052 -0.0699 31  PHE A CA  
155 C C   . PHE A 33  ? 0.4154 0.4303 0.4773 -0.0211 -0.0038 -0.0702 31  PHE A C   
156 O O   . PHE A 33  ? 0.2968 0.3358 0.3472 -0.0225 -0.0084 -0.0604 31  PHE A O   
157 C CB  . PHE A 33  ? 0.4286 0.4141 0.4737 -0.0450 -0.0018 -0.0639 31  PHE A CB  
158 C CG  . PHE A 33  ? 0.5105 0.4712 0.5553 -0.0532 -0.0018 -0.0635 31  PHE A CG  
159 C CD1 . PHE A 33  ? 0.5129 0.4762 0.5534 -0.0537 -0.0097 -0.0542 31  PHE A CD1 
160 C CD2 . PHE A 33  ? 0.4816 0.4167 0.5292 -0.0611 0.0062  -0.0719 31  PHE A CD2 
161 C CE1 . PHE A 33  ? 0.5873 0.5279 0.6276 -0.0614 -0.0096 -0.0535 31  PHE A CE1 
162 C CE2 . PHE A 33  ? 0.4310 0.3433 0.4787 -0.0686 0.0065  -0.0718 31  PHE A CE2 
163 C CZ  . PHE A 33  ? 0.4026 0.3173 0.4467 -0.0688 -0.0015 -0.0624 31  PHE A CZ  
164 N N   . ILE A 34  ? 0.2745 0.2835 0.3482 -0.0146 0.0023  -0.0813 32  ILE A N   
165 C CA  . ILE A 34  ? 0.3083 0.3392 0.3807 -0.0101 0.0045  -0.0818 32  ILE A CA  
166 C C   . ILE A 34  ? 0.4230 0.4582 0.4792 -0.0244 0.0106  -0.0786 32  ILE A C   
167 O O   . ILE A 34  ? 0.4170 0.4321 0.4708 -0.0343 0.0174  -0.0835 32  ILE A O   
168 C CB  . ILE A 34  ? 0.2711 0.2970 0.3623 0.0032  0.0087  -0.0945 32  ILE A CB  
169 C CG1 . ILE A 34  ? 0.2360 0.2890 0.3269 0.0107  0.0086  -0.0931 32  ILE A CG1 
170 C CG2 . ILE A 34  ? 0.2945 0.2936 0.3907 -0.0032 0.0187  -0.1056 32  ILE A CG2 
171 C CD1 . ILE A 34  ? 0.3957 0.4481 0.5067 0.0267  0.0101  -0.1039 32  ILE A CD1 
172 N N   . LEU A 35  ? 0.3290 0.3904 0.3738 -0.0256 0.0079  -0.0699 33  LEU A N   
173 C CA  . LEU A 35  ? 0.3430 0.4130 0.3745 -0.0366 0.0136  -0.0673 33  LEU A CA  
174 C C   . LEU A 35  ? 0.3811 0.4687 0.4195 -0.0267 0.0162  -0.0714 33  LEU A C   
175 O O   . LEU A 35  ? 0.3252 0.4344 0.3676 -0.0155 0.0103  -0.0677 33  LEU A O   
176 C CB  . LEU A 35  ? 0.3994 0.4862 0.4112 -0.0474 0.0089  -0.0535 33  LEU A CB  
177 C CG  . LEU A 35  ? 0.5220 0.6227 0.5192 -0.0577 0.0140  -0.0496 33  LEU A CG  
178 C CD1 . LEU A 35  ? 0.4254 0.5048 0.4182 -0.0706 0.0229  -0.0555 33  LEU A CD1 
179 C CD2 . LEU A 35  ? 0.6012 0.7239 0.5803 -0.0655 0.0085  -0.0356 33  LEU A CD2 
180 N N   . LEU A 36  ? 0.3029 0.3813 0.3432 -0.0305 0.0248  -0.0791 34  LEU A N   
181 C CA  . LEU A 36  ? 0.5253 0.6174 0.5729 -0.0221 0.0289  -0.0843 34  LEU A CA  
182 C C   . LEU A 36  ? 0.7479 0.8569 0.7808 -0.0314 0.0327  -0.0787 34  LEU A C   
183 O O   . LEU A 36  ? 0.7555 0.8544 0.7859 -0.0389 0.0407  -0.0838 34  LEU A O   
184 C CB  . LEU A 36  ? 0.4883 0.5590 0.5500 -0.0185 0.0366  -0.0979 34  LEU A CB  
185 C CG  . LEU A 36  ? 0.6089 0.6684 0.6897 -0.0042 0.0336  -0.1056 34  LEU A CG  
186 C CD1 . LEU A 36  ? 0.6969 0.7311 0.7898 -0.0035 0.0417  -0.1188 34  LEU A CD1 
187 C CD2 . LEU A 36  ? 0.5428 0.6256 0.6320 0.0107  0.0291  -0.1047 34  LEU A CD2 
188 N N   A GLU A 37  ? 0.8672 1.0016 0.8897 -0.0316 0.0273  -0.0680 35  GLU A N   
206 N N   . ARG A 38  ? 2.2236 1.9258 2.6522 0.1794  -0.5661 0.0629  36  ARG A N   
207 C CA  . ARG A 38  ? 2.1030 1.8469 2.5494 0.1579  -0.5871 0.0700  36  ARG A CA  
208 C C   . ARG A 38  ? 2.0134 1.7471 2.4704 0.1420  -0.5877 0.0783  36  ARG A C   
209 O O   . ARG A 38  ? 1.9867 1.7575 2.4651 0.1190  -0.5978 0.0806  36  ARG A O   
210 C CB  . ARG A 38  ? 1.4276 1.2256 1.8942 0.1411  -0.5921 0.0619  36  ARG A CB  
211 C CG  . ARG A 38  ? 1.7595 1.5584 2.2332 0.1398  -0.5710 0.0491  36  ARG A CG  
212 C CD  . ARG A 38  ? 1.7069 1.5603 2.1988 0.1254  -0.5769 0.0407  36  ARG A CD  
213 N NE  . ARG A 38  ? 1.6485 1.5283 2.1649 0.1006  -0.5724 0.0376  36  ARG A NE  
214 C CZ  . ARG A 38  ? 1.5234 1.4514 2.0587 0.0838  -0.5778 0.0315  36  ARG A CZ  
215 N NH1 . ARG A 38  ? 1.4845 1.4408 2.0178 0.0887  -0.5879 0.0276  36  ARG A NH1 
216 N NH2 . ARG A 38  ? 1.4420 1.3903 1.9986 0.0619  -0.5732 0.0293  36  ARG A NH2 
217 N N   . ASN A 39  ? 1.9640 1.6477 2.4061 0.1548  -0.5770 0.0829  37  ASN A N   
218 C CA  . ASN A 39  ? 1.8919 1.5579 2.3413 0.1431  -0.5743 0.0903  37  ASN A CA  
219 C C   . ASN A 39  ? 1.8585 1.5528 2.3195 0.1262  -0.5971 0.1010  37  ASN A C   
220 O O   . ASN A 39  ? 1.9151 1.6185 2.3673 0.1329  -0.6138 0.1063  37  ASN A O   
221 C CB  . ASN A 39  ? 1.8504 1.4570 2.2777 0.1635  -0.5625 0.0945  37  ASN A CB  
222 C CG  . ASN A 39  ? 1.8100 1.3845 2.2324 0.1724  -0.5366 0.0856  37  ASN A CG  
223 O OD1 . ASN A 39  ? 1.7877 1.3798 2.2272 0.1582  -0.5266 0.0787  37  ASN A OD1 
224 N ND2 . ASN A 39  ? 1.7996 1.3265 2.1990 0.1959  -0.5257 0.0860  37  ASN A ND2 
225 N N   . ASP A 40  ? 1.7401 1.4484 2.2208 0.1044  -0.5977 0.1043  38  ASP A N   
226 C CA  . ASP A 40  ? 1.6498 1.3879 2.1435 0.0865  -0.6190 0.1142  38  ASP A CA  
227 C C   . ASP A 40  ? 1.6060 1.3152 2.0826 0.0986  -0.6299 0.1258  38  ASP A C   
228 O O   . ASP A 40  ? 1.5931 1.2572 2.0576 0.1088  -0.6195 0.1298  38  ASP A O   
229 C CB  . ASP A 40  ? 1.6071 1.3605 2.1241 0.0619  -0.6158 0.1158  38  ASP A CB  
230 C CG  . ASP A 40  ? 1.5563 1.3576 2.0931 0.0393  -0.6378 0.1223  38  ASP A CG  
231 O OD1 . ASP A 40  ? 1.5702 1.3697 2.1010 0.0408  -0.6542 0.1324  38  ASP A OD1 
232 O OD2 . ASP A 40  ? 1.4927 1.3332 2.0509 0.0198  -0.6385 0.1172  38  ASP A OD2 
233 N N   . ILE A 41  ? 1.5644 1.2996 2.0396 0.0980  -0.6509 0.1308  39  ILE A N   
234 C CA  . ILE A 41  ? 1.5063 1.2935 1.9947 0.0874  -0.6624 0.1255  39  ILE A CA  
235 C C   . ILE A 41  ? 1.5262 1.3122 1.9963 0.1080  -0.6669 0.1218  39  ILE A C   
236 O O   . ILE A 41  ? 1.5297 1.3473 2.0057 0.1063  -0.6683 0.1137  39  ILE A O   
237 C CB  . ILE A 41  ? 1.4063 1.2340 1.9121 0.0660  -0.6847 0.1340  39  ILE A CB  
238 C CG1 . ILE A 41  ? 1.3665 1.2493 1.8882 0.0532  -0.6948 0.1276  39  ILE A CG1 
239 C CG2 . ILE A 41  ? 1.3883 1.2016 1.8793 0.0762  -0.7008 0.1448  39  ILE A CG2 
240 C CD1 . ILE A 41  ? 1.3189 1.2158 1.8536 0.0455  -0.6783 0.1158  39  ILE A CD1 
241 N N   . ARG A 42  ? 1.5278 1.2765 1.9757 0.1275  -0.6689 0.1279  40  ARG A N   
242 C CA  . ARG A 42  ? 1.5514 1.2973 1.9812 0.1473  -0.6741 0.1256  40  ARG A CA  
243 C C   . ARG A 42  ? 1.6599 1.3800 2.0773 0.1653  -0.6529 0.1149  40  ARG A C   
244 O O   . ARG A 42  ? 1.6317 1.3225 2.0484 0.1672  -0.6342 0.1116  40  ARG A O   
245 C CB  . ARG A 42  ? 1.5189 1.2351 1.9294 0.1613  -0.6845 0.1363  40  ARG A CB  
246 C CG  . ARG A 42  ? 1.5119 1.2517 1.9150 0.1684  -0.7031 0.1382  40  ARG A CG  
247 C CD  . ARG A 42  ? 1.4930 1.2918 1.9192 0.1463  -0.7182 0.1368  40  ARG A CD  
248 N NE  . ARG A 42  ? 1.4966 1.3212 1.9167 0.1541  -0.7314 0.1345  40  ARG A NE  
249 C CZ  . ARG A 42  ? 1.4654 1.3070 1.8859 0.1595  -0.7249 0.1240  40  ARG A CZ  
250 N NH1 . ARG A 42  ? 1.4478 1.2828 1.8743 0.1581  -0.7052 0.1145  40  ARG A NH1 
251 N NH2 . ARG A 42  ? 1.4581 1.3229 1.8730 0.1665  -0.7379 0.1230  40  ARG A NH2 
252 N N   . GLN A 43  ? 1.8350 1.5661 2.2427 0.1785  -0.6560 0.1093  41  GLN A N   
261 N N   . VAL A 44  ? 0.6170 0.8315 0.7959 -0.0209 -0.1202 0.1438  42  VAL A N   
262 C CA  . VAL A 44  ? 0.4487 0.6280 0.6304 -0.0270 -0.1236 0.1368  42  VAL A CA  
263 C C   . VAL A 44  ? 0.3125 0.4931 0.4957 -0.0317 -0.1254 0.1201  42  VAL A C   
264 O O   . VAL A 44  ? 0.3883 0.5957 0.5709 -0.0324 -0.1246 0.1068  42  VAL A O   
265 C CB  . VAL A 44  ? 0.5748 0.7478 0.7548 -0.0257 -0.1255 0.1312  42  VAL A CB  
266 C CG1 . VAL A 44  ? 0.5559 0.6858 0.7381 -0.0317 -0.1287 0.1280  42  VAL A CG1 
267 C CG2 . VAL A 44  ? 0.6627 0.8422 0.8377 -0.0176 -0.1234 0.1450  42  VAL A CG2 
268 N N   . GLY A 45  ? 0.2258 0.3780 0.4104 -0.0348 -0.1277 0.1194  43  GLY A N   
269 C CA  . GLY A 45  ? 0.3557 0.5049 0.5396 -0.0376 -0.1304 0.1042  43  GLY A CA  
270 C C   . GLY A 45  ? 0.3962 0.5070 0.5723 -0.0412 -0.1301 0.0899  43  GLY A C   
271 O O   . GLY A 45  ? 0.4614 0.5397 0.6394 -0.0415 -0.1336 0.0959  43  GLY A O   
272 N N   . VAL A 46  ? 0.2745 0.3844 0.4378 -0.0443 -0.1227 0.0692  44  VAL A N   
273 C CA  . VAL A 46  ? 0.2225 0.2865 0.3698 -0.0473 -0.1174 0.0524  44  VAL A CA  
274 C C   . VAL A 46  ? 0.4098 0.4532 0.5387 -0.0445 -0.1112 0.0389  44  VAL A C   
275 O O   . VAL A 46  ? 0.3629 0.4349 0.4901 -0.0429 -0.1085 0.0358  44  VAL A O   
276 C CB  . VAL A 46  ? 0.4906 0.5593 0.6324 -0.0551 -0.1104 0.0362  44  VAL A CB  
277 C CG1 . VAL A 46  ? 0.5175 0.5385 0.6512 -0.0582 -0.1092 0.0302  44  VAL A CG1 
278 C CG2 . VAL A 46  ? 0.5480 0.6636 0.7062 -0.0542 -0.1152 0.0470  44  VAL A CG2 
279 N N   . CYS A 47  ? 0.3601 0.3529 0.4726 -0.0425 -0.1085 0.0306  45  CYS A N   
280 C CA  . CYS A 47  ? 0.3054 0.2700 0.3928 -0.0370 -0.1005 0.0159  45  CYS A CA  
281 C C   . CYS A 47  ? 0.4973 0.4313 0.5585 -0.0442 -0.0853 -0.0078 45  CYS A C   
282 O O   . CYS A 47  ? 0.4775 0.3738 0.5289 -0.0488 -0.0811 -0.0152 45  CYS A O   
283 C CB  . CYS A 47  ? 0.2794 0.2104 0.3604 -0.0255 -0.1063 0.0218  45  CYS A CB  
284 S SG  . CYS A 47  ? 0.3795 0.3476 0.4910 -0.0205 -0.1214 0.0463  45  CYS A SG  
285 N N   . LEU A 48  ? 0.4549 0.4033 0.5033 -0.0458 -0.0758 -0.0202 46  LEU A N   
286 C CA  . LEU A 48  ? 0.3592 0.2854 0.3829 -0.0558 -0.0587 -0.0442 46  LEU A CA  
287 C C   . LEU A 48  ? 0.4611 0.3466 0.4496 -0.0479 -0.0470 -0.0568 46  LEU A C   
288 O O   . LEU A 48  ? 0.4466 0.3433 0.4342 -0.0357 -0.0522 -0.0490 46  LEU A O   
289 C CB  . LEU A 48  ? 0.4470 0.4272 0.4840 -0.0678 -0.0543 -0.0521 46  LEU A CB  
290 C CG  . LEU A 48  ? 0.5818 0.6043 0.6498 -0.0719 -0.0656 -0.0394 46  LEU A CG  
291 C CD1 . LEU A 48  ? 0.2773 0.3587 0.3571 -0.0792 -0.0626 -0.0467 46  LEU A CD1 
292 C CD2 . LEU A 48  ? 0.4504 0.4425 0.5171 -0.0787 -0.0642 -0.0449 46  LEU A CD2 
293 N N   . PRO A 49  ? 0.5522 0.3881 0.5090 -0.0548 -0.0297 -0.0775 47  PRO A N   
294 C CA  . PRO A 49  ? 0.6189 0.4097 0.5340 -0.0484 -0.0136 -0.0927 47  PRO A CA  
295 C C   . PRO A 49  ? 0.6681 0.4909 0.5770 -0.0553 -0.0028 -0.1046 47  PRO A C   
296 O O   . PRO A 49  ? 0.6622 0.4541 0.5385 -0.0459 0.0078  -0.1127 47  PRO A O   
297 C CB  . PRO A 49  ? 0.6472 0.3797 0.5340 -0.0590 0.0032  -0.1114 47  PRO A CB  
298 C CG  . PRO A 49  ? 0.5926 0.3653 0.5098 -0.0779 0.0003  -0.1140 47  PRO A CG  
299 C CD  . PRO A 49  ? 0.4642 0.2804 0.4210 -0.0686 -0.0239 -0.0873 47  PRO A CD  
300 N N   . SER A 50  ? 0.4111 0.2933 0.3484 -0.0693 -0.0056 -0.1058 48  SER A N   
301 C CA  . SER A 50  ? 0.4688 0.3890 0.4044 -0.0779 0.0041  -0.1181 48  SER A CA  
302 C C   . SER A 50  ? 0.4760 0.4688 0.4535 -0.0858 -0.0087 -0.1089 48  SER A C   
303 O O   . SER A 50  ? 0.3933 0.3925 0.3908 -0.0876 -0.0188 -0.0995 48  SER A O   
304 C CB  . SER A 50  ? 0.6354 0.5197 0.5371 -0.0949 0.0302  -0.1486 48  SER A CB  
305 O OG  . SER A 50  ? 0.6209 0.4710 0.5176 -0.1049 0.0356  -0.1571 48  SER A OG  
306 N N   . CYS A 51  ? 0.3918 0.4369 0.3803 -0.0889 -0.0081 -0.1111 49  CYS A N   
307 C CA  . CYS A 51  ? 0.3343 0.4495 0.3582 -0.0920 -0.0202 -0.1009 49  CYS A CA  
308 C C   . CYS A 51  ? 0.3748 0.5194 0.4032 -0.1098 -0.0100 -0.1225 49  CYS A C   
309 O O   . CYS A 51  ? 0.4358 0.5540 0.4402 -0.1231 0.0090  -0.1480 49  CYS A O   
310 C CB  . CYS A 51  ? 0.3702 0.5302 0.4045 -0.0844 -0.0260 -0.0909 49  CYS A CB  
311 S SG  . CYS A 51  ? 0.5062 0.6441 0.5424 -0.0645 -0.0402 -0.0659 49  CYS A SG  
312 N N   . PRO A 52  ? 0.3411 0.5405 0.3990 -0.1097 -0.0219 -0.1130 50  PRO A N   
313 C CA  . PRO A 52  ? 0.3310 0.5681 0.3953 -0.1242 -0.0139 -0.1344 50  PRO A CA  
314 C C   . PRO A 52  ? 0.4576 0.7395 0.5202 -0.1309 -0.0046 -0.1499 50  PRO A C   
315 O O   . PRO A 52  ? 0.4297 0.7206 0.4912 -0.1222 -0.0080 -0.1391 50  PRO A O   
316 C CB  . PRO A 52  ? 0.3777 0.6599 0.4723 -0.1152 -0.0321 -0.1140 50  PRO A CB  
317 C CG  . PRO A 52  ? 0.4038 0.6585 0.5044 -0.1002 -0.0465 -0.0847 50  PRO A CG  
318 C CD  . PRO A 52  ? 0.4455 0.6716 0.5296 -0.0957 -0.0422 -0.0829 50  PRO A CD  
319 N N   . PRO A 53  ? 0.4569 0.7698 0.5197 -0.1472 0.0074  -0.1769 51  PRO A N   
320 C CA  . PRO A 53  ? 0.4305 0.7888 0.4912 -0.1573 0.0189  -0.1976 51  PRO A CA  
321 C C   . PRO A 53  ? 0.5286 0.9475 0.6116 -0.1431 0.0037  -0.1774 51  PRO A C   
322 O O   . PRO A 53  ? 0.5960 1.0492 0.7019 -0.1307 -0.0135 -0.1566 51  PRO A O   
323 C CB  . PRO A 53  ? 0.4428 0.8336 0.5093 -0.1700 0.0290  -0.2210 51  PRO A CB  
324 C CG  . PRO A 53  ? 0.5737 0.9339 0.6454 -0.1666 0.0211  -0.2117 51  PRO A CG  
325 C CD  . PRO A 53  ? 0.4877 0.7829 0.5474 -0.1595 0.0145  -0.1940 51  PRO A CD  
326 N N   . GLY A 54  ? 0.5508 0.9789 0.6243 -0.1443 0.0109  -0.1828 52  GLY A N   
330 N N   . TYR A 55  ? 0.6093 0.7858 0.5710 0.0126  -0.0644 -0.1737 53  TYR A N   
331 C CA  . TYR A 55  ? 0.4098 0.5688 0.3676 0.0209  -0.0561 -0.1648 53  TYR A CA  
332 C C   . TYR A 55  ? 0.5003 0.6303 0.4397 0.0102  -0.0516 -0.1603 53  TYR A C   
333 O O   . TYR A 55  ? 0.3938 0.5334 0.3374 -0.0056 -0.0532 -0.1640 53  TYR A O   
334 C CB  . TYR A 55  ? 0.3812 0.5739 0.3674 0.0243  -0.0489 -0.1646 53  TYR A CB  
335 C CG  . TYR A 55  ? 0.4257 0.6390 0.4309 0.0413  -0.0522 -0.1713 53  TYR A CG  
336 C CD1 . TYR A 55  ? 0.4612 0.7038 0.4830 0.0432  -0.0584 -0.1846 53  TYR A CD1 
337 C CD2 . TYR A 55  ? 0.4267 0.6320 0.4361 0.0559  -0.0506 -0.1655 53  TYR A CD2 
338 C CE1 . TYR A 55  ? 0.4735 0.7390 0.5182 0.0612  -0.0631 -0.1952 53  TYR A CE1 
339 C CE2 . TYR A 55  ? 0.3722 0.6002 0.4042 0.0736  -0.0565 -0.1747 53  TYR A CE2 
340 C CZ  . TYR A 55  ? 0.4640 0.7227 0.5148 0.0772  -0.0626 -0.1913 53  TYR A CZ  
341 O OH  . TYR A 55  ? 0.5314 0.8140 0.6083 0.0969  -0.0694 -0.2054 53  TYR A OH  
342 N N   . PHE A 56  ? 0.2960 0.3915 0.2174 0.0183  -0.0460 -0.1537 54  PHE A N   
343 C CA  . PHE A 56  ? 0.3067 0.3754 0.2158 0.0110  -0.0397 -0.1532 54  PHE A CA  
344 C C   . PHE A 56  ? 0.3324 0.4184 0.2579 0.0108  -0.0346 -0.1456 54  PHE A C   
345 O O   . PHE A 56  ? 0.3738 0.4693 0.3073 0.0217  -0.0327 -0.1387 54  PHE A O   
346 C CB  . PHE A 56  ? 0.3314 0.3524 0.2127 0.0188  -0.0318 -0.1514 54  PHE A CB  
347 C CG  . PHE A 56  ? 0.3855 0.3792 0.2638 0.0158  -0.0213 -0.1535 54  PHE A CG  
348 C CD1 . PHE A 56  ? 0.4162 0.3984 0.2964 0.0026  -0.0215 -0.1675 54  PHE A CD1 
349 C CD2 . PHE A 56  ? 0.3359 0.3168 0.2174 0.0256  -0.0115 -0.1430 54  PHE A CD2 
350 C CE1 . PHE A 56  ? 0.4658 0.4225 0.3610 -0.0014 -0.0101 -0.1741 54  PHE A CE1 
351 C CE2 . PHE A 56  ? 0.3943 0.3482 0.2826 0.0253  -0.0004 -0.1468 54  PHE A CE2 
352 C CZ  . PHE A 56  ? 0.4516 0.3917 0.3525 0.0115  0.0014  -0.1638 54  PHE A CZ  
353 N N   . ASP A 57  ? 0.4707 0.5646 0.4039 -0.0042 -0.0332 -0.1479 55  ASP A N   
354 C CA  . ASP A 57  ? 0.5161 0.6313 0.4617 -0.0090 -0.0290 -0.1389 55  ASP A CA  
355 C C   . ASP A 57  ? 0.4975 0.5826 0.4340 -0.0044 -0.0215 -0.1373 55  ASP A C   
356 O O   . ASP A 57  ? 0.4597 0.5262 0.4122 -0.0183 -0.0173 -0.1279 55  ASP A O   
357 C CB  . ASP A 57  ? 0.5231 0.6859 0.4909 -0.0356 -0.0317 -0.1347 55  ASP A CB  
358 C CG  . ASP A 57  ? 0.6658 0.8380 0.6416 -0.0520 -0.0384 -0.1402 55  ASP A CG  
359 O OD1 . ASP A 57  ? 0.7811 0.9335 0.7595 -0.0647 -0.0414 -0.1451 55  ASP A OD1 
360 O OD2 . ASP A 57  ? 0.6830 0.8816 0.6671 -0.0538 -0.0392 -0.1413 55  ASP A OD2 
361 N N   . ALA A 58  ? 0.4701 0.5384 0.3977 0.0149  -0.0158 -0.1264 56  ALA A N   
362 C CA  . ALA A 58  ? 0.3662 0.3952 0.2845 0.0288  -0.0045 -0.1213 56  ALA A CA  
363 C C   . ALA A 58  ? 0.3731 0.4236 0.3174 0.0111  -0.0021 -0.0925 56  ALA A C   
364 O O   . ALA A 58  ? 0.4394 0.5311 0.3827 0.0062  -0.0066 -0.0944 56  ALA A O   
365 C CB  . ALA A 58  ? 0.4042 0.4114 0.3131 0.0458  -0.0012 -0.1062 56  ALA A CB  
366 N N   . ARG A 59  ? 0.3581 0.3848 0.3293 -0.0015 0.0049  -0.0665 57  ARG A N   
367 C CA  . ARG A 59  ? 0.3770 0.4211 0.3760 -0.0210 0.0056  -0.0309 57  ARG A CA  
368 C C   . ARG A 59  ? 0.4592 0.4604 0.4652 -0.0045 0.0177  -0.0071 57  ARG A C   
369 O O   . ARG A 59  ? 0.5151 0.4666 0.5237 0.0119  0.0290  -0.0094 57  ARG A O   
370 C CB  . ARG A 59  ? 0.2847 0.3428 0.3229 -0.0527 0.0010  -0.0082 57  ARG A CB  
371 C CG  . ARG A 59  ? 0.4673 0.5839 0.5071 -0.0799 -0.0122 -0.0185 57  ARG A CG  
372 C CD  . ARG A 59  ? 0.3991 0.5027 0.4385 -0.0788 -0.0151 -0.0410 57  ARG A CD  
373 N NE  . ARG A 59  ? 0.4814 0.6266 0.5400 -0.1094 -0.0263 -0.0391 57  ARG A NE  
374 C CZ  . ARG A 59  ? 0.6192 0.7853 0.7157 -0.1412 -0.0318 -0.0051 57  ARG A CZ  
375 N NH1 . ARG A 59  ? 0.7130 0.8686 0.8361 -0.1495 -0.0284 0.0336  57  ARG A NH1 
376 N NH2 . ARG A 59  ? 0.4953 0.6966 0.6042 -0.1653 -0.0422 -0.0077 57  ARG A NH2 
377 N N   . ASN A 60  ? 0.4722 0.4953 0.4832 -0.0125 0.0160  0.0157  58  ASN A N   
378 C CA  . ASN A 60  ? 0.4875 0.4796 0.5061 0.0004  0.0251  0.0416  58  ASN A CA  
379 C C   . ASN A 60  ? 0.4646 0.4904 0.5111 -0.0309 0.0188  0.0808  58  ASN A C   
380 O O   . ASN A 60  ? 0.4798 0.5569 0.5260 -0.0586 0.0083  0.0794  58  ASN A O   
381 C CB  . ASN A 60  ? 0.5746 0.5656 0.5565 0.0256  0.0262  0.0221  58  ASN A CB  
382 C CG  . ASN A 60  ? 0.7802 0.7178 0.7527 0.0555  0.0384  0.0236  58  ASN A CG  
383 O OD1 . ASN A 60  ? 0.7609 0.6618 0.7364 0.0647  0.0470  0.0149  58  ASN A OD1 
384 N ND2 . ASN A 60  ? 0.7836 0.7165 0.7438 0.0700  0.0404  0.0328  58  ASN A ND2 
385 N N   . PRO A 61  ? 0.4648 0.4650 0.5361 -0.0291 0.0245  0.1161  59  PRO A N   
386 C CA  . PRO A 61  ? 0.5237 0.5568 0.6050 -0.0483 0.0095  0.1234  59  PRO A CA  
387 C C   . PRO A 61  ? 0.5947 0.6673 0.6504 -0.0589 0.0019  0.1170  59  PRO A C   
388 O O   . PRO A 61  ? 0.6428 0.7476 0.6989 -0.0783 -0.0113 0.1198  59  PRO A O   
389 C CB  . PRO A 61  ? 0.5124 0.5200 0.6058 -0.0311 0.0125  0.1256  59  PRO A CB  
390 C CG  . PRO A 61  ? 0.5034 0.4686 0.5969 -0.0094 0.0268  0.1151  59  PRO A CG  
391 C CD  . PRO A 61  ? 0.3840 0.3379 0.4507 0.0013  0.0340  0.1058  59  PRO A CD  
392 N N   A ASP A 62  ? 0.6249 0.6903 0.6553 -0.0425 0.0101  0.1074  60  ASP A N   
393 N N   B ASP A 62  ? 0.6244 0.6931 0.6537 -0.0437 0.0099  0.1067  60  ASP A N   
394 C CA  A ASP A 62  ? 0.6447 0.7449 0.6532 -0.0502 0.0052  0.0945  60  ASP A CA  
395 C CA  B ASP A 62  ? 0.6441 0.7483 0.6528 -0.0526 0.0042  0.0941  60  ASP A CA  
396 C C   A ASP A 62  ? 0.6488 0.8010 0.6371 -0.0670 0.0047  0.0696  60  ASP A C   
397 C C   B ASP A 62  ? 0.6648 0.8078 0.6413 -0.0521 0.0093  0.0625  60  ASP A C   
398 O O   A ASP A 62  ? 0.6461 0.8328 0.6292 -0.0873 -0.0060 0.0585  60  ASP A O   
399 O O   B ASP A 62  ? 0.7228 0.8779 0.6859 -0.0470 0.0089  0.0444  60  ASP A O   
400 C CB  A ASP A 62  ? 0.6512 0.7232 0.6399 -0.0213 0.0139  0.0866  60  ASP A CB  
401 C CB  B ASP A 62  ? 0.6081 0.6826 0.6134 -0.0330 0.0076  0.0941  60  ASP A CB  
402 C CG  A ASP A 62  ? 0.7830 0.8109 0.7592 0.0147  0.0252  0.0828  60  ASP A CG  
403 C CG  B ASP A 62  ? 0.5837 0.6392 0.6172 -0.0310 0.0035  0.1075  60  ASP A CG  
404 O OD1 A ASP A 62  ? 0.8021 0.8010 0.7994 0.0165  0.0290  0.0926  60  ASP A OD1 
405 O OD1 B ASP A 62  ? 0.5743 0.6620 0.6305 -0.0500 -0.0115 0.1239  60  ASP A OD1 
406 O OD2 A ASP A 62  ? 0.8017 0.8179 0.7527 0.0423  0.0273  0.0569  60  ASP A OD2 
407 O OD2 B ASP A 62  ? 0.5905 0.6196 0.6324 -0.0115 0.0109  0.1074  60  ASP A OD2 
408 N N   A MET A 63  ? 0.6705 0.8052 0.6491 -0.0437 0.0082  0.0414  61  MET A N   
409 N N   B MET A 63  ? 0.6530 0.7971 0.6292 -0.0469 0.0074  0.0378  61  MET A N   
410 C CA  A MET A 63  ? 0.6342 0.8021 0.5959 -0.0413 0.0055  -0.0004 61  MET A CA  
411 C CA  B MET A 63  ? 0.6161 0.7762 0.5717 -0.0300 0.0068  -0.0079 61  MET A CA  
412 C C   A MET A 63  ? 0.6209 0.7743 0.5847 -0.0315 0.0029  -0.0191 61  MET A C   
413 C C   B MET A 63  ? 0.6099 0.7571 0.5667 -0.0206 0.0039  -0.0274 61  MET A C   
414 O O   A MET A 63  ? 0.6285 0.7382 0.6015 -0.0205 0.0060  -0.0061 61  MET A O   
415 O O   B MET A 63  ? 0.6144 0.7133 0.5713 -0.0003 0.0077  -0.0225 61  MET A O   
416 C CB  A MET A 63  ? 0.5635 0.7195 0.5048 -0.0102 0.0094  -0.0248 61  MET A CB  
417 C CB  B MET A 63  ? 0.5782 0.7075 0.5157 0.0067  0.0114  -0.0223 61  MET A CB  
418 C CG  A MET A 63  ? 0.5862 0.6828 0.5189 0.0273  0.0136  -0.0222 61  MET A CG  
419 C CG  B MET A 63  ? 0.5775 0.7041 0.5253 0.0193  0.0060  -0.0508 61  MET A CG  
420 S SD  A MET A 63  ? 0.6529 0.7275 0.5813 0.0453  0.0091  -0.0503 61  MET A SD  
421 S SD  B MET A 63  ? 0.5778 0.6658 0.5267 0.0427  0.0050  -0.0464 61  MET A SD  
422 C CE  A MET A 63  ? 0.4356 0.5279 0.3845 0.0419  0.0003  -0.0635 61  MET A CE  
423 C CE  B MET A 63  ? 0.4707 0.5847 0.4419 0.0436  -0.0029 -0.0661 61  MET A CE  
424 N N   . ASN A 64  ? 0.4869 0.6771 0.4440 -0.0362 -0.0016 -0.0513 62  ASN A N   
432 N N   . LYS A 65  ? 0.3579 0.3769 0.1884 -0.0435 -0.0561 -0.0644 63  LYS A N   
433 C CA  . LYS A 65  ? 0.4016 0.4379 0.2342 -0.0326 -0.0595 -0.0730 63  LYS A CA  
434 C C   . LYS A 65  ? 0.4810 0.5604 0.3305 -0.0382 -0.0454 -0.0813 63  LYS A C   
435 O O   . LYS A 65  ? 0.4377 0.5182 0.2931 -0.0458 -0.0403 -0.0751 63  LYS A O   
436 C CB  . LYS A 65  ? 0.4229 0.4412 0.2577 -0.0228 -0.0739 -0.0618 63  LYS A CB  
437 C CG  . LYS A 65  ? 0.4214 0.4801 0.2790 -0.0082 -0.0722 -0.0697 63  LYS A CG  
438 C CD  . LYS A 65  ? 0.8172 0.8653 0.6884 0.0083  -0.0848 -0.0573 63  LYS A CD  
439 C CE  . LYS A 65  ? 0.8122 0.8863 0.7036 0.0341  -0.0881 -0.0664 63  LYS A CE  
440 N NZ  . LYS A 65  ? 0.8678 0.9172 0.7660 0.0528  -0.1004 -0.0576 63  LYS A NZ  
441 N N   . CYS A 66  ? 0.3521 0.4694 0.2126 -0.0328 -0.0400 -0.0958 64  CYS A N   
442 C CA  . CYS A 66  ? 0.3598 0.5231 0.2420 -0.0329 -0.0305 -0.1051 64  CYS A CA  
443 C C   . CYS A 66  ? 0.4124 0.5868 0.3096 -0.0158 -0.0379 -0.1033 64  CYS A C   
444 O O   . CYS A 66  ? 0.5121 0.6885 0.4142 0.0022  -0.0470 -0.1061 64  CYS A O   
445 C CB  . CYS A 66  ? 0.3996 0.6046 0.2923 -0.0313 -0.0231 -0.1225 64  CYS A CB  
446 S SG  . CYS A 66  ? 0.4445 0.6374 0.3195 -0.0504 -0.0144 -0.1244 64  CYS A SG  
447 N N   . ILE A 67  ? 0.3050 0.4875 0.2105 -0.0201 -0.0341 -0.0990 65  ILE A N   
448 C CA  . ILE A 67  ? 0.3861 0.5768 0.3042 -0.0034 -0.0409 -0.0963 65  ILE A CA  
449 C C   . ILE A 67  ? 0.4219 0.6590 0.3596 -0.0029 -0.0326 -0.1075 65  ILE A C   
450 O O   . ILE A 67  ? 0.3921 0.6380 0.3305 -0.0199 -0.0230 -0.1080 65  ILE A O   
451 C CB  . ILE A 67  ? 0.4985 0.6504 0.4063 -0.0066 -0.0468 -0.0786 65  ILE A CB  
452 C CG1 . ILE A 67  ? 0.5017 0.6117 0.3942 -0.0049 -0.0581 -0.0673 65  ILE A CG1 
453 C CG2 . ILE A 67  ? 0.3703 0.5344 0.2918 0.0087  -0.0511 -0.0756 65  ILE A CG2 
454 C CD1 . ILE A 67  ? 0.5824 0.6543 0.4625 -0.0145 -0.0619 -0.0513 65  ILE A CD1 
455 N N   . LYS A 68  ? 0.3541 0.6210 0.3086 0.0171  -0.0368 -0.1169 66  LYS A N   
456 C CA  . LYS A 68  ? 0.4202 0.7344 0.3945 0.0194  -0.0305 -0.1292 66  LYS A CA  
457 C C   . LYS A 68  ? 0.4305 0.7357 0.4032 0.0115  -0.0280 -0.1201 66  LYS A C   
458 O O   . LYS A 68  ? 0.4330 0.7051 0.3965 0.0176  -0.0348 -0.1066 66  LYS A O   
459 C CB  . LYS A 68  ? 0.5151 0.8560 0.5053 0.0461  -0.0375 -0.1396 66  LYS A CB  
460 C CG  . LYS A 68  ? 0.6875 1.0860 0.7004 0.0497  -0.0316 -0.1574 66  LYS A CG  
461 C CD  . LYS A 68  ? 0.8475 1.2641 0.8728 0.0780  -0.0386 -0.1647 66  LYS A CD  
462 C CE  . LYS A 68  ? 0.9987 1.4505 1.0383 0.0948  -0.0408 -0.1823 66  LYS A CE  
463 N NZ  . LYS A 68  ? 1.0519 1.5094 1.0952 0.1216  -0.0468 -0.1887 66  LYS A NZ  
464 N N   . CYS A 69  ? 0.3922 0.7258 0.3736 -0.0030 -0.0183 -0.1270 67  CYS A N   
465 C CA  . CYS A 69  ? 0.3823 0.7029 0.3590 -0.0140 -0.0151 -0.1182 67  CYS A CA  
466 C C   . CYS A 69  ? 0.4266 0.7936 0.4205 -0.0212 -0.0073 -0.1310 67  CYS A C   
467 O O   . CYS A 69  ? 0.4685 0.8409 0.4615 -0.0424 0.0015  -0.1318 67  CYS A O   
468 C CB  . CYS A 69  ? 0.2114 0.4922 0.1689 -0.0335 -0.0113 -0.1062 67  CYS A CB  
469 S SG  . CYS A 69  ? 0.3086 0.5648 0.2575 -0.0440 -0.0091 -0.0936 67  CYS A SG  
470 N N   . LYS A 70  ? 0.4815 0.8843 0.4924 -0.0032 -0.0107 -0.1421 68  LYS A N   
471 C CA  . LYS A 70  ? 0.3780 0.8301 0.4075 -0.0083 -0.0043 -0.1562 68  LYS A CA  
472 C C   . LYS A 70  ? 0.3626 0.8081 0.3900 -0.0060 -0.0056 -0.1504 68  LYS A C   
473 O O   . LYS A 70  ? 0.3353 0.8034 0.3728 0.0114  -0.0095 -0.1572 68  LYS A O   
474 C CB  . LYS A 70  ? 0.4044 0.9030 0.4542 0.0106  -0.0067 -0.1733 68  LYS A CB  
475 C CG  . LYS A 70  ? 0.2831 0.7903 0.3360 0.0134  -0.0076 -0.1807 68  LYS A CG  
476 C CD  . LYS A 70  ? 0.2426 0.7957 0.3140 0.0292  -0.0101 -0.1991 68  LYS A CD  
477 C CE  . LYS A 70  ? 0.7182 1.2728 0.7913 0.0427  -0.0154 -0.2048 68  LYS A CE  
478 N NZ  . LYS A 70  ? 0.6355 1.2088 0.7148 0.0632  -0.0226 -0.2172 68  LYS A NZ  
479 N N   . ILE A 71  ? 0.3269 0.7408 0.3398 -0.0230 -0.0024 -0.1385 69  ILE A N   
480 C CA  . ILE A 71  ? 0.3799 0.7815 0.3875 -0.0229 -0.0039 -0.1318 69  ILE A CA  
481 C C   . ILE A 71  ? 0.4165 0.8271 0.4240 -0.0471 0.0055  -0.1339 69  ILE A C   
482 O O   . ILE A 71  ? 0.3951 0.7842 0.3928 -0.0652 0.0109  -0.1278 69  ILE A O   
483 C CB  . ILE A 71  ? 0.4921 0.8414 0.4804 -0.0190 -0.0099 -0.1140 69  ILE A CB  
484 C CG1 . ILE A 71  ? 0.5452 0.8773 0.5304 0.0012  -0.0189 -0.1093 69  ILE A CG1 
485 C CG2 . ILE A 71  ? 0.4286 0.7687 0.4120 -0.0164 -0.0118 -0.1082 69  ILE A CG2 
486 C CD1 . ILE A 71  ? 0.5795 0.9325 0.5754 0.0251  -0.0252 -0.1157 69  ILE A CD1 
487 N N   A GLU A 72  ? 0.4249 0.8645 0.4422 -0.0458 0.0068  -0.1418 70  GLU A N   
488 N N   B GLU A 72  ? 0.4227 0.8641 0.4406 -0.0465 0.0072  -0.1423 70  GLU A N   
489 N N   C GLU A 72  ? 0.4165 0.8608 0.4356 -0.0475 0.0079  -0.1434 70  GLU A N   
490 C CA  A GLU A 72  ? 0.4383 0.8855 0.4546 -0.0660 0.0143  -0.1435 70  GLU A CA  
491 C CA  B GLU A 72  ? 0.4385 0.8913 0.4570 -0.0676 0.0154  -0.1454 70  GLU A CA  
492 C CA  C GLU A 72  ? 0.4281 0.8836 0.4477 -0.0710 0.0171  -0.1466 70  GLU A CA  
493 C C   A GLU A 72  ? 0.4435 0.8439 0.4406 -0.0810 0.0164  -0.1289 70  GLU A C   
494 C C   B GLU A 72  ? 0.4470 0.8529 0.4460 -0.0813 0.0168  -0.1306 70  GLU A C   
495 C C   C GLU A 72  ? 0.4517 0.8621 0.4522 -0.0818 0.0173  -0.1320 70  GLU A C   
496 O O   A GLU A 72  ? 0.4236 0.7883 0.4078 -0.0713 0.0099  -0.1170 70  GLU A O   
497 O O   B GLU A 72  ? 0.4097 0.7857 0.3974 -0.0709 0.0103  -0.1203 70  GLU A O   
498 O O   C GLU A 72  ? 0.3969 0.7835 0.3884 -0.0701 0.0106  -0.1236 70  GLU A O   
499 C CB  A GLU A 72  ? 0.4206 0.8877 0.4425 -0.0557 0.0109  -0.1489 70  GLU A CB  
500 C CB  B GLU A 72  ? 0.4306 0.9127 0.4583 -0.0584 0.0132  -0.1540 70  GLU A CB  
501 C CB  C GLU A 72  ? 0.4157 0.9164 0.4501 -0.0695 0.0194  -0.1604 70  GLU A CB  
502 C CG  A GLU A 72  ? 0.3423 0.7726 0.3487 -0.0485 0.0042  -0.1363 70  GLU A CG  
503 C CG  B GLU A 72  ? 0.3973 0.9238 0.4434 -0.0395 0.0107  -0.1690 70  GLU A CG  
504 C CG  C GLU A 72  ? 0.3310 0.8475 0.3666 -0.0946 0.0297  -0.1661 70  GLU A CG  
505 C CD  A GLU A 72  ? 0.2779 0.6787 0.2762 -0.0275 -0.0052 -0.1259 70  GLU A CD  
506 C CD  B GLU A 72  ? 0.3596 0.8700 0.4036 -0.0132 0.0007  -0.1644 70  GLU A CD  
507 C CD  C GLU A 72  ? 0.2865 0.8290 0.3273 -0.0924 0.0294  -0.1751 70  GLU A CD  
508 O OE1 A GLU A 72  ? 0.2269 0.6455 0.2339 -0.0074 -0.0108 -0.1314 70  GLU A OE1 
509 O OE1 B GLU A 72  ? 0.1986 0.6694 0.2281 -0.0054 -0.0059 -0.1506 70  GLU A OE1 
510 O OE1 C GLU A 72  ? 0.2795 0.8210 0.3209 -0.0755 0.0225  -0.1733 70  GLU A OE1 
511 O OE2 A GLU A 72  ? 0.2005 0.5598 0.1833 -0.0312 -0.0065 -0.1122 70  GLU A OE2 
512 O OE2 B GLU A 72  ? 0.3432 0.8808 0.3994 -0.0004 -0.0002 -0.1752 70  GLU A OE2 
513 O OE2 C GLU A 72  ? 0.2870 0.8459 0.3281 -0.1071 0.0352  -0.1832 70  GLU A OE2 
514 N N   . HIS A 73  ? 0.4415 0.8421 0.4365 -0.1042 0.0256  -0.1297 71  HIS A N   
515 C CA  . HIS A 73  ? 0.4647 0.8233 0.4420 -0.1179 0.0280  -0.1169 71  HIS A CA  
516 C C   . HIS A 73  ? 0.4391 0.7507 0.4011 -0.1100 0.0223  -0.1023 71  HIS A C   
517 O O   . HIS A 73  ? 0.3947 0.6718 0.3433 -0.1157 0.0223  -0.0915 71  HIS A O   
518 C CB  . HIS A 73  ? 0.7017 1.0565 0.6746 -0.1196 0.0273  -0.1154 71  HIS A CB  
519 C CG  . HIS A 73  ? 0.6513 1.0498 0.6371 -0.1272 0.0324  -0.1292 71  HIS A CG  
520 N ND1 . HIS A 73  ? 0.5448 0.9618 0.5357 -0.1142 0.0272  -0.1348 71  HIS A ND1 
521 C CD2 . HIS A 73  ? 0.7410 1.1693 0.7350 -0.1467 0.0425  -0.1388 71  HIS A CD2 
522 C CE1 . HIS A 73  ? 0.5733 1.0302 0.5757 -0.1244 0.0334  -0.1477 71  HIS A CE1 
523 N NE2 . HIS A 73  ? 0.7082 1.1718 0.7118 -0.1443 0.0431  -0.1502 71  HIS A NE2 
524 N N   . CYS A 74  ? 0.3578 0.6689 0.3219 -0.0971 0.0175  -0.1026 72  CYS A N   
525 C CA  . CYS A 74  ? 0.3759 0.6455 0.3261 -0.0904 0.0123  -0.0898 72  CYS A CA  
526 C C   . CYS A 74  ? 0.3582 0.6132 0.3019 -0.1069 0.0181  -0.0870 72  CYS A C   
527 O O   . CYS A 74  ? 0.3004 0.5808 0.2522 -0.1150 0.0234  -0.0962 72  CYS A O   
528 C CB  . CYS A 74  ? 0.4997 0.7732 0.4537 -0.0672 0.0031  -0.0908 72  CYS A CB  
529 S SG  . CYS A 74  ? 0.3929 0.6201 0.3309 -0.0587 -0.0042 -0.0768 72  CYS A SG  
530 N N   . GLU A 75  ? 0.4147 0.6293 0.3439 -0.1124 0.0176  -0.0742 73  GLU A N   
531 C CA  . GLU A 75  ? 0.4578 0.6544 0.3794 -0.1266 0.0222  -0.0699 73  GLU A CA  
532 C C   . GLU A 75  ? 0.4878 0.6638 0.4022 -0.1146 0.0151  -0.0649 73  GLU A C   
533 O O   . GLU A 75  ? 0.4172 0.5857 0.3265 -0.1241 0.0182  -0.0645 73  GLU A O   
534 C CB  . GLU A 75  ? 0.5334 0.6996 0.4443 -0.1424 0.0264  -0.0593 73  GLU A CB  
535 C CG  . GLU A 75  ? 0.8229 1.0093 0.7392 -0.1576 0.0340  -0.0655 73  GLU A CG  
536 C CD  . GLU A 75  ? 0.9590 1.1133 0.8618 -0.1727 0.0384  -0.0580 73  GLU A CD  
537 O OE1 . GLU A 75  ? 0.9583 1.0746 0.8503 -0.1685 0.0341  -0.0464 73  GLU A OE1 
538 O OE2 . GLU A 75  ? 0.9731 1.1350 0.8741 -0.1820 0.0432  -0.0637 73  GLU A OE2 
539 N N   . ALA A 76  ? 0.3951 0.5600 0.3077 -0.0947 0.0054  -0.0606 74  ALA A N   
540 C CA  . ALA A 76  ? 0.4948 0.6390 0.4002 -0.0836 -0.0027 -0.0556 74  ALA A CA  
541 C C   . ALA A 76  ? 0.4198 0.5678 0.3287 -0.0610 -0.0131 -0.0558 74  ALA A C   
542 O O   . ALA A 76  ? 0.2732 0.4222 0.1840 -0.0534 -0.0156 -0.0527 74  ALA A O   
543 C CB  . ALA A 76  ? 0.3676 0.4699 0.2597 -0.0914 -0.0040 -0.0409 74  ALA A CB  
544 N N   . CYS A 77  ? 0.3353 0.4856 0.2449 -0.0504 -0.0193 -0.0596 75  CYS A N   
545 C CA  . CYS A 77  ? 0.3343 0.4797 0.2459 -0.0296 -0.0309 -0.0560 75  CYS A CA  
546 C C   . CYS A 77  ? 0.4651 0.5754 0.3656 -0.0248 -0.0409 -0.0459 75  CYS A C   
547 O O   . CYS A 77  ? 0.4089 0.5140 0.3041 -0.0308 -0.0398 -0.0496 75  CYS A O   
548 C CB  . CYS A 77  ? 0.2535 0.4368 0.1804 -0.0174 -0.0314 -0.0697 75  CYS A CB  
549 S SG  . CYS A 77  ? 0.3255 0.5535 0.2695 -0.0166 -0.0244 -0.0814 75  CYS A SG  
550 N N   . PHE A 78  ? 0.4612 0.5480 0.3589 -0.0147 -0.0505 -0.0325 76  PHE A N   
551 C CA  . PHE A 78  ? 0.4038 0.4592 0.2963 -0.0074 -0.0633 -0.0199 76  PHE A CA  
552 C C   . PHE A 78  ? 0.3532 0.4262 0.2592 0.0079  -0.0689 -0.0245 76  PHE A C   
553 O O   . PHE A 78  ? 0.3341 0.3944 0.2395 0.0107  -0.0750 -0.0208 76  PHE A O   
554 C CB  . PHE A 78  ? 0.6657 0.6939 0.5606 -0.0004 -0.0691 -0.0003 76  PHE A CB  
555 C CG  . PHE A 78  ? 0.8424 0.8602 0.7530 0.0079  -0.0697 0.0157  76  PHE A CG  
556 C CD1 . PHE A 78  ? 0.8609 0.8778 0.7864 0.0205  -0.0747 0.0190  76  PHE A CD1 
557 C CD2 . PHE A 78  ? 0.8090 0.7869 0.7174 -0.0024 -0.0664 0.0274  76  PHE A CD2 
558 C CE1 . PHE A 78  ? 0.8474 0.8358 0.7837 0.0254  -0.0732 0.0285  76  PHE A CE1 
559 C CE2 . PHE A 78  ? 0.8549 0.8067 0.7780 0.0013  -0.0661 0.0358  76  PHE A CE2 
560 C CZ  . PHE A 78  ? 0.8396 0.7987 0.7751 0.0154  -0.0683 0.0351  76  PHE A CZ  
561 N N   . SER A 79  ? 0.3280 0.4299 0.2470 0.0203  -0.0660 -0.0334 77  SER A N   
562 C CA  . SER A 79  ? 0.3667 0.4795 0.2968 0.0384  -0.0712 -0.0391 77  SER A CA  
563 C C   . SER A 79  ? 0.4570 0.6117 0.3972 0.0443  -0.0645 -0.0568 77  SER A C   
564 O O   . SER A 79  ? 0.4015 0.5740 0.3426 0.0350  -0.0566 -0.0613 77  SER A O   
565 C CB  . SER A 79  ? 0.5007 0.5903 0.4398 0.0527  -0.0777 -0.0240 77  SER A CB  
566 O OG  . SER A 79  ? 0.5097 0.6112 0.4557 0.0614  -0.0749 -0.0246 77  SER A OG  
567 N N   . HIS A 80  ? 0.4421 0.6123 0.3904 0.0594  -0.0676 -0.0669 78  HIS A N   
568 C CA  . HIS A 80  ? 0.4557 0.6696 0.4156 0.0657  -0.0620 -0.0857 78  HIS A CA  
569 C C   . HIS A 80  ? 0.4105 0.6479 0.3781 0.0662  -0.0566 -0.0894 78  HIS A C   
570 O O   . HIS A 80  ? 0.4573 0.6829 0.4252 0.0774  -0.0604 -0.0822 78  HIS A O   
571 C CB  . HIS A 80  ? 0.4930 0.7078 0.4587 0.0885  -0.0692 -0.0913 78  HIS A CB  
572 C CG  . HIS A 80  ? 0.5733 0.8328 0.5517 0.0989  -0.0653 -0.1117 78  HIS A CG  
573 N ND1 . HIS A 80  ? 0.5916 0.8758 0.5789 0.1106  -0.0633 -0.1198 78  HIS A ND1 
574 C CD2 . HIS A 80  ? 0.7205 1.0037 0.7041 0.1009  -0.0638 -0.1256 78  HIS A CD2 
575 C CE1 . HIS A 80  ? 0.5962 0.9197 0.5951 0.1194  -0.0605 -0.1384 78  HIS A CE1 
576 N NE2 . HIS A 80  ? 0.7305 1.0559 0.7289 0.1139  -0.0607 -0.1422 78  HIS A NE2 
577 N N   . ASN A 81  ? 0.4290 0.6981 0.4024 0.0526  -0.0473 -0.1001 79  ASN A N   
578 C CA  . ASN A 81  ? 0.2989 0.5948 0.2810 0.0513  -0.0420 -0.1055 79  ASN A CA  
579 C C   . ASN A 81  ? 0.3452 0.6163 0.3196 0.0523  -0.0446 -0.0919 79  ASN A C   
580 O O   . ASN A 81  ? 0.2809 0.5661 0.2610 0.0635  -0.0454 -0.0950 79  ASN A O   
581 C CB  . ASN A 81  ? 0.2765 0.6092 0.2737 0.0706  -0.0431 -0.1203 79  ASN A CB  
582 C CG  . ASN A 81  ? 0.4404 0.8157 0.4514 0.0656  -0.0369 -0.1377 79  ASN A CG  
583 O OD1 . ASN A 81  ? 0.5121 0.8898 0.5207 0.0448  -0.0304 -0.1381 79  ASN A OD1 
584 N ND2 . ASN A 81  ? 0.4507 0.8586 0.4745 0.0845  -0.0385 -0.1524 79  ASN A ND2 
585 N N   . PHE A 82  ? 0.3191 0.5539 0.2799 0.0408  -0.0457 -0.0775 80  PHE A N   
586 C CA  . PHE A 82  ? 0.2763 0.4892 0.2301 0.0413  -0.0476 -0.0646 80  PHE A CA  
587 C C   . PHE A 82  ? 0.2774 0.4714 0.2187 0.0191  -0.0419 -0.0582 80  PHE A C   
588 O O   . PHE A 82  ? 0.2528 0.4208 0.1843 0.0113  -0.0438 -0.0511 80  PHE A O   
589 C CB  . PHE A 82  ? 0.3353 0.5148 0.2863 0.0563  -0.0569 -0.0500 80  PHE A CB  
590 C CG  . PHE A 82  ? 0.2781 0.4377 0.2254 0.0598  -0.0581 -0.0364 80  PHE A CG  
591 C CD1 . PHE A 82  ? 0.2786 0.4477 0.2307 0.0738  -0.0587 -0.0385 80  PHE A CD1 
592 C CD2 . PHE A 82  ? 0.3295 0.4601 0.2676 0.0492  -0.0580 -0.0217 80  PHE A CD2 
593 C CE1 . PHE A 82  ? 0.3181 0.4692 0.2663 0.0762  -0.0587 -0.0266 80  PHE A CE1 
594 C CE2 . PHE A 82  ? 0.3113 0.4253 0.2471 0.0524  -0.0577 -0.0095 80  PHE A CE2 
595 C CZ  . PHE A 82  ? 0.3101 0.4345 0.2513 0.0657  -0.0576 -0.0119 80  PHE A CZ  
596 N N   . CYS A 83  ? 0.3532 0.5595 0.2945 0.0087  -0.0350 -0.0615 81  CYS A N   
602 N N   . THR A 84  ? 0.4597 0.5145 0.3946 -0.1215 0.0368  -0.1027 82  THR A N   
603 C CA  . THR A 84  ? 0.3967 0.4471 0.3124 -0.1129 0.0267  -0.0897 82  THR A CA  
604 C C   . THR A 84  ? 0.4966 0.5270 0.3881 -0.1134 0.0342  -0.0875 82  THR A C   
605 O O   . THR A 84  ? 0.4190 0.4401 0.2884 -0.1073 0.0281  -0.0772 82  THR A O   
606 C CB  . THR A 84  ? 0.4300 0.4715 0.3264 -0.1102 0.0209  -0.0818 82  THR A CB  
607 O OG1 . THR A 84  ? 0.4120 0.4562 0.2966 -0.1006 0.0081  -0.0691 82  THR A OG1 
608 C CG2 . THR A 84  ? 0.4755 0.4894 0.3436 -0.1167 0.0338  -0.0845 82  THR A CG2 
609 N N   . LYS A 85  ? 0.4864 0.5091 0.3808 -0.1210 0.0477  -0.0974 83  LYS A N   
610 C CA  . LYS A 85  ? 0.5556 0.5594 0.4289 -0.1222 0.0556  -0.0964 83  LYS A CA  
611 C C   . LYS A 85  ? 0.5748 0.5774 0.4618 -0.1312 0.0697  -0.1095 83  LYS A C   
612 O O   . LYS A 85  ? 0.5738 0.5706 0.4639 -0.1397 0.0802  -0.1186 83  LYS A O   
613 C CB  . LYS A 85  ? 0.5216 0.4968 0.3578 -0.1235 0.0612  -0.0908 83  LYS A CB  
614 C CG  . LYS A 85  ? 0.6341 0.5864 0.4466 -0.1258 0.0711  -0.0905 83  LYS A CG  
615 C CD  . LYS A 85  ? 0.7035 0.6561 0.5041 -0.1158 0.0602  -0.0790 83  LYS A CD  
616 C CE  . LYS A 85  ? 0.8616 0.7982 0.6489 -0.1180 0.0694  -0.0808 83  LYS A CE  
617 N NZ  . LYS A 85  ? 0.9062 0.8487 0.6889 -0.1078 0.0577  -0.0710 83  LYS A NZ  
618 N N   . CYS A 86  ? 0.4475 0.4584 0.3454 -0.1292 0.0689  -0.1108 84  CYS A N   
619 C CA  . CYS A 86  ? 0.4955 0.5079 0.4081 -0.1367 0.0807  -0.1228 84  CYS A CA  
620 C C   . CYS A 86  ? 0.5423 0.5280 0.4273 -0.1403 0.0919  -0.1224 84  CYS A C   
621 O O   . CYS A 86  ? 0.4702 0.4420 0.3296 -0.1346 0.0872  -0.1118 84  CYS A O   
622 C CB  . CYS A 86  ? 0.5808 0.6190 0.5218 -0.1315 0.0723  -0.1240 84  CYS A CB  
623 S SG  . CYS A 86  ? 0.5509 0.6205 0.5258 -0.1274 0.0596  -0.1250 84  CYS A SG  
624 N N   . LYS A 87  ? 0.5734 0.5512 0.4627 -0.1501 0.1069  -0.1340 85  LYS A N   
625 C CA  . LYS A 87  ? 0.5867 0.5415 0.4551 -0.1547 0.1189  -0.1358 85  LYS A CA  
626 C C   . LYS A 87  ? 0.6966 0.6556 0.5639 -0.1472 0.1115  -0.1295 85  LYS A C   
627 O O   . LYS A 87  ? 0.6653 0.6495 0.5565 -0.1406 0.0998  -0.1279 85  LYS A O   
628 C CB  . LYS A 87  ? 0.6218 0.5762 0.5053 -0.1657 0.1342  -0.1506 85  LYS A CB  
629 C CG  . LYS A 87  ? 0.9218 0.8636 0.7991 -0.1755 0.1467  -0.1584 85  LYS A CG  
630 C CD  . LYS A 87  ? 1.3339 1.2749 1.2253 -0.1866 0.1624  -0.1733 85  LYS A CD  
631 C CE  . LYS A 87  ? 1.3946 1.3293 1.2865 -0.1961 0.1734  -0.1821 85  LYS A CE  
632 N NZ  . LYS A 87  ? 1.5058 1.4432 1.4150 -0.2066 0.1879  -0.1972 85  LYS A NZ  
633 N N   . GLU A 88  ? 0.7455 0.6798 0.5853 -0.1483 0.1185  -0.1261 86  GLU A N   
634 C CA  . GLU A 88  ? 0.8566 0.7907 0.6910 -0.1415 0.1128  -0.1201 86  GLU A CA  
635 C C   . GLU A 88  ? 0.6744 0.6316 0.5409 -0.1420 0.1120  -0.1283 86  GLU A C   
636 O O   . GLU A 88  ? 0.6457 0.6063 0.5284 -0.1506 0.1227  -0.1404 86  GLU A O   
637 C CB  . GLU A 88  ? 1.1155 1.0183 0.9190 -0.1457 0.1246  -0.1191 86  GLU A CB  
638 C CG  . GLU A 88  ? 1.1989 1.0748 0.9674 -0.1466 0.1283  -0.1122 86  GLU A CG  
639 C CD  . GLU A 88  ? 1.5345 1.3786 1.2759 -0.1538 0.1438  -0.1146 86  GLU A CD  
640 O OE1 . GLU A 88  ? 1.4629 1.3053 1.2111 -0.1574 0.1509  -0.1208 86  GLU A OE1 
641 O OE2 . GLU A 88  ? 1.5942 1.4150 1.3071 -0.1561 0.1490  -0.1105 86  GLU A OE2 
642 N N   . GLY A 89  ? 0.6902 0.6646 0.5668 -0.1324 0.0987  -0.1219 87  GLY A N   
643 C CA  . GLY A 89  ? 0.7462 0.7416 0.6511 -0.1322 0.0975  -0.1289 87  GLY A CA  
644 C C   . GLY A 89  ? 0.6996 0.7253 0.6393 -0.1312 0.0905  -0.1341 87  GLY A C   
645 O O   . GLY A 89  ? 0.6711 0.7171 0.6355 -0.1295 0.0873  -0.1390 87  GLY A O   
646 N N   . LEU A 90  ? 0.6064 0.6355 0.5487 -0.1323 0.0882  -0.1335 88  LEU A N   
647 C CA  . LEU A 90  ? 0.5684 0.6262 0.5436 -0.1307 0.0806  -0.1377 88  LEU A CA  
648 C C   . LEU A 90  ? 0.5444 0.6143 0.5186 -0.1202 0.0637  -0.1252 88  LEU A C   
649 O O   . LEU A 90  ? 0.6610 0.7150 0.6084 -0.1164 0.0602  -0.1152 88  LEU A O   
650 C CB  . LEU A 90  ? 0.5311 0.5872 0.5133 -0.1389 0.0888  -0.1461 88  LEU A CB  
651 C CG  . LEU A 90  ? 0.6285 0.6728 0.6127 -0.1509 0.1068  -0.1598 88  LEU A CG  
652 C CD1 . LEU A 90  ? 0.6334 0.7000 0.6510 -0.1548 0.1082  -0.1712 88  LEU A CD1 
653 C CD2 . LEU A 90  ? 0.6821 0.7173 0.6605 -0.1531 0.1142  -0.1629 88  LEU A CD2 
654 N N   . TYR A 91  ? 0.5181 0.6160 0.5213 -0.1158 0.0533  -0.1260 89  TYR A N   
655 C CA  . TYR A 91  ? 0.3640 0.4765 0.3695 -0.1056 0.0365  -0.1144 89  TYR A CA  
656 C C   . TYR A 91  ? 0.3372 0.4598 0.3545 -0.1063 0.0319  -0.1147 89  TYR A C   
657 O O   . TYR A 91  ? 0.3244 0.4619 0.3672 -0.1103 0.0344  -0.1240 89  TYR A O   
658 C CB  . TYR A 91  ? 0.3977 0.5360 0.4278 -0.0992 0.0269  -0.1139 89  TYR A CB  
659 C CG  . TYR A 91  ? 0.4489 0.6038 0.4828 -0.0887 0.0094  -0.1020 89  TYR A CG  
660 C CD1 . TYR A 91  ? 0.5115 0.6862 0.5664 -0.0867 0.0009  -0.1014 89  TYR A CD1 
661 C CD2 . TYR A 91  ? 0.5352 0.6854 0.5514 -0.0811 0.0017  -0.0912 89  TYR A CD2 
662 C CE1 . TYR A 91  ? 0.4852 0.6739 0.5428 -0.0777 -0.0144 -0.0905 89  TYR A CE1 
663 C CE2 . TYR A 91  ? 0.5166 0.6819 0.5361 -0.0719 -0.0137 -0.0804 89  TYR A CE2 
664 C CZ  . TYR A 91  ? 0.5054 0.6898 0.5455 -0.0706 -0.0215 -0.0803 89  TYR A CZ  
665 O OH  . TYR A 91  ? 0.4130 0.6113 0.4555 -0.0621 -0.0362 -0.0697 89  TYR A OH  
666 N N   . LEU A 92  ? 0.3448 0.4610 0.3450 -0.1017 0.0241  -0.1043 90  LEU A N   
667 C CA  . LEU A 92  ? 0.3892 0.5132 0.3982 -0.1021 0.0193  -0.1038 90  LEU A CA  
668 C C   . LEU A 92  ? 0.3881 0.5399 0.4198 -0.0937 0.0030  -0.0979 90  LEU A C   
669 O O   . LEU A 92  ? 0.3595 0.5162 0.3841 -0.0855 -0.0081 -0.0873 90  LEU A O   
670 C CB  . LEU A 92  ? 0.3961 0.4982 0.3742 -0.1020 0.0200  -0.0963 90  LEU A CB  
671 C CG  . LEU A 92  ? 0.4716 0.5792 0.4531 -0.1010 0.0134  -0.0933 90  LEU A CG  
672 C CD1 . LEU A 92  ? 0.4108 0.5177 0.4048 -0.1100 0.0235  -0.1050 90  LEU A CD1 
673 C CD2 . LEU A 92  ? 0.3155 0.4023 0.2635 -0.0982 0.0113  -0.0832 90  LEU A CD2 
674 N N   . HIS A 93  ? 0.4000 0.5700 0.4594 -0.0959 0.0016  -0.1048 91  HIS A N   
675 C CA  . HIS A 93  ? 0.3402 0.5364 0.4220 -0.0884 -0.0135 -0.0994 91  HIS A CA  
676 C C   . HIS A 93  ? 0.2940 0.4993 0.3928 -0.0912 -0.0150 -0.1039 91  HIS A C   
677 O O   . HIS A 93  ? 0.3326 0.5429 0.4495 -0.0975 -0.0067 -0.1157 91  HIS A O   
678 C CB  . HIS A 93  ? 0.3072 0.5235 0.4136 -0.0860 -0.0160 -0.1039 91  HIS A CB  
679 C CG  . HIS A 93  ? 0.3380 0.5821 0.4699 -0.0791 -0.0304 -0.0998 91  HIS A CG  
680 N ND1 . HIS A 93  ? 0.2944 0.5420 0.4188 -0.0688 -0.0435 -0.0854 91  HIS A ND1 
681 C CD2 . HIS A 93  ? 0.3114 0.5583 0.4620 -0.0737 -0.0299 -0.0996 91  HIS A CD2 
682 C CE1 . HIS A 93  ? 0.3947 0.6412 0.5313 -0.0586 -0.0489 -0.0763 91  HIS A CE1 
683 N NE2 . HIS A 93  ? 0.3758 0.6227 0.5274 -0.0616 -0.0416 -0.0845 91  HIS A NE2 
684 N N   . LYS A 94  ? 0.3107 0.5185 0.4040 -0.0866 -0.0252 -0.0948 92  LYS A N   
685 C CA  . LYS A 94  ? 0.3542 0.5692 0.4612 -0.0888 -0.0273 -0.0979 92  LYS A CA  
686 C C   . LYS A 94  ? 0.3996 0.5990 0.5023 -0.0988 -0.0121 -0.1095 92  LYS A C   
687 O O   . LYS A 94  ? 0.2605 0.4708 0.3862 -0.1030 -0.0083 -0.1195 92  LYS A O   
688 C CB  . LYS A 94  ? 0.4044 0.6405 0.5415 -0.0829 -0.0346 -0.0978 92  LYS A CB  
689 C CG  . LYS A 94  ? 0.5036 0.7427 0.6389 -0.0695 -0.0475 -0.0816 92  LYS A CG  
690 C CD  . LYS A 94  ? 0.6143 0.8528 0.7662 -0.0607 -0.0501 -0.0756 92  LYS A CD  
691 C CE  . LYS A 94  ? 0.7275 0.9609 0.8764 -0.0494 -0.0613 -0.0584 92  LYS A CE  
692 N NZ  . LYS A 94  ? 0.6905 0.9202 0.8523 -0.0441 -0.0629 -0.0520 92  LYS A NZ  
693 N N   . GLY A 95  ? 0.4572 0.6312 0.5304 -0.1026 -0.0030 -0.1084 93  GLY A N   
694 C CA  . GLY A 95  ? 0.4353 0.5924 0.4989 -0.1112 0.0094  -0.1163 93  GLY A CA  
695 C C   . GLY A 95  ? 0.4818 0.6357 0.5547 -0.1193 0.0237  -0.1295 93  GLY A C   
696 O O   . GLY A 95  ? 0.4161 0.5601 0.4873 -0.1273 0.0346  -0.1384 93  GLY A O   
697 N N   . ARG A 96  ? 0.3837 0.5465 0.4667 -0.1174 0.0234  -0.1310 94  ARG A N   
698 C CA  . ARG A 96  ? 0.3659 0.5261 0.4568 -0.1243 0.0364  -0.1429 94  ARG A CA  
699 C C   . ARG A 96  ? 0.4346 0.5829 0.5079 -0.1231 0.0399  -0.1393 94  ARG A C   
700 O O   . ARG A 96  ? 0.3895 0.5370 0.4502 -0.1155 0.0303  -0.1279 94  ARG A O   
701 C CB  . ARG A 96  ? 0.4199 0.6063 0.5477 -0.1243 0.0336  -0.1517 94  ARG A CB  
702 C CG  . ARG A 96  ? 0.8338 1.0274 0.9769 -0.1276 0.0338  -0.1577 94  ARG A CG  
703 C CD  . ARG A 96  ? 0.8838 1.0887 1.0509 -0.1224 0.0352  -0.1628 94  ARG A CD  
704 N NE  . ARG A 96  ? 1.0295 1.2418 1.2064 -0.1143 0.0255  -0.1567 94  ARG A NE  
705 C CZ  . ARG A 96  ? 1.1389 1.3573 1.3313 -0.1071 0.0235  -0.1570 94  ARG A CZ  
706 N NH1 . ARG A 96  ? 1.2171 1.4366 1.4180 -0.1064 0.0302  -0.1640 94  ARG A NH1 
707 N NH2 . ARG A 96  ? 1.0984 1.3205 1.2965 -0.1006 0.0147  -0.1504 94  ARG A NH2 
708 N N   . CYS A 97  ? 0.3974 0.5353 0.4691 -0.1309 0.0541  -0.1494 95  CYS A N   
709 C CA  . CYS A 97  ? 0.4922 0.6135 0.5439 -0.1317 0.0607  -0.1477 95  CYS A CA  
710 C C   . CYS A 97  ? 0.5400 0.6767 0.6153 -0.1328 0.0634  -0.1562 95  CYS A C   
711 O O   . CYS A 97  ? 0.6541 0.8018 0.7522 -0.1383 0.0693  -0.1678 95  CYS A O   
712 C CB  . CYS A 97  ? 0.4400 0.5324 0.4663 -0.1409 0.0766  -0.1523 95  CYS A CB  
713 S SG  . CYS A 97  ? 0.5152 0.5882 0.5124 -0.1403 0.0748  -0.1434 95  CYS A SG  
714 N N   . TYR A 98  ? 0.4551 0.5931 0.5253 -0.1274 0.0589  -0.1506 96  TYR A N   
726 N N   . PRO A 99  ? 0.4066 0.9217 0.6242 -0.1554 0.1249  0.0984  97  PRO A N   
727 C CA  . PRO A 99  ? 0.4505 0.9622 0.6657 -0.1533 0.1379  0.1083  97  PRO A CA  
728 C C   . PRO A 99  ? 0.5756 1.0811 0.7880 -0.1559 0.1423  0.1050  97  PRO A C   
729 O O   . PRO A 99  ? 0.7150 1.2016 0.9276 -0.1643 0.1347  0.0953  97  PRO A O   
730 C CB  . PRO A 99  ? 0.4923 0.9785 0.7060 -0.1628 0.1366  0.1102  97  PRO A CB  
731 C CG  . PRO A 99  ? 0.4052 0.8775 0.6204 -0.1687 0.1246  0.0970  97  PRO A CG  
732 C CD  . PRO A 99  ? 0.3296 0.8186 0.5460 -0.1652 0.1172  0.0900  97  PRO A CD  
733 N N   . ALA A 100 ? 0.8007 1.3221 1.0092 -0.1484 0.1533  0.1124  98  ALA A N   
734 C CA  . ALA A 100 ? 0.9422 1.4737 1.1451 -0.1413 0.1648  0.1276  98  ALA A CA  
735 C C   . ALA A 100 ? 0.9702 1.5414 1.1742 -0.1215 0.1687  0.1334  98  ALA A C   
736 O O   . ALA A 100 ? 0.9324 1.5199 1.1410 -0.1175 0.1620  0.1249  98  ALA A O   
737 C CB  . ALA A 100 ? 0.5466 1.0756 0.7403 -0.1415 0.1744  0.1313  98  ALA A CB  
738 N N   . CYS A 101 ? 0.9788 1.5668 1.1777 -0.1084 0.1779  0.1494  99  CYS A N   
739 C CA  . CYS A 101 ? 1.0248 1.5896 1.2119 -0.1094 0.1824  0.1674  99  CYS A CA  
740 C C   . CYS A 101 ? 1.1636 1.6942 1.3189 -0.0772 0.1798  0.1659  99  CYS A C   
741 O O   . CYS A 101 ? 1.1580 1.6312 1.2892 -0.0741 0.1729  0.1629  99  CYS A O   
742 C CB  . CYS A 101 ? 0.9080 1.4302 1.0943 -0.1365 0.1763  0.1706  99  CYS A CB  
743 S SG  . CYS A 101 ? 1.1686 1.6159 1.3276 -0.1397 0.1686  0.1657  99  CYS A SG  
744 N N   . PRO A 102 ? 1.1791 1.7448 1.3324 -0.0510 0.1839  0.1676  100 PRO A N   
745 C CA  . PRO A 102 ? 1.2559 1.7921 1.3763 -0.0150 0.1797  0.1651  100 PRO A CA  
746 C C   . PRO A 102 ? 1.3449 1.8077 1.4369 -0.0115 0.1663  0.1747  100 PRO A C   
747 O O   . PRO A 102 ? 1.3731 1.7761 1.4472 -0.0216 0.1569  0.1736  100 PRO A O   
748 C CB  . PRO A 102 ? 1.2047 1.8031 1.3351 0.0072  0.1869  0.1674  100 PRO A CB  
749 C CG  . PRO A 102 ? 1.1016 1.7652 1.2693 -0.0173 0.1948  0.1670  100 PRO A CG  
750 C CD  . PRO A 102 ? 1.0946 1.7301 1.2742 -0.0514 0.1910  0.1704  100 PRO A CD  
751 N N   . MET A 112 ? 1.6731 1.9593 1.6164 0.1182  0.1183  0.1695  110 MET A N   
752 C CA  . MET A 112 ? 1.7779 1.9703 1.6822 0.1180  0.0968  0.1677  110 MET A CA  
753 C C   . MET A 112 ? 1.8257 2.0088 1.7510 0.0766  0.1008  0.1685  110 MET A C   
754 O O   . MET A 112 ? 1.8251 2.0266 1.7549 0.0804  0.1089  0.1540  110 MET A O   
755 C CB  . MET A 112 ? 1.8101 1.9281 1.6845 0.1155  0.0731  0.1844  110 MET A CB  
756 N N   . GLU A 113 ? 1.8585 2.0176 1.7966 0.0377  0.0949  0.1861  111 GLU A N   
757 C CA  . GLU A 113 ? 1.8474 1.9981 1.8045 -0.0013 0.0975  0.1879  111 GLU A CA  
758 C C   . GLU A 113 ? 1.8057 2.0227 1.8112 -0.0373 0.1138  0.1978  111 GLU A C   
759 O O   . GLU A 113 ? 1.7569 2.0312 1.7830 -0.0314 0.1246  0.2015  111 GLU A O   
760 C CB  . GLU A 113 ? 1.8937 1.9496 1.8173 -0.0162 0.0719  0.1992  111 GLU A CB  
761 N N   . CYS A 114 ? 1.8350 2.0431 1.8560 -0.0724 0.1139  0.2013  112 CYS A N   
762 C CA  . CYS A 114 ? 1.8388 2.1094 1.9023 -0.1026 0.1280  0.2059  112 CYS A CA  
763 C C   . CYS A 114 ? 1.9595 2.2077 2.0286 -0.1381 0.1191  0.2253  112 CYS A C   
764 O O   . CYS A 114 ? 1.9523 2.2171 2.0422 -0.1644 0.1240  0.2234  112 CYS A O   
765 C CB  . CYS A 114 ? 1.7641 2.0689 1.8481 -0.1098 0.1403  0.1881  112 CYS A CB  
766 S SG  . CYS A 114 ? 1.6879 2.0679 1.8191 -0.1401 0.1543  0.1871  112 CYS A SG  
767 N N   . SER A 115 ? 2.0743 2.2886 2.1250 -0.1394 0.1051  0.2449  113 SER A N   
# 
